data_2DF6
# 
_entry.id   2DF6 
# 
_audit_conform.dict_name       mmcif_pdbx.dic 
_audit_conform.dict_version    5.380 
_audit_conform.dict_location   http://mmcif.pdb.org/dictionaries/ascii/mmcif_pdbx.dic 
# 
loop_
_database_2.database_id 
_database_2.database_code 
_database_2.pdbx_database_accession 
_database_2.pdbx_DOI 
PDB   2DF6         pdb_00002df6 10.2210/pdb2df6/pdb 
RCSB  RCSB025345   ?            ?                   
WWPDB D_1000025345 ?            ?                   
# 
_pdbx_database_status.status_code                     REL 
_pdbx_database_status.entry_id                        2DF6 
_pdbx_database_status.recvd_initial_deposition_date   2006-02-25 
_pdbx_database_status.deposit_site                    PDBJ 
_pdbx_database_status.process_site                    PDBJ 
_pdbx_database_status.status_code_sf                  REL 
_pdbx_database_status.status_code_mr                  ? 
_pdbx_database_status.SG_entry                        ? 
_pdbx_database_status.pdb_format_compatible           Y 
_pdbx_database_status.status_code_cs                  ? 
_pdbx_database_status.status_code_nmr_data            ? 
_pdbx_database_status.methods_development_category    ? 
# 
_audit_author.name           'Hoelz, A.' 
_audit_author.pdbx_ordinal   1 
# 
_citation.id                        primary 
_citation.title                     
'Crystal Structure of the SH3 Domain of betaPIX in Complex with a High Affinity Peptide from PAK2' 
_citation.journal_abbrev            J.Mol.Biol. 
_citation.journal_volume            358 
_citation.page_first                509 
_citation.page_last                 522 
_citation.year                      2006 
_citation.journal_id_ASTM           JMOBAK 
_citation.country                   UK 
_citation.journal_id_ISSN           0022-2836 
_citation.journal_id_CSD            0070 
_citation.book_publisher            ? 
_citation.pdbx_database_id_PubMed   16527308 
_citation.pdbx_database_id_DOI      10.1016/j.jmb.2006.02.027 
# 
loop_
_citation_author.citation_id 
_citation_author.name 
_citation_author.ordinal 
_citation_author.identifier_ORCID 
primary 'Hoelz, A.'    1 ? 
primary 'Janz, J.M.'   2 ? 
primary 'Lawrie, S.D.' 3 ? 
primary 'Corwin, B.'   4 ? 
primary 'Lee, A.'      5 ? 
primary 'Sakmar, T.P.' 6 ? 
# 
_cell.entry_id           2DF6 
_cell.length_a           50.217 
_cell.length_b           50.217 
_cell.length_c           100.317 
_cell.angle_alpha        90.00 
_cell.angle_beta         90.00 
_cell.angle_gamma        120.00 
_cell.Z_PDB              12 
_cell.pdbx_unique_axis   ? 
_cell.length_a_esd       ? 
_cell.length_b_esd       ? 
_cell.length_c_esd       ? 
_cell.angle_alpha_esd    ? 
_cell.angle_beta_esd     ? 
_cell.angle_gamma_esd    ? 
# 
_symmetry.entry_id                         2DF6 
_symmetry.space_group_name_H-M             'P 61' 
_symmetry.pdbx_full_space_group_name_H-M   ? 
_symmetry.cell_setting                     ? 
_symmetry.Int_Tables_number                169 
_symmetry.space_group_name_Hall            ? 
# 
loop_
_entity.id 
_entity.type 
_entity.src_method 
_entity.pdbx_description 
_entity.formula_weight 
_entity.pdbx_number_of_molecules 
_entity.pdbx_ec 
_entity.pdbx_mutation 
_entity.pdbx_fragment 
_entity.details 
1 polymer man 'Rho guanine nucleotide exchange factor 7' 6731.333 2   ?        ? 'SH3 domain(residues 10-63)' ? 
2 polymer syn '18-mer from PAK2'                         2053.364 2   2.7.1.37 ? 'residues 180-197'           ? 
3 water   nat water                                      18.015   141 ?        ? ?                            ? 
# 
_entity_name_com.entity_id   1 
_entity_name_com.name        'PAK-interacting exchange factor beta, Beta-Pix' 
# 
loop_
_entity_poly.entity_id 
_entity_poly.type 
_entity_poly.nstd_linkage 
_entity_poly.nstd_monomer 
_entity_poly.pdbx_seq_one_letter_code 
_entity_poly.pdbx_seq_one_letter_code_can 
_entity_poly.pdbx_strand_id 
_entity_poly.pdbx_target_identifier 
1 'polypeptide(L)' no no GPLGSVVRAKFNFQQTNEDELSFSKGDVIHVTRVEEGGWWEGTHNGRTGWFPSNYVREI 
GPLGSVVRAKFNFQQTNEDELSFSKGDVIHVTRVEEGGWWEGTHNGRTGWFPSNYVREI A,B ? 
2 'polypeptide(L)' no no PPVIAPRPEHTKSIYTRS                                          PPVIAPRPEHTKSIYTRS C,D ? 
# 
loop_
_entity_poly_seq.entity_id 
_entity_poly_seq.num 
_entity_poly_seq.mon_id 
_entity_poly_seq.hetero 
1 1  GLY n 
1 2  PRO n 
1 3  LEU n 
1 4  GLY n 
1 5  SER n 
1 6  VAL n 
1 7  VAL n 
1 8  ARG n 
1 9  ALA n 
1 10 LYS n 
1 11 PHE n 
1 12 ASN n 
1 13 PHE n 
1 14 GLN n 
1 15 GLN n 
1 16 THR n 
1 17 ASN n 
1 18 GLU n 
1 19 ASP n 
1 20 GLU n 
1 21 LEU n 
1 22 SER n 
1 23 PHE n 
1 24 SER n 
1 25 LYS n 
1 26 GLY n 
1 27 ASP n 
1 28 VAL n 
1 29 ILE n 
1 30 HIS n 
1 31 VAL n 
1 32 THR n 
1 33 ARG n 
1 34 VAL n 
1 35 GLU n 
1 36 GLU n 
1 37 GLY n 
1 38 GLY n 
1 39 TRP n 
1 40 TRP n 
1 41 GLU n 
1 42 GLY n 
1 43 THR n 
1 44 HIS n 
1 45 ASN n 
1 46 GLY n 
1 47 ARG n 
1 48 THR n 
1 49 GLY n 
1 50 TRP n 
1 51 PHE n 
1 52 PRO n 
1 53 SER n 
1 54 ASN n 
1 55 TYR n 
1 56 VAL n 
1 57 ARG n 
1 58 GLU n 
1 59 ILE n 
2 1  PRO n 
2 2  PRO n 
2 3  VAL n 
2 4  ILE n 
2 5  ALA n 
2 6  PRO n 
2 7  ARG n 
2 8  PRO n 
2 9  GLU n 
2 10 HIS n 
2 11 THR n 
2 12 LYS n 
2 13 SER n 
2 14 ILE n 
2 15 TYR n 
2 16 THR n 
2 17 ARG n 
2 18 SER n 
# 
_entity_src_gen.entity_id                          1 
_entity_src_gen.pdbx_src_id                        1 
_entity_src_gen.pdbx_alt_source_flag               sample 
_entity_src_gen.pdbx_seq_type                      ? 
_entity_src_gen.pdbx_beg_seq_num                   ? 
_entity_src_gen.pdbx_end_seq_num                   ? 
_entity_src_gen.gene_src_common_name               'Norway rat' 
_entity_src_gen.gene_src_genus                     Rattus 
_entity_src_gen.pdbx_gene_src_gene                 'Arhgef7, Pak3bp, Pixb' 
_entity_src_gen.gene_src_species                   ? 
_entity_src_gen.gene_src_strain                    ? 
_entity_src_gen.gene_src_tissue                    ? 
_entity_src_gen.gene_src_tissue_fraction           ? 
_entity_src_gen.gene_src_details                   ? 
_entity_src_gen.pdbx_gene_src_fragment             ? 
_entity_src_gen.pdbx_gene_src_scientific_name      'Rattus norvegicus' 
_entity_src_gen.pdbx_gene_src_ncbi_taxonomy_id     10116 
_entity_src_gen.pdbx_gene_src_variant              ? 
_entity_src_gen.pdbx_gene_src_cell_line            ? 
_entity_src_gen.pdbx_gene_src_atcc                 ? 
_entity_src_gen.pdbx_gene_src_organ                ? 
_entity_src_gen.pdbx_gene_src_organelle            ? 
_entity_src_gen.pdbx_gene_src_cell                 ? 
_entity_src_gen.pdbx_gene_src_cellular_location    ? 
_entity_src_gen.host_org_common_name               ? 
_entity_src_gen.pdbx_host_org_scientific_name      'Escherichia coli BL21(DE3)' 
_entity_src_gen.pdbx_host_org_ncbi_taxonomy_id     469008 
_entity_src_gen.host_org_genus                     Escherichia 
_entity_src_gen.pdbx_host_org_gene                 ? 
_entity_src_gen.pdbx_host_org_organ                ? 
_entity_src_gen.host_org_species                   'Escherichia coli' 
_entity_src_gen.pdbx_host_org_tissue               ? 
_entity_src_gen.pdbx_host_org_tissue_fraction      ? 
_entity_src_gen.pdbx_host_org_strain               'BL21(DE3)' 
_entity_src_gen.pdbx_host_org_variant              ? 
_entity_src_gen.pdbx_host_org_cell_line            ? 
_entity_src_gen.pdbx_host_org_atcc                 ? 
_entity_src_gen.pdbx_host_org_culture_collection   ? 
_entity_src_gen.pdbx_host_org_cell                 ? 
_entity_src_gen.pdbx_host_org_organelle            ? 
_entity_src_gen.pdbx_host_org_cellular_location    ? 
_entity_src_gen.pdbx_host_org_vector_type          plasmid 
_entity_src_gen.pdbx_host_org_vector               ? 
_entity_src_gen.host_org_details                   ? 
_entity_src_gen.expression_system_id               ? 
_entity_src_gen.plasmid_name                       pGEX-6P1 
_entity_src_gen.plasmid_details                    ? 
_entity_src_gen.pdbx_description                   ? 
# 
_pdbx_entity_src_syn.entity_id              2 
_pdbx_entity_src_syn.pdbx_src_id            1 
_pdbx_entity_src_syn.pdbx_alt_source_flag   sample 
_pdbx_entity_src_syn.pdbx_beg_seq_num       ? 
_pdbx_entity_src_syn.pdbx_end_seq_num       ? 
_pdbx_entity_src_syn.organism_scientific    ? 
_pdbx_entity_src_syn.organism_common_name   ? 
_pdbx_entity_src_syn.ncbi_taxonomy_id       ? 
_pdbx_entity_src_syn.details                
'The peptide was chemically synthesized. The sequence of the peptide is naturally found in human, rat.' 
# 
loop_
_struct_ref.id 
_struct_ref.db_name 
_struct_ref.db_code 
_struct_ref.pdbx_db_accession 
_struct_ref.entity_id 
_struct_ref.pdbx_seq_one_letter_code 
_struct_ref.pdbx_align_begin 
_struct_ref.pdbx_db_isoform 
1 UNP ARHG7_RAT O55043  1 VVRAKFNFQQTNEDELSFSKGDVIHVTRVEEGGWWEGTHNGRTGWFPSNYVREI 10  ? 
2 GB  AAD40374  5138914 2 PPVIAPRPEHTKSIYTRS                                     186 ? 
# 
loop_
_struct_ref_seq.align_id 
_struct_ref_seq.ref_id 
_struct_ref_seq.pdbx_PDB_id_code 
_struct_ref_seq.pdbx_strand_id 
_struct_ref_seq.seq_align_beg 
_struct_ref_seq.pdbx_seq_align_beg_ins_code 
_struct_ref_seq.seq_align_end 
_struct_ref_seq.pdbx_seq_align_end_ins_code 
_struct_ref_seq.pdbx_db_accession 
_struct_ref_seq.db_align_beg 
_struct_ref_seq.pdbx_db_align_beg_ins_code 
_struct_ref_seq.db_align_end 
_struct_ref_seq.pdbx_db_align_end_ins_code 
_struct_ref_seq.pdbx_auth_seq_align_beg 
_struct_ref_seq.pdbx_auth_seq_align_end 
1 1 2DF6 A 6 ? 59 ? O55043  10  ? 63  ? 10  63  
2 1 2DF6 B 6 ? 59 ? O55043  10  ? 63  ? 10  63  
3 2 2DF6 C 1 ? 18 ? 5138914 186 ? 203 ? 180 197 
4 2 2DF6 D 1 ? 18 ? 5138914 186 ? 203 ? 180 197 
# 
loop_
_struct_ref_seq_dif.align_id 
_struct_ref_seq_dif.pdbx_pdb_id_code 
_struct_ref_seq_dif.mon_id 
_struct_ref_seq_dif.pdbx_pdb_strand_id 
_struct_ref_seq_dif.seq_num 
_struct_ref_seq_dif.pdbx_pdb_ins_code 
_struct_ref_seq_dif.pdbx_seq_db_name 
_struct_ref_seq_dif.pdbx_seq_db_accession_code 
_struct_ref_seq_dif.db_mon_id 
_struct_ref_seq_dif.pdbx_seq_db_seq_num 
_struct_ref_seq_dif.details 
_struct_ref_seq_dif.pdbx_auth_seq_num 
_struct_ref_seq_dif.pdbx_ordinal 
1 2DF6 GLY A 1 ? UNP O55043 ? ? 'cloning artifact' 5 1  
1 2DF6 PRO A 2 ? UNP O55043 ? ? 'cloning artifact' 6 2  
1 2DF6 LEU A 3 ? UNP O55043 ? ? 'cloning artifact' 7 3  
1 2DF6 GLY A 4 ? UNP O55043 ? ? 'cloning artifact' 8 4  
1 2DF6 SER A 5 ? UNP O55043 ? ? 'cloning artifact' 9 5  
2 2DF6 GLY B 1 ? UNP O55043 ? ? 'cloning artifact' 5 6  
2 2DF6 PRO B 2 ? UNP O55043 ? ? 'cloning artifact' 6 7  
2 2DF6 LEU B 3 ? UNP O55043 ? ? 'cloning artifact' 7 8  
2 2DF6 GLY B 4 ? UNP O55043 ? ? 'cloning artifact' 8 9  
2 2DF6 SER B 5 ? UNP O55043 ? ? 'cloning artifact' 9 10 
# 
loop_
_chem_comp.id 
_chem_comp.type 
_chem_comp.mon_nstd_flag 
_chem_comp.name 
_chem_comp.pdbx_synonyms 
_chem_comp.formula 
_chem_comp.formula_weight 
ALA 'L-peptide linking' y ALANINE         ? 'C3 H7 N O2'     89.093  
ARG 'L-peptide linking' y ARGININE        ? 'C6 H15 N4 O2 1' 175.209 
ASN 'L-peptide linking' y ASPARAGINE      ? 'C4 H8 N2 O3'    132.118 
ASP 'L-peptide linking' y 'ASPARTIC ACID' ? 'C4 H7 N O4'     133.103 
GLN 'L-peptide linking' y GLUTAMINE       ? 'C5 H10 N2 O3'   146.144 
GLU 'L-peptide linking' y 'GLUTAMIC ACID' ? 'C5 H9 N O4'     147.129 
GLY 'peptide linking'   y GLYCINE         ? 'C2 H5 N O2'     75.067  
HIS 'L-peptide linking' y HISTIDINE       ? 'C6 H10 N3 O2 1' 156.162 
HOH non-polymer         . WATER           ? 'H2 O'           18.015  
ILE 'L-peptide linking' y ISOLEUCINE      ? 'C6 H13 N O2'    131.173 
LEU 'L-peptide linking' y LEUCINE         ? 'C6 H13 N O2'    131.173 
LYS 'L-peptide linking' y LYSINE          ? 'C6 H15 N2 O2 1' 147.195 
PHE 'L-peptide linking' y PHENYLALANINE   ? 'C9 H11 N O2'    165.189 
PRO 'L-peptide linking' y PROLINE         ? 'C5 H9 N O2'     115.130 
SER 'L-peptide linking' y SERINE          ? 'C3 H7 N O3'     105.093 
THR 'L-peptide linking' y THREONINE       ? 'C4 H9 N O3'     119.119 
TRP 'L-peptide linking' y TRYPTOPHAN      ? 'C11 H12 N2 O2'  204.225 
TYR 'L-peptide linking' y TYROSINE        ? 'C9 H11 N O3'    181.189 
VAL 'L-peptide linking' y VALINE          ? 'C5 H11 N O2'    117.146 
# 
_exptl.entry_id          2DF6 
_exptl.method            'X-RAY DIFFRACTION' 
_exptl.crystals_number   1 
# 
_exptl_crystal.id                    1 
_exptl_crystal.density_meas          ? 
_exptl_crystal.density_Matthews      2.08 
_exptl_crystal.density_percent_sol   40.77 
_exptl_crystal.description           ? 
_exptl_crystal.F_000                 ? 
_exptl_crystal.preparation           ? 
# 
_exptl_crystal_grow.crystal_id      1 
_exptl_crystal_grow.method          'VAPOR DIFFUSION, HANGING DROP' 
_exptl_crystal_grow.temp            277 
_exptl_crystal_grow.temp_details    ? 
_exptl_crystal_grow.pH              6.7 
_exptl_crystal_grow.pdbx_details    
'100mM MES, 35% PEG 5000MME, 200mM ammonium sulfate, pH 6.7, VAPOR DIFFUSION, HANGING DROP, temperature 277K' 
_exptl_crystal_grow.pdbx_pH_range   . 
# 
_diffrn.id                     1 
_diffrn.ambient_temp           100 
_diffrn.ambient_temp_details   ? 
_diffrn.crystal_id             1 
# 
_diffrn_detector.diffrn_id              1 
_diffrn_detector.detector               CCD 
_diffrn_detector.type                   MARRESEARCH 
_diffrn_detector.pdbx_collection_date   2001-09-07 
_diffrn_detector.details                ? 
# 
_diffrn_radiation.diffrn_id                        1 
_diffrn_radiation.wavelength_id                    1 
_diffrn_radiation.pdbx_monochromatic_or_laue_m_l   M 
_diffrn_radiation.monochromator                    ? 
_diffrn_radiation.pdbx_diffrn_protocol             'SINGLE WAVELENGTH' 
_diffrn_radiation.pdbx_scattering_type             x-ray 
# 
_diffrn_radiation_wavelength.id           1 
_diffrn_radiation_wavelength.wavelength   0.979191 
_diffrn_radiation_wavelength.wt           1.0 
# 
_diffrn_source.diffrn_id                   1 
_diffrn_source.source                      SYNCHROTRON 
_diffrn_source.type                        'NSLS BEAMLINE X9A' 
_diffrn_source.pdbx_synchrotron_site       NSLS 
_diffrn_source.pdbx_synchrotron_beamline   X9A 
_diffrn_source.pdbx_wavelength             ? 
_diffrn_source.pdbx_wavelength_list        0.979191 
# 
_reflns.entry_id                     2DF6 
_reflns.observed_criterion_sigma_I   0 
_reflns.observed_criterion_sigma_F   0 
_reflns.d_resolution_low             30 
_reflns.d_resolution_high            1.3 
_reflns.number_obs                   35167 
_reflns.number_all                   35167 
_reflns.percent_possible_obs         99.7 
_reflns.pdbx_Rmerge_I_obs            ? 
_reflns.pdbx_Rsym_value              ? 
_reflns.pdbx_netI_over_sigmaI        ? 
_reflns.B_iso_Wilson_estimate        ? 
_reflns.pdbx_redundancy              ? 
_reflns.R_free_details               ? 
_reflns.limit_h_max                  ? 
_reflns.limit_h_min                  ? 
_reflns.limit_k_max                  ? 
_reflns.limit_k_min                  ? 
_reflns.limit_l_max                  ? 
_reflns.limit_l_min                  ? 
_reflns.observed_criterion_F_max     ? 
_reflns.observed_criterion_F_min     ? 
_reflns.pdbx_chi_squared             ? 
_reflns.pdbx_scaling_rejects         ? 
_reflns.pdbx_diffrn_id               1 
_reflns.pdbx_ordinal                 1 
# 
_reflns_shell.d_res_high             1.3 
_reflns_shell.d_res_low              1.32 
_reflns_shell.percent_possible_all   99.7 
_reflns_shell.Rmerge_I_obs           ? 
_reflns_shell.pdbx_Rsym_value        ? 
_reflns_shell.meanI_over_sigI_obs    ? 
_reflns_shell.pdbx_redundancy        ? 
_reflns_shell.percent_possible_obs   ? 
_reflns_shell.number_unique_all      ? 
_reflns_shell.number_measured_all    ? 
_reflns_shell.number_measured_obs    ? 
_reflns_shell.number_unique_obs      ? 
_reflns_shell.pdbx_chi_squared       ? 
_reflns_shell.pdbx_diffrn_id         ? 
_reflns_shell.pdbx_ordinal           1 
# 
_refine.entry_id                                 2DF6 
_refine.ls_number_reflns_obs                     35167 
_refine.ls_number_reflns_all                     35167 
_refine.pdbx_ls_sigma_I                          ? 
_refine.pdbx_ls_sigma_F                          0 
_refine.pdbx_data_cutoff_high_absF               ? 
_refine.pdbx_data_cutoff_low_absF                ? 
_refine.pdbx_data_cutoff_high_rms_absF           ? 
_refine.ls_d_res_low                             30.0 
_refine.ls_d_res_high                            1.3 
_refine.ls_percent_reflns_obs                    ? 
_refine.ls_R_factor_obs                          0.204 
_refine.ls_R_factor_all                          0.204 
_refine.ls_R_factor_R_work                       0.201 
_refine.ls_R_factor_R_free                       0.215 
_refine.ls_R_factor_R_free_error                 ? 
_refine.ls_R_factor_R_free_error_details         ? 
_refine.ls_percent_reflns_R_free                 ? 
_refine.ls_number_reflns_R_free                  3343 
_refine.ls_number_parameters                     ? 
_refine.ls_number_restraints                     ? 
_refine.occupancy_min                            ? 
_refine.occupancy_max                            ? 
_refine.correlation_coeff_Fo_to_Fc               ? 
_refine.correlation_coeff_Fo_to_Fc_free          ? 
_refine.B_iso_mean                               ? 
_refine.aniso_B[1][1]                            ? 
_refine.aniso_B[2][2]                            ? 
_refine.aniso_B[3][3]                            ? 
_refine.aniso_B[1][2]                            ? 
_refine.aniso_B[1][3]                            ? 
_refine.aniso_B[2][3]                            ? 
_refine.solvent_model_details                    ? 
_refine.solvent_model_param_ksol                 ? 
_refine.solvent_model_param_bsol                 ? 
_refine.pdbx_solvent_vdw_probe_radii             ? 
_refine.pdbx_solvent_ion_probe_radii             ? 
_refine.pdbx_solvent_shrinkage_radii             ? 
_refine.pdbx_ls_cross_valid_method               ? 
_refine.details                                  ? 
_refine.pdbx_starting_model                      2G6F 
_refine.pdbx_method_to_determine_struct          'MOLECULAR REPLACEMENT' 
_refine.pdbx_isotropic_thermal_model             ? 
_refine.pdbx_stereochemistry_target_values       'Engh & Huber' 
_refine.pdbx_stereochem_target_val_spec_case     ? 
_refine.pdbx_R_Free_selection_details            ? 
_refine.pdbx_overall_ESU_R                       ? 
_refine.pdbx_overall_ESU_R_Free                  ? 
_refine.overall_SU_ML                            ? 
_refine.overall_SU_B                             ? 
_refine.ls_redundancy_reflns_obs                 ? 
_refine.B_iso_min                                ? 
_refine.B_iso_max                                ? 
_refine.overall_SU_R_Cruickshank_DPI             ? 
_refine.overall_SU_R_free                        ? 
_refine.ls_wR_factor_R_free                      ? 
_refine.ls_wR_factor_R_work                      ? 
_refine.overall_FOM_free_R_set                   ? 
_refine.overall_FOM_work_R_set                   ? 
_refine.pdbx_refine_id                           'X-RAY DIFFRACTION' 
_refine.pdbx_diffrn_id                           1 
_refine.pdbx_TLS_residual_ADP_flag               ? 
_refine.pdbx_overall_phase_error                 ? 
_refine.pdbx_overall_SU_R_free_Cruickshank_DPI   ? 
_refine.pdbx_overall_SU_R_Blow_DPI               ? 
_refine.pdbx_overall_SU_R_free_Blow_DPI          ? 
# 
_refine_hist.pdbx_refine_id                   'X-RAY DIFFRACTION' 
_refine_hist.cycle_id                         LAST 
_refine_hist.pdbx_number_atoms_protein        1195 
_refine_hist.pdbx_number_atoms_nucleic_acid   0 
_refine_hist.pdbx_number_atoms_ligand         0 
_refine_hist.number_atoms_solvent             141 
_refine_hist.number_atoms_total               1336 
_refine_hist.d_res_high                       1.3 
_refine_hist.d_res_low                        30.0 
# 
_struct.entry_id                  2DF6 
_struct.title                     
'Crystal Structure of the SH3 Domain of betaPIX in Complex with a High Affinity Peptide from PAK2' 
_struct.pdbx_model_details        ? 
_struct.pdbx_CASP_flag            ? 
_struct.pdbx_model_type_details   ? 
# 
_struct_keywords.entry_id        2DF6 
_struct_keywords.pdbx_keywords   'SIGNALING PROTEIN' 
_struct_keywords.text            'SH3 domain, Peptide interaction, SIGNALING PROTEIN' 
# 
loop_
_struct_asym.id 
_struct_asym.pdbx_blank_PDB_chainid_flag 
_struct_asym.pdbx_modified 
_struct_asym.entity_id 
_struct_asym.details 
A N N 1 ? 
B N N 1 ? 
C N N 2 ? 
D N N 2 ? 
E N N 3 ? 
F N N 3 ? 
G N N 3 ? 
H N N 3 ? 
# 
loop_
_struct_biol.id 
_struct_biol.details 
_struct_biol.pdbx_parent_biol_id 
1 ? ? 
2 ? ? 
# 
loop_
_struct_conf.conf_type_id 
_struct_conf.id 
_struct_conf.pdbx_PDB_helix_id 
_struct_conf.beg_label_comp_id 
_struct_conf.beg_label_asym_id 
_struct_conf.beg_label_seq_id 
_struct_conf.pdbx_beg_PDB_ins_code 
_struct_conf.end_label_comp_id 
_struct_conf.end_label_asym_id 
_struct_conf.end_label_seq_id 
_struct_conf.pdbx_end_PDB_ins_code 
_struct_conf.beg_auth_comp_id 
_struct_conf.beg_auth_asym_id 
_struct_conf.beg_auth_seq_id 
_struct_conf.end_auth_comp_id 
_struct_conf.end_auth_asym_id 
_struct_conf.end_auth_seq_id 
_struct_conf.pdbx_PDB_helix_class 
_struct_conf.details 
_struct_conf.pdbx_PDB_helix_length 
HELX_P HELX_P1 1 PRO C 8 ? LYS C 12 ? PRO C 187 LYS C 191 5 ? 5 
HELX_P HELX_P2 2 PRO D 8 ? LYS D 12 ? PRO D 187 LYS D 191 5 ? 5 
# 
_struct_conf_type.id          HELX_P 
_struct_conf_type.criteria    ? 
_struct_conf_type.reference   ? 
# 
loop_
_struct_sheet.id 
_struct_sheet.type 
_struct_sheet.number_strands 
_struct_sheet.details 
A ? 5 ? 
B ? 5 ? 
# 
loop_
_struct_sheet_order.sheet_id 
_struct_sheet_order.range_id_1 
_struct_sheet_order.range_id_2 
_struct_sheet_order.offset 
_struct_sheet_order.sense 
A 1 2 ? anti-parallel 
A 2 3 ? anti-parallel 
A 3 4 ? anti-parallel 
A 4 5 ? anti-parallel 
B 1 2 ? anti-parallel 
B 2 3 ? anti-parallel 
B 3 4 ? anti-parallel 
B 4 5 ? anti-parallel 
# 
loop_
_struct_sheet_range.sheet_id 
_struct_sheet_range.id 
_struct_sheet_range.beg_label_comp_id 
_struct_sheet_range.beg_label_asym_id 
_struct_sheet_range.beg_label_seq_id 
_struct_sheet_range.pdbx_beg_PDB_ins_code 
_struct_sheet_range.end_label_comp_id 
_struct_sheet_range.end_label_asym_id 
_struct_sheet_range.end_label_seq_id 
_struct_sheet_range.pdbx_end_PDB_ins_code 
_struct_sheet_range.beg_auth_comp_id 
_struct_sheet_range.beg_auth_asym_id 
_struct_sheet_range.beg_auth_seq_id 
_struct_sheet_range.end_auth_comp_id 
_struct_sheet_range.end_auth_asym_id 
_struct_sheet_range.end_auth_seq_id 
A 1 ARG A 47 ? PRO A 52 ? ARG A 51 PRO A 56 
A 2 TRP A 39 ? HIS A 44 ? TRP A 43 HIS A 48 
A 3 VAL A 28 ? VAL A 34 ? VAL A 32 VAL A 38 
A 4 VAL A 6  ? ALA A 9  ? VAL A 10 ALA A 13 
A 5 VAL A 56 ? GLU A 58 ? VAL A 60 GLU A 62 
B 1 ARG B 47 ? PRO B 52 ? ARG B 51 PRO B 56 
B 2 TRP B 39 ? HIS B 44 ? TRP B 43 HIS B 48 
B 3 VAL B 28 ? ARG B 33 ? VAL B 32 ARG B 37 
B 4 VAL B 6  ? ALA B 9  ? VAL B 10 ALA B 13 
B 5 VAL B 56 ? GLU B 58 ? VAL B 60 GLU B 62 
# 
loop_
_pdbx_struct_sheet_hbond.sheet_id 
_pdbx_struct_sheet_hbond.range_id_1 
_pdbx_struct_sheet_hbond.range_id_2 
_pdbx_struct_sheet_hbond.range_1_label_atom_id 
_pdbx_struct_sheet_hbond.range_1_label_comp_id 
_pdbx_struct_sheet_hbond.range_1_label_asym_id 
_pdbx_struct_sheet_hbond.range_1_label_seq_id 
_pdbx_struct_sheet_hbond.range_1_PDB_ins_code 
_pdbx_struct_sheet_hbond.range_1_auth_atom_id 
_pdbx_struct_sheet_hbond.range_1_auth_comp_id 
_pdbx_struct_sheet_hbond.range_1_auth_asym_id 
_pdbx_struct_sheet_hbond.range_1_auth_seq_id 
_pdbx_struct_sheet_hbond.range_2_label_atom_id 
_pdbx_struct_sheet_hbond.range_2_label_comp_id 
_pdbx_struct_sheet_hbond.range_2_label_asym_id 
_pdbx_struct_sheet_hbond.range_2_label_seq_id 
_pdbx_struct_sheet_hbond.range_2_PDB_ins_code 
_pdbx_struct_sheet_hbond.range_2_auth_atom_id 
_pdbx_struct_sheet_hbond.range_2_auth_comp_id 
_pdbx_struct_sheet_hbond.range_2_auth_asym_id 
_pdbx_struct_sheet_hbond.range_2_auth_seq_id 
A 1 2 O PHE A 51 ? O PHE A 55 N TRP A 40 ? N TRP A 44 
A 2 3 O THR A 43 ? O THR A 47 N HIS A 30 ? N HIS A 34 
A 3 4 O ILE A 29 ? O ILE A 33 N VAL A 7  ? N VAL A 11 
A 4 5 N ARG A 8  ? N ARG A 12 O ARG A 57 ? O ARG A 61 
B 1 2 O PHE B 51 ? O PHE B 55 N TRP B 40 ? N TRP B 44 
B 2 3 O THR B 43 ? O THR B 47 N HIS B 30 ? N HIS B 34 
B 3 4 O ILE B 29 ? O ILE B 33 N VAL B 7  ? N VAL B 11 
B 4 5 N ARG B 8  ? N ARG B 12 O ARG B 57 ? O ARG B 61 
# 
_atom_sites.entry_id                    2DF6 
_atom_sites.fract_transf_matrix[1][1]   0.01193697 
_atom_sites.fract_transf_matrix[1][2]   0.01265016 
_atom_sites.fract_transf_matrix[1][3]   -0.01504096 
_atom_sites.fract_transf_matrix[2][1]   -0.00976212 
_atom_sites.fract_transf_matrix[2][2]   0.00665491 
_atom_sites.fract_transf_matrix[2][3]   -0.01972656 
_atom_sites.fract_transf_matrix[3][1]   -0.00325331 
_atom_sites.fract_transf_matrix[3][2]   0.00832238 
_atom_sites.fract_transf_matrix[3][3]   0.00441759 
_atom_sites.fract_transf_vector[1]      0.905774 
_atom_sites.fract_transf_vector[2]      0.635513 
_atom_sites.fract_transf_vector[3]      0.078813 
# 
loop_
_atom_type.symbol 
C 
N 
O 
# 
loop_
_atom_site.group_PDB 
_atom_site.id 
_atom_site.type_symbol 
_atom_site.label_atom_id 
_atom_site.label_alt_id 
_atom_site.label_comp_id 
_atom_site.label_asym_id 
_atom_site.label_entity_id 
_atom_site.label_seq_id 
_atom_site.pdbx_PDB_ins_code 
_atom_site.Cartn_x 
_atom_site.Cartn_y 
_atom_site.Cartn_z 
_atom_site.occupancy 
_atom_site.B_iso_or_equiv 
_atom_site.pdbx_formal_charge 
_atom_site.auth_seq_id 
_atom_site.auth_comp_id 
_atom_site.auth_asym_id 
_atom_site.auth_atom_id 
_atom_site.pdbx_PDB_model_num 
ATOM   1    N N   . GLY A 1 1  ? 9.508   -5.553  -21.255 1.00 21.29 ? 5   GLY A N   1 
ATOM   2    C CA  . GLY A 1 1  ? 9.709   -4.255  -20.554 1.00 18.61 ? 5   GLY A CA  1 
ATOM   3    C C   . GLY A 1 1  ? 9.886   -4.455  -19.063 1.00 16.88 ? 5   GLY A C   1 
ATOM   4    O O   . GLY A 1 1  ? 9.702   -5.561  -18.556 1.00 17.79 ? 5   GLY A O   1 
ATOM   5    N N   . PRO A 1 2  ? 10.245  -3.398  -18.327 1.00 15.40 ? 6   PRO A N   1 
ATOM   6    C CA  . PRO A 1 2  ? 10.433  -3.528  -16.883 1.00 14.19 ? 6   PRO A CA  1 
ATOM   7    C C   . PRO A 1 2  ? 9.153   -3.852  -16.133 1.00 12.24 ? 6   PRO A C   1 
ATOM   8    O O   . PRO A 1 2  ? 9.196   -4.452  -15.065 1.00 13.33 ? 6   PRO A O   1 
ATOM   9    C CB  . PRO A 1 2  ? 11.019  -2.176  -16.488 1.00 14.10 ? 6   PRO A CB  1 
ATOM   10   C CG  . PRO A 1 2  ? 10.440  -1.246  -17.503 1.00 16.18 ? 6   PRO A CG  1 
ATOM   11   C CD  . PRO A 1 2  ? 10.555  -2.032  -18.779 1.00 15.66 ? 6   PRO A CD  1 
ATOM   12   N N   . LEU A 1 3  ? 8.012   -3.453  -16.679 1.00 13.51 ? 7   LEU A N   1 
ATOM   13   C CA  . LEU A 1 3  ? 6.764   -3.755  -16.004 1.00 13.99 ? 7   LEU A CA  1 
ATOM   14   C C   . LEU A 1 3  ? 6.617   -5.271  -15.944 1.00 14.11 ? 7   LEU A C   1 
ATOM   15   O O   . LEU A 1 3  ? 6.755   -5.957  -16.958 1.00 13.81 ? 7   LEU A O   1 
ATOM   16   C CB  . LEU A 1 3  ? 5.581   -3.155  -16.757 1.00 14.77 ? 7   LEU A CB  1 
ATOM   17   C CG  . LEU A 1 3  ? 4.223   -3.434  -16.109 1.00 16.54 ? 7   LEU A CG  1 
ATOM   18   C CD1 . LEU A 1 3  ? 4.212   -2.891  -14.687 1.00 16.87 ? 7   LEU A CD1 1 
ATOM   19   C CD2 . LEU A 1 3  ? 3.120   -2.791  -16.937 1.00 17.46 ? 7   LEU A CD2 1 
ATOM   20   N N   . GLY A 1 4  ? 6.355   -5.791  -14.752 1.00 12.96 ? 8   GLY A N   1 
ATOM   21   C CA  . GLY A 1 4  ? 6.195   -7.222  -14.594 1.00 13.81 ? 8   GLY A CA  1 
ATOM   22   C C   . GLY A 1 4  ? 7.524   -7.943  -14.523 1.00 13.63 ? 8   GLY A C   1 
ATOM   23   O O   . GLY A 1 4  ? 7.572   -9.165  -14.388 1.00 16.18 ? 8   GLY A O   1 
ATOM   24   N N   . SER A 1 5  ? 8.612   -7.189  -14.609 1.00 12.85 ? 9   SER A N   1 
ATOM   25   C CA  . SER A 1 5  ? 9.930   -7.792  -14.555 1.00 12.86 ? 9   SER A CA  1 
ATOM   26   C C   . SER A 1 5  ? 10.299  -8.116  -13.122 1.00 11.84 ? 9   SER A C   1 
ATOM   27   O O   . SER A 1 5  ? 9.669   -7.651  -12.171 1.00 11.53 ? 9   SER A O   1 
ATOM   28   C CB  . SER A 1 5  ? 10.981  -6.843  -15.137 1.00 13.35 ? 9   SER A CB  1 
ATOM   29   O OG  . SER A 1 5  ? 11.204  -5.731  -14.283 1.00 12.83 ? 9   SER A OG  1 
ATOM   30   N N   . VAL A 1 6  ? 11.311  -8.951  -12.978 1.00 12.61 ? 10  VAL A N   1 
ATOM   31   C CA  . VAL A 1 6  ? 11.806  -9.303  -11.672 1.00 13.88 ? 10  VAL A CA  1 
ATOM   32   C C   . VAL A 1 6  ? 13.197  -8.712  -11.687 1.00 13.56 ? 10  VAL A C   1 
ATOM   33   O O   . VAL A 1 6  ? 13.995  -8.976  -12.588 1.00 15.68 ? 10  VAL A O   1 
ATOM   34   C CB  . VAL A 1 6  ? 11.873  -10.820 -11.470 1.00 15.04 ? 10  VAL A CB  1 
ATOM   35   C CG1 . VAL A 1 6  ? 12.568  -11.134 -10.161 1.00 17.93 ? 10  VAL A CG1 1 
ATOM   36   C CG2 . VAL A 1 6  ? 10.466  -11.402 -11.470 1.00 18.96 ? 10  VAL A CG2 1 
ATOM   37   N N   . VAL A 1 7  ? 13.471  -7.873  -10.707 1.00 11.47 ? 11  VAL A N   1 
ATOM   38   C CA  . VAL A 1 7  ? 14.762  -7.236  -10.634 1.00 12.10 ? 11  VAL A CA  1 
ATOM   39   C C   . VAL A 1 7  ? 15.359  -7.517  -9.282  1.00 11.95 ? 11  VAL A C   1 
ATOM   40   O O   . VAL A 1 7  ? 14.691  -8.010  -8.378  1.00 11.05 ? 11  VAL A O   1 
ATOM   41   C CB  . VAL A 1 7  ? 14.636  -5.720  -10.835 1.00 12.28 ? 11  VAL A CB  1 
ATOM   42   C CG1 . VAL A 1 7  ? 14.070  -5.437  -12.211 1.00 12.90 ? 11  VAL A CG1 1 
ATOM   43   C CG2 . VAL A 1 7  ? 13.748  -5.118  -9.756  1.00 11.41 ? 11  VAL A CG2 1 
ATOM   44   N N   . ARG A 1 8  ? 16.634  -7.204  -9.149  1.00 11.10 ? 12  ARG A N   1 
ATOM   45   C CA  . ARG A 1 8  ? 17.320  -7.419  -7.899  1.00 12.23 ? 12  ARG A CA  1 
ATOM   46   C C   . ARG A 1 8  ? 17.878  -6.093  -7.439  1.00 11.29 ? 12  ARG A C   1 
ATOM   47   O O   . ARG A 1 8  ? 18.408  -5.317  -8.234  1.00 11.86 ? 12  ARG A O   1 
ATOM   48   C CB  . ARG A 1 8  ? 18.445  -8.435  -8.086  1.00 13.35 ? 12  ARG A CB  1 
ATOM   49   C CG  . ARG A 1 8  ? 19.429  -8.071  -9.175  1.00 16.73 ? 12  ARG A CG  1 
ATOM   50   C CD  . ARG A 1 8  ? 20.397  -9.208  -9.420  1.00 20.23 ? 12  ARG A CD  1 
ATOM   51   N NE  . ARG A 1 8  ? 21.260  -9.447  -8.269  1.00 21.67 ? 12  ARG A NE  1 
ATOM   52   C CZ  . ARG A 1 8  ? 22.074  -10.490 -8.160  1.00 23.02 ? 12  ARG A CZ  1 
ATOM   53   N NH1 . ARG A 1 8  ? 22.128  -11.390 -9.131  1.00 24.05 ? 12  ARG A NH1 1 
ATOM   54   N NH2 . ARG A 1 8  ? 22.844  -10.624 -7.089  1.00 23.56 ? 12  ARG A NH2 1 
ATOM   55   N N   . ALA A 1 9  ? 17.726  -5.824  -6.153  1.00 10.93 ? 13  ALA A N   1 
ATOM   56   C CA  . ALA A 1 9  ? 18.231  -4.594  -5.584  1.00 11.71 ? 13  ALA A CA  1 
ATOM   57   C C   . ALA A 1 9  ? 19.741  -4.646  -5.688  1.00 12.26 ? 13  ALA A C   1 
ATOM   58   O O   . ALA A 1 9  ? 20.367  -5.622  -5.274  1.00 13.75 ? 13  ALA A O   1 
ATOM   59   C CB  . ALA A 1 9  ? 17.812  -4.487  -4.140  1.00 11.59 ? 13  ALA A CB  1 
ATOM   60   N N   . LYS A 1 10 ? 20.331  -3.608  -6.260  1.00 12.45 ? 14  LYS A N   1 
ATOM   61   C CA  . LYS A 1 10 ? 21.778  -3.572  -6.386  1.00 13.75 ? 14  LYS A CA  1 
ATOM   62   C C   . LYS A 1 10 ? 22.323  -2.855  -5.171  1.00 14.28 ? 14  LYS A C   1 
ATOM   63   O O   . LYS A 1 10 ? 23.480  -3.014  -4.803  1.00 16.09 ? 14  LYS A O   1 
ATOM   64   C CB  . LYS A 1 10 ? 22.197  -2.830  -7.653  1.00 15.21 ? 14  LYS A CB  1 
ATOM   65   C CG  . LYS A 1 10 ? 23.708  -2.788  -7.848  1.00 18.40 ? 14  LYS A CG  1 
ATOM   66   C CD  . LYS A 1 10 ? 24.095  -2.107  -9.148  1.00 22.43 ? 14  LYS A CD  1 
ATOM   67   C CE  . LYS A 1 10 ? 25.605  -2.091  -9.323  1.00 24.71 ? 14  LYS A CE  1 
ATOM   68   N NZ  . LYS A 1 10 ? 26.169  -3.468  -9.291  1.00 26.27 ? 14  LYS A NZ  1 
ATOM   69   N N   . PHE A 1 11 ? 21.461  -2.071  -4.541  1.00 13.20 ? 15  PHE A N   1 
ATOM   70   C CA  . PHE A 1 11 ? 21.841  -1.308  -3.372  1.00 14.16 ? 15  PHE A CA  1 
ATOM   71   C C   . PHE A 1 11 ? 20.721  -1.353  -2.371  1.00 15.15 ? 15  PHE A C   1 
ATOM   72   O O   . PHE A 1 11 ? 19.572  -1.628  -2.717  1.00 14.76 ? 15  PHE A O   1 
ATOM   73   C CB  . PHE A 1 11 ? 22.065  0.150   -3.748  1.00 14.21 ? 15  PHE A CB  1 
ATOM   74   C CG  . PHE A 1 11 ? 23.067  0.345   -4.830  1.00 16.63 ? 15  PHE A CG  1 
ATOM   75   C CD1 . PHE A 1 11 ? 24.418  0.451   -4.531  1.00 16.63 ? 15  PHE A CD1 1 
ATOM   76   C CD2 . PHE A 1 11 ? 22.660  0.428   -6.157  1.00 16.56 ? 15  PHE A CD2 1 
ATOM   77   C CE1 . PHE A 1 11 ? 25.354  0.642   -5.540  1.00 18.83 ? 15  PHE A CE1 1 
ATOM   78   C CE2 . PHE A 1 11 ? 23.584  0.618   -7.171  1.00 18.40 ? 15  PHE A CE2 1 
ATOM   79   C CZ  . PHE A 1 11 ? 24.935  0.726   -6.861  1.00 18.00 ? 15  PHE A CZ  1 
ATOM   80   N N   . ASN A 1 12 ? 21.059  -1.083  -1.124  1.00 15.61 ? 16  ASN A N   1 
ATOM   81   C CA  . ASN A 1 12 ? 20.056  -1.041  -0.090  1.00 14.95 ? 16  ASN A CA  1 
ATOM   82   C C   . ASN A 1 12 ? 19.287  0.237   -0.331  1.00 14.81 ? 16  ASN A C   1 
ATOM   83   O O   . ASN A 1 12 ? 19.832  1.221   -0.818  1.00 15.21 ? 16  ASN A O   1 
ATOM   84   C CB  . ASN A 1 12 ? 20.711  -0.993  1.289   1.00 16.48 ? 16  ASN A CB  1 
ATOM   85   C CG  . ASN A 1 12 ? 20.971  -2.368  1.853   1.00 18.80 ? 16  ASN A CG  1 
ATOM   86   O OD1 . ASN A 1 12 ? 21.330  -3.288  1.126   1.00 18.84 ? 16  ASN A OD1 1 
ATOM   87   N ND2 . ASN A 1 12 ? 20.795  -2.514  3.161   1.00 22.30 ? 16  ASN A ND2 1 
ATOM   88   N N   . PHE A 1 13 ? 18.006  0.207   -0.018  1.00 14.19 ? 17  PHE A N   1 
ATOM   89   C CA  . PHE A 1 13 ? 17.187  1.384   -0.163  1.00 13.75 ? 17  PHE A CA  1 
ATOM   90   C C   . PHE A 1 13 ? 16.263  1.447   1.030   1.00 14.91 ? 17  PHE A C   1 
ATOM   91   O O   . PHE A 1 13 ? 15.554  0.483   1.327   1.00 14.33 ? 17  PHE A O   1 
ATOM   92   C CB  . PHE A 1 13 ? 16.350  1.333   -1.438  1.00 12.90 ? 17  PHE A CB  1 
ATOM   93   C CG  . PHE A 1 13 ? 15.279  2.376   -1.476  1.00 12.47 ? 17  PHE A CG  1 
ATOM   94   C CD1 . PHE A 1 13 ? 15.609  3.727   -1.504  1.00 13.77 ? 17  PHE A CD1 1 
ATOM   95   C CD2 . PHE A 1 13 ? 13.943  2.013   -1.414  1.00 12.60 ? 17  PHE A CD2 1 
ATOM   96   C CE1 . PHE A 1 13 ? 14.619  4.697   -1.465  1.00 12.35 ? 17  PHE A CE1 1 
ATOM   97   C CE2 . PHE A 1 13 ? 12.945  2.976   -1.375  1.00 12.83 ? 17  PHE A CE2 1 
ATOM   98   C CZ  . PHE A 1 13 ? 13.285  4.322   -1.400  1.00 13.83 ? 17  PHE A CZ  1 
ATOM   99   N N   . GLN A 1 14 ? 16.288  2.575   1.726   1.00 15.85 ? 18  GLN A N   1 
ATOM   100  C CA  . GLN A 1 14 ? 15.416  2.753   2.871   1.00 17.95 ? 18  GLN A CA  1 
ATOM   101  C C   . GLN A 1 14 ? 14.334  3.721   2.436   1.00 17.34 ? 18  GLN A C   1 
ATOM   102  O O   . GLN A 1 14 ? 14.619  4.845   2.023   1.00 18.57 ? 18  GLN A O   1 
ATOM   103  C CB  . GLN A 1 14 ? 16.178  3.331   4.065   1.00 21.80 ? 18  GLN A CB  1 
ATOM   104  C CG  . GLN A 1 14 ? 15.312  3.452   5.315   1.00 26.56 ? 18  GLN A CG  1 
ATOM   105  C CD  . GLN A 1 14 ? 16.051  4.046   6.498   1.00 29.24 ? 18  GLN A CD  1 
ATOM   106  O OE1 . GLN A 1 14 ? 17.078  3.522   6.933   1.00 32.36 ? 18  GLN A OE1 1 
ATOM   107  N NE2 . GLN A 1 14 ? 15.524  5.143   7.031   1.00 32.06 ? 18  GLN A NE2 1 
ATOM   108  N N   . GLN A 1 15 ? 13.090  3.272   2.517   1.00 16.30 ? 19  GLN A N   1 
ATOM   109  C CA  . GLN A 1 15 ? 11.969  4.105   2.124   1.00 18.29 ? 19  GLN A CA  1 
ATOM   110  C C   . GLN A 1 15 ? 11.995  5.439   2.857   1.00 19.17 ? 19  GLN A C   1 
ATOM   111  O O   . GLN A 1 15 ? 12.422  5.522   4.012   1.00 19.06 ? 19  GLN A O   1 
ATOM   112  C CB  . GLN A 1 15 ? 10.660  3.377   2.408   1.00 19.54 ? 19  GLN A CB  1 
ATOM   113  C CG  . GLN A 1 15 ? 10.383  3.140   3.876   1.00 20.78 ? 19  GLN A CG  1 
ATOM   114  C CD  . GLN A 1 15 ? 9.350   2.061   4.081   1.00 22.89 ? 19  GLN A CD  1 
ATOM   115  O OE1 . GLN A 1 15 ? 9.598   0.893   3.785   1.00 25.22 ? 19  GLN A OE1 1 
ATOM   116  N NE2 . GLN A 1 15 ? 8.181   2.442   4.577   1.00 24.96 ? 19  GLN A NE2 1 
ATOM   117  N N   . THR A 1 16 ? 11.547  6.480   2.167   1.00 20.17 ? 20  THR A N   1 
ATOM   118  C CA  . THR A 1 16 ? 11.489  7.824   2.728   1.00 22.41 ? 20  THR A CA  1 
ATOM   119  C C   . THR A 1 16 ? 10.021  8.215   2.843   1.00 22.12 ? 20  THR A C   1 
ATOM   120  O O   . THR A 1 16 ? 9.675   9.243   3.422   1.00 23.48 ? 20  THR A O   1 
ATOM   121  C CB  . THR A 1 16 ? 12.223  8.838   1.830   1.00 23.43 ? 20  THR A CB  1 
ATOM   122  O OG1 . THR A 1 16 ? 11.664  8.807   0.511   1.00 26.76 ? 20  THR A OG1 1 
ATOM   123  C CG2 . THR A 1 16 ? 13.701  8.498   1.752   1.00 25.13 ? 20  THR A CG2 1 
ATOM   124  N N   . ASN A 1 17 ? 9.167   7.378   2.270   1.00 19.30 ? 21  ASN A N   1 
ATOM   125  C CA  . ASN A 1 17 ? 7.728   7.576   2.304   1.00 18.94 ? 21  ASN A CA  1 
ATOM   126  C C   . ASN A 1 17 ? 7.119   6.221   2.603   1.00 18.14 ? 21  ASN A C   1 
ATOM   127  O O   . ASN A 1 17 ? 7.702   5.190   2.274   1.00 17.51 ? 21  ASN A O   1 
ATOM   128  C CB  . ASN A 1 17 ? 7.209   8.094   0.963   1.00 18.80 ? 21  ASN A CB  1 
ATOM   129  C CG  . ASN A 1 17 ? 7.662   9.507   0.671   1.00 20.23 ? 21  ASN A CG  1 
ATOM   130  O OD1 . ASN A 1 17 ? 8.471   9.740   -0.224  1.00 21.44 ? 21  ASN A OD1 1 
ATOM   131  N ND2 . ASN A 1 17 ? 7.142   10.461  1.434   1.00 20.42 ? 21  ASN A ND2 1 
ATOM   132  N N   . GLU A 1 18 ? 5.949   6.226   3.227   1.00 18.84 ? 22  GLU A N   1 
ATOM   133  C CA  . GLU A 1 18 ? 5.276   4.991   3.590   1.00 18.77 ? 22  GLU A CA  1 
ATOM   134  C C   . GLU A 1 18 ? 4.893   4.144   2.386   1.00 16.67 ? 22  GLU A C   1 
ATOM   135  O O   . GLU A 1 18 ? 4.678   2.943   2.507   1.00 17.69 ? 22  GLU A O   1 
ATOM   136  C CB  . GLU A 1 18 ? 4.035   5.308   4.419   1.00 20.81 ? 22  GLU A CB  1 
ATOM   137  C CG  . GLU A 1 18 ? 4.330   6.182   5.629   1.00 25.60 ? 22  GLU A CG  1 
ATOM   138  C CD  . GLU A 1 18 ? 3.115   6.382   6.506   1.00 28.46 ? 22  GLU A CD  1 
ATOM   139  O OE1 . GLU A 1 18 ? 2.617   5.380   7.060   1.00 29.52 ? 22  GLU A OE1 1 
ATOM   140  O OE2 . GLU A 1 18 ? 2.656   7.537   6.640   1.00 30.92 ? 22  GLU A OE2 1 
ATOM   141  N N   . ASP A 1 19 ? 4.812   4.764   1.217   1.00 15.04 ? 23  ASP A N   1 
ATOM   142  C CA  . ASP A 1 19 ? 4.448   4.017   0.025   1.00 13.36 ? 23  ASP A CA  1 
ATOM   143  C C   . ASP A 1 19 ? 5.684   3.546   -0.732  1.00 11.57 ? 23  ASP A C   1 
ATOM   144  O O   . ASP A 1 19 ? 5.601   3.123   -1.876  1.00 11.41 ? 23  ASP A O   1 
ATOM   145  C CB  . ASP A 1 19 ? 3.562   4.870   -0.880  1.00 13.18 ? 23  ASP A CB  1 
ATOM   146  C CG  . ASP A 1 19 ? 4.299   6.042   -1.477  1.00 12.93 ? 23  ASP A CG  1 
ATOM   147  O OD1 . ASP A 1 19 ? 5.386   6.396   -0.977  1.00 13.06 ? 23  ASP A OD1 1 
ATOM   148  O OD2 . ASP A 1 19 ? 3.771   6.609   -2.452  1.00 14.18 ? 23  ASP A OD2 1 
ATOM   149  N N   . GLU A 1 20 ? 6.834   3.631   -0.083  1.00 11.35 ? 24  GLU A N   1 
ATOM   150  C CA  . GLU A 1 20 ? 8.058   3.185   -0.712  1.00 10.96 ? 24  GLU A CA  1 
ATOM   151  C C   . GLU A 1 20 ? 8.458   1.830   -0.191  1.00 11.86 ? 24  GLU A C   1 
ATOM   152  O O   . GLU A 1 20 ? 8.120   1.446   0.928   1.00 13.26 ? 24  GLU A O   1 
ATOM   153  C CB  . GLU A 1 20 ? 9.163   4.206   -0.509  1.00 10.63 ? 24  GLU A CB  1 
ATOM   154  C CG  . GLU A 1 20 ? 8.952   5.385   -1.424  1.00 11.54 ? 24  GLU A CG  1 
ATOM   155  C CD  . GLU A 1 20 ? 9.794   6.573   -1.081  1.00 12.20 ? 24  GLU A CD  1 
ATOM   156  O OE1 . GLU A 1 20 ? 10.765  6.426   -0.315  1.00 15.11 ? 24  GLU A OE1 1 
ATOM   157  O OE2 . GLU A 1 20 ? 9.478   7.664   -1.599  1.00 12.57 ? 24  GLU A OE2 1 
ATOM   158  N N   . LEU A 1 21 ? 9.174   1.112   -1.035  1.00 11.33 ? 25  LEU A N   1 
ATOM   159  C CA  . LEU A 1 21 ? 9.614   -0.227  -0.730  1.00 11.98 ? 25  LEU A CA  1 
ATOM   160  C C   . LEU A 1 21 ? 11.056  -0.256  -0.288  1.00 13.27 ? 25  LEU A C   1 
ATOM   161  O O   . LEU A 1 21 ? 11.960  -0.072  -1.094  1.00 13.56 ? 25  LEU A O   1 
ATOM   162  C CB  . LEU A 1 21 ? 9.455   -1.088  -1.971  1.00 10.63 ? 25  LEU A CB  1 
ATOM   163  C CG  . LEU A 1 21 ? 9.898   -2.537  -1.823  1.00 10.36 ? 25  LEU A CG  1 
ATOM   164  C CD1 . LEU A 1 21 ? 8.958   -3.246  -0.866  1.00 11.38 ? 25  LEU A CD1 1 
ATOM   165  C CD2 . LEU A 1 21 ? 9.887   -3.208  -3.180  1.00 11.79 ? 25  LEU A CD2 1 
ATOM   166  N N   . SER A 1 22 ? 11.275  -0.472  0.999   1.00 13.56 ? 26  SER A N   1 
ATOM   167  C CA  . SER A 1 22 ? 12.634  -0.564  1.483   1.00 14.27 ? 26  SER A CA  1 
ATOM   168  C C   . SER A 1 22 ? 13.120  -1.934  1.063   1.00 13.88 ? 26  SER A C   1 
ATOM   169  O O   . SER A 1 22 ? 12.344  -2.881  0.962   1.00 14.52 ? 26  SER A O   1 
ATOM   170  C CB  . SER A 1 22 ? 12.683  -0.466  3.006   1.00 14.90 ? 26  SER A CB  1 
ATOM   171  O OG  . SER A 1 22 ? 12.295  0.815   3.446   1.00 17.60 ? 26  SER A OG  1 
ATOM   172  N N   . PHE A 1 23 ? 14.404  -2.041  0.786   1.00 14.30 ? 27  PHE A N   1 
ATOM   173  C CA  . PHE A 1 23 ? 14.956  -3.326  0.435   1.00 14.37 ? 27  PHE A CA  1 
ATOM   174  C C   . PHE A 1 23 ? 16.445  -3.295  0.607   1.00 14.55 ? 27  PHE A C   1 
ATOM   175  O O   . PHE A 1 23 ? 17.049  -2.235  0.754   1.00 13.96 ? 27  PHE A O   1 
ATOM   176  C CB  . PHE A 1 23 ? 14.571  -3.752  -0.993  1.00 14.27 ? 27  PHE A CB  1 
ATOM   177  C CG  . PHE A 1 23 ? 14.899  -2.747  -2.060  1.00 12.83 ? 27  PHE A CG  1 
ATOM   178  C CD1 . PHE A 1 23 ? 16.211  -2.377  -2.327  1.00 13.00 ? 27  PHE A CD1 1 
ATOM   179  C CD2 . PHE A 1 23 ? 13.884  -2.216  -2.850  1.00 13.66 ? 27  PHE A CD2 1 
ATOM   180  C CE1 . PHE A 1 23 ? 16.506  -1.498  -3.369  1.00 13.40 ? 27  PHE A CE1 1 
ATOM   181  C CE2 . PHE A 1 23 ? 14.170  -1.344  -3.888  1.00 14.75 ? 27  PHE A CE2 1 
ATOM   182  C CZ  . PHE A 1 23 ? 15.481  -0.985  -4.149  1.00 13.53 ? 27  PHE A CZ  1 
ATOM   183  N N   . SER A 1 24 ? 17.026  -4.479  0.620   1.00 14.59 ? 28  SER A N   1 
ATOM   184  C CA  . SER A 1 24 ? 18.451  -4.604  0.780   1.00 14.85 ? 28  SER A CA  1 
ATOM   185  C C   . SER A 1 24 ? 19.017  -5.128  -0.511  1.00 15.37 ? 28  SER A C   1 
ATOM   186  O O   . SER A 1 24 ? 18.312  -5.753  -1.305  1.00 13.65 ? 28  SER A O   1 
ATOM   187  C CB  . SER A 1 24 ? 18.761  -5.572  1.917   1.00 16.09 ? 28  SER A CB  1 
ATOM   188  O OG  . SER A 1 24 ? 18.203  -5.097  3.126   1.00 18.93 ? 28  SER A OG  1 
ATOM   189  N N   . LYS A 1 25 ? 20.293  -4.852  -0.729  1.00 14.98 ? 29  LYS A N   1 
ATOM   190  C CA  . LYS A 1 25 ? 20.951  -5.321  -1.923  1.00 16.01 ? 29  LYS A CA  1 
ATOM   191  C C   . LYS A 1 25 ? 20.684  -6.810  -2.012  1.00 15.53 ? 29  LYS A C   1 
ATOM   192  O O   . LYS A 1 25 ? 20.737  -7.522  -1.005  1.00 15.86 ? 29  LYS A O   1 
ATOM   193  C CB  . LYS A 1 25 ? 22.453  -5.068  -1.837  1.00 17.61 ? 29  LYS A CB  1 
ATOM   194  C CG  . LYS A 1 25 ? 23.215  -5.608  -3.027  1.00 18.84 ? 29  LYS A CG  1 
ATOM   195  C CD  . LYS A 1 25 ? 24.674  -5.202  -2.982  1.00 21.52 ? 29  LYS A CD  1 
ATOM   196  C CE  . LYS A 1 25 ? 25.392  -5.618  -4.252  1.00 24.20 ? 29  LYS A CE  1 
ATOM   197  N NZ  . LYS A 1 25 ? 26.815  -5.178  -4.238  1.00 26.29 ? 29  LYS A NZ  1 
ATOM   198  N N   . GLY A 1 26 ? 20.372  -7.273  -3.213  1.00 15.04 ? 30  GLY A N   1 
ATOM   199  C CA  . GLY A 1 26 ? 20.104  -8.681  -3.406  1.00 15.22 ? 30  GLY A CA  1 
ATOM   200  C C   . GLY A 1 26 ? 18.626  -8.998  -3.364  1.00 15.67 ? 30  GLY A C   1 
ATOM   201  O O   . GLY A 1 26 ? 18.200  -10.042 -3.848  1.00 16.65 ? 30  GLY A O   1 
ATOM   202  N N   . ASP A 1 27 ? 17.833  -8.106  -2.783  1.00 14.04 ? 31  ASP A N   1 
ATOM   203  C CA  . ASP A 1 27 ? 16.404  -8.352  -2.709  1.00 12.97 ? 31  ASP A CA  1 
ATOM   204  C C   . ASP A 1 27 ? 15.795  -8.455  -4.088  1.00 11.07 ? 31  ASP A C   1 
ATOM   205  O O   . ASP A 1 27 ? 16.082  -7.651  -4.978  1.00 11.74 ? 31  ASP A O   1 
ATOM   206  C CB  . ASP A 1 27 ? 15.705  -7.252  -1.922  1.00 13.34 ? 31  ASP A CB  1 
ATOM   207  C CG  . ASP A 1 27 ? 15.854  -7.435  -0.437  1.00 12.10 ? 31  ASP A CG  1 
ATOM   208  O OD1 . ASP A 1 27 ? 16.394  -8.485  -0.035  1.00 17.08 ? 31  ASP A OD1 1 
ATOM   209  O OD2 . ASP A 1 27 ? 15.431  -6.544  0.319   1.00 14.40 ? 31  ASP A OD2 1 
ATOM   210  N N   . VAL A 1 28 ? 14.957  -9.466  -4.264  1.00 10.83 ? 32  VAL A N   1 
ATOM   211  C CA  . VAL A 1 28 ? 14.293  -9.682  -5.527  1.00 10.81 ? 32  VAL A CA  1 
ATOM   212  C C   . VAL A 1 28 ? 13.018  -8.875  -5.493  1.00 10.40 ? 32  VAL A C   1 
ATOM   213  O O   . VAL A 1 28 ? 12.233  -8.956  -4.556  1.00 10.68 ? 32  VAL A O   1 
ATOM   214  C CB  . VAL A 1 28 ? 13.978  -11.157 -5.731  1.00 10.82 ? 32  VAL A CB  1 
ATOM   215  C CG1 . VAL A 1 28 ? 13.127  -11.342 -6.963  1.00 12.56 ? 32  VAL A CG1 1 
ATOM   216  C CG2 . VAL A 1 28 ? 15.280  -11.929 -5.868  1.00 13.56 ? 32  VAL A CG2 1 
ATOM   217  N N   . ILE A 1 29 ? 12.824  -8.087  -6.534  1.00 9.05  ? 33  ILE A N   1 
ATOM   218  C CA  . ILE A 1 29 ? 11.679  -7.215  -6.606  1.00 10.04 ? 33  ILE A CA  1 
ATOM   219  C C   . ILE A 1 29 ? 10.880  -7.463  -7.855  1.00 9.81  ? 33  ILE A C   1 
ATOM   220  O O   . ILE A 1 29 ? 11.430  -7.673  -8.932  1.00 11.09 ? 33  ILE A O   1 
ATOM   221  C CB  . ILE A 1 29 ? 12.152  -5.764  -6.590  1.00 9.74  ? 33  ILE A CB  1 
ATOM   222  C CG1 . ILE A 1 29 ? 12.850  -5.475  -5.261  1.00 11.49 ? 33  ILE A CG1 1 
ATOM   223  C CG2 . ILE A 1 29 ? 10.985  -4.825  -6.806  1.00 11.41 ? 33  ILE A CG2 1 
ATOM   224  C CD1 . ILE A 1 29 ? 13.845  -4.344  -5.334  1.00 13.67 ? 33  ILE A CD1 1 
ATOM   225  N N   . HIS A 1 30 ? 9.569   -7.461  -7.691  1.00 10.02 ? 34  HIS A N   1 
ATOM   226  C CA  . HIS A 1 30 ? 8.670   -7.644  -8.801  1.00 9.07  ? 34  HIS A CA  1 
ATOM   227  C C   . HIS A 1 30 ? 8.169   -6.273  -9.141  1.00 9.52  ? 34  HIS A C   1 
ATOM   228  O O   . HIS A 1 30 ? 7.528   -5.625  -8.330  1.00 10.31 ? 34  HIS A O   1 
ATOM   229  C CB  . HIS A 1 30 ? 7.534   -8.555  -8.397  1.00 10.02 ? 34  HIS A CB  1 
ATOM   230  C CG  . HIS A 1 30 ? 7.975   -9.959  -8.185  1.00 10.80 ? 34  HIS A CG  1 
ATOM   231  N ND1 . HIS A 1 30 ? 8.722   -10.352 -7.096  1.00 11.99 ? 34  HIS A ND1 1 
ATOM   232  C CD2 . HIS A 1 30 ? 7.880   -11.039 -8.990  1.00 10.16 ? 34  HIS A CD2 1 
ATOM   233  C CE1 . HIS A 1 30 ? 9.071   -11.617 -7.247  1.00 6.94  ? 34  HIS A CE1 1 
ATOM   234  N NE2 . HIS A 1 30 ? 8.574   -12.056 -8.387  1.00 12.97 ? 34  HIS A NE2 1 
ATOM   235  N N   . VAL A 1 31 ? 8.489   -5.836  -10.347 1.00 9.54  ? 35  VAL A N   1 
ATOM   236  C CA  . VAL A 1 31 ? 8.102   -4.517  -10.784 1.00 9.77  ? 35  VAL A CA  1 
ATOM   237  C C   . VAL A 1 31 ? 6.648   -4.537  -11.192 1.00 10.35 ? 35  VAL A C   1 
ATOM   238  O O   . VAL A 1 31 ? 6.258   -5.251  -12.108 1.00 11.67 ? 35  VAL A O   1 
ATOM   239  C CB  . VAL A 1 31 ? 8.980   -4.067  -11.937 1.00 10.12 ? 35  VAL A CB  1 
ATOM   240  C CG1 . VAL A 1 31 ? 8.608   -2.665  -12.345 1.00 10.91 ? 35  VAL A CG1 1 
ATOM   241  C CG2 . VAL A 1 31 ? 10.443  -4.135  -11.510 1.00 10.54 ? 35  VAL A CG2 1 
ATOM   242  N N   . THR A 1 32 ? 5.847   -3.751  -10.490 1.00 10.95 ? 36  THR A N   1 
ATOM   243  C CA  . THR A 1 32 ? 4.425   -3.715  -10.760 1.00 11.00 ? 36  THR A CA  1 
ATOM   244  C C   . THR A 1 32 ? 3.985   -2.417  -11.395 1.00 11.25 ? 36  THR A C   1 
ATOM   245  O O   . THR A 1 32 ? 2.875   -2.305  -11.897 1.00 12.29 ? 36  THR A O   1 
ATOM   246  C CB  . THR A 1 32 ? 3.640   -3.944  -9.479  1.00 11.68 ? 36  THR A CB  1 
ATOM   247  O OG1 . THR A 1 32 ? 3.998   -2.941  -8.528  1.00 12.50 ? 36  THR A OG1 1 
ATOM   248  C CG2 . THR A 1 32 ? 3.962   -5.316  -8.904  1.00 12.18 ? 36  THR A CG2 1 
ATOM   249  N N   . ARG A 1 33 ? 4.848   -1.420  -11.364 1.00 10.55 ? 37  ARG A N   1 
ATOM   250  C CA  . ARG A 1 33 ? 4.506   -0.171  -11.999 1.00 11.08 ? 37  ARG A CA  1 
ATOM   251  C C   . ARG A 1 33 ? 5.768   0.543   -12.394 1.00 10.82 ? 37  ARG A C   1 
ATOM   252  O O   . ARG A 1 33 ? 6.711   0.655   -11.616 1.00 10.30 ? 37  ARG A O   1 
ATOM   253  C CB  . ARG A 1 33 ? 3.670   0.706   -11.079 1.00 11.33 ? 37  ARG A CB  1 
ATOM   254  C CG  . ARG A 1 33 ? 3.263   1.998   -11.735 1.00 11.74 ? 37  ARG A CG  1 
ATOM   255  C CD  . ARG A 1 33 ? 2.306   2.750   -10.862 1.00 12.10 ? 37  ARG A CD  1 
ATOM   256  N NE  . ARG A 1 33 ? 2.081   4.088   -11.377 1.00 12.62 ? 37  ARG A NE  1 
ATOM   257  C CZ  . ARG A 1 33 ? 1.329   4.996   -10.768 1.00 14.63 ? 37  ARG A CZ  1 
ATOM   258  N NH1 . ARG A 1 33 ? 0.728   4.700   -9.623  1.00 15.27 ? 37  ARG A NH1 1 
ATOM   259  N NH2 . ARG A 1 33 ? 1.191   6.203   -11.300 1.00 16.95 ? 37  ARG A NH2 1 
ATOM   260  N N   . VAL A 1 34 ? 5.784   1.009   -13.629 1.00 10.90 ? 38  VAL A N   1 
ATOM   261  C CA  . VAL A 1 34 ? 6.928   1.717   -14.144 1.00 10.89 ? 38  VAL A CA  1 
ATOM   262  C C   . VAL A 1 34 ? 6.493   3.112   -14.524 1.00 10.75 ? 38  VAL A C   1 
ATOM   263  O O   . VAL A 1 34 ? 5.488   3.299   -15.211 1.00 12.56 ? 38  VAL A O   1 
ATOM   264  C CB  . VAL A 1 34 ? 7.492   1.004   -15.377 1.00 10.44 ? 38  VAL A CB  1 
ATOM   265  C CG1 . VAL A 1 34 ? 8.574   1.845   -16.029 1.00 12.92 ? 38  VAL A CG1 1 
ATOM   266  C CG2 . VAL A 1 34 ? 8.055   -0.346  -14.966 1.00 12.07 ? 38  VAL A CG2 1 
ATOM   267  N N   . GLU A 1 35 ? 7.236   4.090   -14.035 1.00 9.95  ? 39  GLU A N   1 
ATOM   268  C CA  . GLU A 1 35 ? 6.965   5.476   -14.345 1.00 9.45  ? 39  GLU A CA  1 
ATOM   269  C C   . GLU A 1 35 ? 8.312   6.066   -14.634 1.00 9.76  ? 39  GLU A C   1 
ATOM   270  O O   . GLU A 1 35 ? 9.303   5.682   -14.022 1.00 10.07 ? 39  GLU A O   1 
ATOM   271  C CB  . GLU A 1 35 ? 6.367   6.211   -13.152 1.00 11.50 ? 39  GLU A CB  1 
ATOM   272  C CG  . GLU A 1 35 ? 4.992   5.750   -12.735 1.00 12.14 ? 39  GLU A CG  1 
ATOM   273  C CD  . GLU A 1 35 ? 3.941   5.996   -13.792 1.00 12.40 ? 39  GLU A CD  1 
ATOM   274  O OE1 . GLU A 1 35 ? 4.159   6.852   -14.676 1.00 13.54 ? 39  GLU A OE1 1 
ATOM   275  O OE2 . GLU A 1 35 ? 2.887   5.334   -13.721 1.00 14.90 ? 39  GLU A OE2 1 
ATOM   276  N N   . GLU A 1 36 ? 8.364   6.990   -15.573 1.00 9.16  ? 40  GLU A N   1 
ATOM   277  C CA  . GLU A 1 36 ? 9.629   7.616   -15.863 1.00 9.93  ? 40  GLU A CA  1 
ATOM   278  C C   . GLU A 1 36 ? 9.946   8.460   -14.646 1.00 9.77  ? 40  GLU A C   1 
ATOM   279  O O   . GLU A 1 36 ? 9.058   8.772   -13.851 1.00 9.61  ? 40  GLU A O   1 
ATOM   280  C CB  . GLU A 1 36 ? 9.508   8.518   -17.093 1.00 9.68  ? 40  GLU A CB  1 
ATOM   281  C CG  . GLU A 1 36 ? 8.498   9.657   -16.978 1.00 10.66 ? 40  GLU A CG  1 
ATOM   282  C CD  . GLU A 1 36 ? 9.036   10.872  -16.241 1.00 8.83  ? 40  GLU A CD  1 
ATOM   283  O OE1 . GLU A 1 36 ? 10.223  10.990  -15.985 1.00 10.09 ? 40  GLU A OE1 1 
ATOM   284  O OE2 . GLU A 1 36 ? 8.154   11.788  -15.917 1.00 7.97  ? 40  GLU A OE2 1 
ATOM   285  N N   . GLY A 1 37 ? 11.208  8.808   -14.465 1.00 10.28 ? 41  GLY A N   1 
ATOM   286  C CA  . GLY A 1 37 ? 11.504  9.679   -13.354 1.00 9.68  ? 41  GLY A CA  1 
ATOM   287  C C   . GLY A 1 37 ? 12.342  9.155   -12.228 1.00 10.68 ? 41  GLY A C   1 
ATOM   288  O O   . GLY A 1 37 ? 12.602  9.889   -11.282 1.00 11.24 ? 41  GLY A O   1 
ATOM   289  N N   . GLY A 1 38 ? 12.743  7.894   -12.298 1.00 9.78  ? 42  GLY A N   1 
ATOM   290  C CA  . GLY A 1 38 ? 13.610  7.366   -11.269 1.00 9.78  ? 42  GLY A CA  1 
ATOM   291  C C   . GLY A 1 38 ? 12.978  6.445   -10.268 1.00 8.82  ? 42  GLY A C   1 
ATOM   292  O O   . GLY A 1 38 ? 13.667  5.907   -9.407  1.00 8.68  ? 42  GLY A O   1 
ATOM   293  N N   . TRP A 1 39 ? 11.672  6.249   -10.385 1.00 8.67  ? 43  TRP A N   1 
ATOM   294  C CA  . TRP A 1 39 ? 10.982  5.393   -9.453  1.00 9.01  ? 43  TRP A CA  1 
ATOM   295  C C   . TRP A 1 39 ? 10.054  4.412   -10.097 1.00 8.96  ? 43  TRP A C   1 
ATOM   296  O O   . TRP A 1 39 ? 9.334   4.727   -11.039 1.00 9.63  ? 43  TRP A O   1 
ATOM   297  C CB  . TRP A 1 39 ? 10.166  6.216   -8.476  1.00 9.15  ? 43  TRP A CB  1 
ATOM   298  C CG  . TRP A 1 39 ? 10.986  7.032   -7.600  1.00 8.65  ? 43  TRP A CG  1 
ATOM   299  C CD1 . TRP A 1 39 ? 11.596  8.213   -7.905  1.00 9.91  ? 43  TRP A CD1 1 
ATOM   300  C CD2 . TRP A 1 39 ? 11.309  6.748   -6.244  1.00 8.95  ? 43  TRP A CD2 1 
ATOM   301  N NE1 . TRP A 1 39 ? 12.277  8.683   -6.815  1.00 10.06 ? 43  TRP A NE1 1 
ATOM   302  C CE2 . TRP A 1 39 ? 12.118  7.801   -5.779  1.00 9.79  ? 43  TRP A CE2 1 
ATOM   303  C CE3 . TRP A 1 39 ? 10.992  5.699   -5.371  1.00 10.46 ? 43  TRP A CE3 1 
ATOM   304  C CZ2 . TRP A 1 39 ? 12.613  7.842   -4.475  1.00 11.25 ? 43  TRP A CZ2 1 
ATOM   305  C CZ3 . TRP A 1 39 ? 11.483  5.738   -4.080  1.00 11.42 ? 43  TRP A CZ3 1 
ATOM   306  C CH2 . TRP A 1 39 ? 12.286  6.804   -3.642  1.00 12.01 ? 43  TRP A CH2 1 
ATOM   307  N N   . TRP A 1 40 ? 10.088  3.208   -9.564  1.00 8.38  ? 44  TRP A N   1 
ATOM   308  C CA  . TRP A 1 40 ? 9.206   2.169   -10.021 1.00 8.21  ? 44  TRP A CA  1 
ATOM   309  C C   . TRP A 1 40 ? 8.505   1.704   -8.790  1.00 9.09  ? 44  TRP A C   1 
ATOM   310  O O   . TRP A 1 40 ? 8.929   1.976   -7.665  1.00 8.98  ? 44  TRP A O   1 
ATOM   311  C CB  . TRP A 1 40 ? 9.960   0.983   -10.566 1.00 8.42  ? 44  TRP A CB  1 
ATOM   312  C CG  . TRP A 1 40 ? 10.644  1.220   -11.828 1.00 8.95  ? 44  TRP A CG  1 
ATOM   313  C CD1 . TRP A 1 40 ? 10.552  2.316   -12.640 1.00 8.27  ? 44  TRP A CD1 1 
ATOM   314  C CD2 . TRP A 1 40 ? 11.520  0.308   -12.474 1.00 8.64  ? 44  TRP A CD2 1 
ATOM   315  N NE1 . TRP A 1 40 ? 11.324  2.131   -13.760 1.00 9.08  ? 44  TRP A NE1 1 
ATOM   316  C CE2 . TRP A 1 40 ? 11.927  0.905   -13.683 1.00 9.03  ? 44  TRP A CE2 1 
ATOM   317  C CE3 . TRP A 1 40 ? 11.999  -0.964  -12.148 1.00 9.84  ? 44  TRP A CE3 1 
ATOM   318  C CZ2 . TRP A 1 40 ? 12.792  0.272   -14.569 1.00 9.01  ? 44  TRP A CZ2 1 
ATOM   319  C CZ3 . TRP A 1 40 ? 12.857  -1.591  -13.023 1.00 8.43  ? 44  TRP A CZ3 1 
ATOM   320  C CH2 . TRP A 1 40 ? 13.247  -0.974  -14.223 1.00 9.95  ? 44  TRP A CH2 1 
ATOM   321  N N   . GLU A 1 41 ? 7.424   0.989   -8.998  1.00 8.55  ? 45  GLU A N   1 
ATOM   322  C CA  . GLU A 1 41 ? 6.732   0.451   -7.872  1.00 8.55  ? 45  GLU A CA  1 
ATOM   323  C C   . GLU A 1 41 ? 6.823   -1.040  -8.059  1.00 8.65  ? 45  GLU A C   1 
ATOM   324  O O   . GLU A 1 41 ? 6.843   -1.552  -9.176  1.00 9.14  ? 45  GLU A O   1 
ATOM   325  C CB  . GLU A 1 41 ? 5.288   0.908   -7.840  1.00 10.35 ? 45  GLU A CB  1 
ATOM   326  C CG  . GLU A 1 41 ? 4.650   0.587   -6.522  1.00 11.67 ? 45  GLU A CG  1 
ATOM   327  C CD  . GLU A 1 41 ? 3.223   1.029   -6.461  1.00 12.32 ? 45  GLU A CD  1 
ATOM   328  O OE1 . GLU A 1 41 ? 2.594   1.117   -7.532  1.00 14.50 ? 45  GLU A OE1 1 
ATOM   329  O OE2 . GLU A 1 41 ? 2.740   1.265   -5.338  1.00 13.88 ? 45  GLU A OE2 1 
ATOM   330  N N   . GLY A 1 42 ? 6.897   -1.750  -6.958  1.00 9.69  ? 46  GLY A N   1 
ATOM   331  C CA  . GLY A 1 42 ? 6.990   -3.173  -7.094  1.00 9.70  ? 46  GLY A CA  1 
ATOM   332  C C   . GLY A 1 42 ? 6.851   -3.779  -5.740  1.00 10.04 ? 46  GLY A C   1 
ATOM   333  O O   . GLY A 1 42 ? 6.538   -3.114  -4.756  1.00 9.09  ? 46  GLY A O   1 
ATOM   334  N N   . THR A 1 43 ? 7.111   -5.066  -5.695  1.00 10.10 ? 47  THR A N   1 
ATOM   335  C CA  . THR A 1 43 ? 6.990   -5.766  -4.458  1.00 10.37 ? 47  THR A CA  1 
ATOM   336  C C   . THR A 1 43 ? 8.215   -6.589  -4.233  1.00 9.62  ? 47  THR A C   1 
ATOM   337  O O   . THR A 1 43 ? 8.924   -6.973  -5.159  1.00 9.47  ? 47  THR A O   1 
ATOM   338  C CB  . THR A 1 43 ? 5.789   -6.704  -4.477  1.00 11.14 ? 47  THR A CB  1 
ATOM   339  O OG1 . THR A 1 43 ? 6.006   -7.723  -5.456  1.00 10.69 ? 47  THR A OG1 1 
ATOM   340  C CG2 . THR A 1 43 ? 4.534   -5.943  -4.843  1.00 11.35 ? 47  THR A CG2 1 
ATOM   341  N N   . HIS A 1 44 ? 8.471   -6.828  -2.969  1.00 9.70  ? 48  HIS A N   1 
ATOM   342  C CA  . HIS A 1 44 ? 9.564   -7.664  -2.580  1.00 8.90  ? 48  HIS A CA  1 
ATOM   343  C C   . HIS A 1 44 ? 8.993   -8.431  -1.425  1.00 9.89  ? 48  HIS A C   1 
ATOM   344  O O   . HIS A 1 44 ? 8.540   -7.841  -0.449  1.00 10.38 ? 48  HIS A O   1 
ATOM   345  C CB  . HIS A 1 44 ? 10.763  -6.878  -2.104  1.00 9.89  ? 48  HIS A CB  1 
ATOM   346  C CG  . HIS A 1 44 ? 11.764  -7.746  -1.427  1.00 10.15 ? 48  HIS A CG  1 
ATOM   347  N ND1 . HIS A 1 44 ? 11.940  -7.756  -0.061  1.00 13.05 ? 48  HIS A ND1 1 
ATOM   348  C CD2 . HIS A 1 44 ? 12.536  -8.741  -1.915  1.00 9.16  ? 48  HIS A CD2 1 
ATOM   349  C CE1 . HIS A 1 44 ? 12.779  -8.725  0.261   1.00 9.93  ? 48  HIS A CE1 1 
ATOM   350  N NE2 . HIS A 1 44 ? 13.154  -9.337  -0.846  1.00 12.19 ? 48  HIS A NE2 1 
ATOM   351  N N   . ASN A 1 45 ? 9.014   -9.747  -1.544  1.00 10.15 ? 49  ASN A N   1 
ATOM   352  C CA  . ASN A 1 45 ? 8.458   -10.584 -0.513  1.00 10.85 ? 49  ASN A CA  1 
ATOM   353  C C   . ASN A 1 45 ? 7.072   -10.062 -0.190  1.00 11.00 ? 49  ASN A C   1 
ATOM   354  O O   . ASN A 1 45 ? 6.291   -9.838  -1.109  1.00 10.96 ? 49  ASN A O   1 
ATOM   355  C CB  . ASN A 1 45 ? 9.383   -10.595 0.696   1.00 10.29 ? 49  ASN A CB  1 
ATOM   356  C CG  . ASN A 1 45 ? 10.629  -11.391 0.423   1.00 10.05 ? 49  ASN A CG  1 
ATOM   357  O OD1 . ASN A 1 45 ? 10.808  -11.884 -0.689  1.00 12.36 ? 49  ASN A OD1 1 
ATOM   358  N ND2 . ASN A 1 45 ? 11.494  -11.523 1.412   1.00 12.51 ? 49  ASN A ND2 1 
ATOM   359  N N   . GLY A 1 46 ? 6.762   -9.848  1.080   1.00 11.73 ? 50  GLY A N   1 
ATOM   360  C CA  . GLY A 1 46 ? 5.426   -9.391  1.416   1.00 12.52 ? 50  GLY A CA  1 
ATOM   361  C C   . GLY A 1 46 ? 5.197   -7.898  1.347   1.00 13.62 ? 50  GLY A C   1 
ATOM   362  O O   . GLY A 1 46 ? 4.117   -7.428  1.685   1.00 14.69 ? 50  GLY A O   1 
ATOM   363  N N   . ARG A 1 47 ? 6.189   -7.145  0.896   1.00 12.93 ? 51  ARG A N   1 
ATOM   364  C CA  . ARG A 1 47 ? 6.042   -5.702  0.849   1.00 12.99 ? 51  ARG A CA  1 
ATOM   365  C C   . ARG A 1 47 ? 5.917   -5.119  -0.541  1.00 12.67 ? 51  ARG A C   1 
ATOM   366  O O   . ARG A 1 47 ? 6.376   -5.690  -1.528  1.00 11.85 ? 51  ARG A O   1 
ATOM   367  C CB  . ARG A 1 47 ? 7.196   -5.054  1.604   1.00 14.06 ? 51  ARG A CB  1 
ATOM   368  C CG  . ARG A 1 47 ? 7.177   -5.441  3.070   1.00 14.22 ? 51  ARG A CG  1 
ATOM   369  C CD  . ARG A 1 47 ? 8.335   -4.871  3.850   1.00 16.04 ? 51  ARG A CD  1 
ATOM   370  N NE  . ARG A 1 47 ? 9.614   -5.425  3.420   1.00 19.37 ? 51  ARG A NE  1 
ATOM   371  C CZ  . ARG A 1 47 ? 10.465  -4.795  2.621   1.00 18.73 ? 51  ARG A CZ  1 
ATOM   372  N NH1 . ARG A 1 47 ? 10.174  -3.587  2.165   1.00 20.34 ? 51  ARG A NH1 1 
ATOM   373  N NH2 . ARG A 1 47 ? 11.609  -5.370  2.278   1.00 20.29 ? 51  ARG A NH2 1 
ATOM   374  N N   . THR A 1 48 ? 5.268   -3.968  -0.601  1.00 13.25 ? 52  THR A N   1 
ATOM   375  C CA  . THR A 1 48 ? 5.057   -3.281  -1.856  1.00 14.10 ? 52  THR A CA  1 
ATOM   376  C C   . THR A 1 48 ? 5.467   -1.846  -1.680  1.00 13.30 ? 52  THR A C   1 
ATOM   377  O O   . THR A 1 48 ? 5.450   -1.305  -0.578  1.00 13.92 ? 52  THR A O   1 
ATOM   378  C CB  . THR A 1 48 ? 3.578   -3.260  -2.263  1.00 16.04 ? 52  THR A CB  1 
ATOM   379  O OG1 . THR A 1 48 ? 2.832   -2.532  -1.282  1.00 21.78 ? 52  THR A OG1 1 
ATOM   380  C CG2 . THR A 1 48 ? 3.026   -4.655  -2.357  1.00 15.94 ? 52  THR A CG2 1 
ATOM   381  N N   . GLY A 1 49 ? 5.839   -1.217  -2.774  1.00 11.44 ? 53  GLY A N   1 
ATOM   382  C CA  . GLY A 1 49 ? 6.192   0.170   -2.658  1.00 9.58  ? 53  GLY A CA  1 
ATOM   383  C C   . GLY A 1 49 ? 7.036   0.646   -3.795  1.00 9.31  ? 53  GLY A C   1 
ATOM   384  O O   . GLY A 1 49 ? 7.525   -0.129  -4.614  1.00 9.53  ? 53  GLY A O   1 
ATOM   385  N N   . TRP A 1 50 ? 7.177   1.958   -3.827  1.00 8.79  ? 54  TRP A N   1 
ATOM   386  C CA  . TRP A 1 50 ? 7.973   2.618   -4.823  1.00 9.13  ? 54  TRP A CA  1 
ATOM   387  C C   . TRP A 1 50 ? 9.401   2.539   -4.386  1.00 9.07  ? 54  TRP A C   1 
ATOM   388  O O   . TRP A 1 50 ? 9.709   2.539   -3.198  1.00 9.77  ? 54  TRP A O   1 
ATOM   389  C CB  . TRP A 1 50 ? 7.576   4.077   -4.932  1.00 10.28 ? 54  TRP A CB  1 
ATOM   390  C CG  . TRP A 1 50 ? 6.260   4.236   -5.529  1.00 9.84  ? 54  TRP A CG  1 
ATOM   391  C CD1 . TRP A 1 50 ? 5.062   4.242   -4.888  1.00 9.91  ? 54  TRP A CD1 1 
ATOM   392  C CD2 . TRP A 1 50 ? 5.983   4.365   -6.917  1.00 10.89 ? 54  TRP A CD2 1 
ATOM   393  N NE1 . TRP A 1 50 ? 4.045   4.372   -5.800  1.00 11.11 ? 54  TRP A NE1 1 
ATOM   394  C CE2 . TRP A 1 50 ? 4.584   4.449   -7.056  1.00 10.41 ? 54  TRP A CE2 1 
ATOM   395  C CE3 . TRP A 1 50 ? 6.783   4.417   -8.065  1.00 10.25 ? 54  TRP A CE3 1 
ATOM   396  C CZ2 . TRP A 1 50 ? 3.963   4.583   -8.294  1.00 10.39 ? 54  TRP A CZ2 1 
ATOM   397  C CZ3 . TRP A 1 50 ? 6.168   4.549   -9.299  1.00 11.05 ? 54  TRP A CZ3 1 
ATOM   398  C CH2 . TRP A 1 50 ? 4.769   4.632   -9.403  1.00 10.83 ? 54  TRP A CH2 1 
ATOM   399  N N   . PHE A 1 51 ? 10.282  2.479   -5.361  1.00 9.44  ? 55  PHE A N   1 
ATOM   400  C CA  . PHE A 1 51 ? 11.686  2.406   -5.060  1.00 9.49  ? 55  PHE A CA  1 
ATOM   401  C C   . PHE A 1 51 ? 12.422  3.004   -6.229  1.00 9.67  ? 55  PHE A C   1 
ATOM   402  O O   . PHE A 1 51 ? 11.892  3.093   -7.339  1.00 8.87  ? 55  PHE A O   1 
ATOM   403  C CB  . PHE A 1 51 ? 12.087  0.954   -4.847  1.00 9.39  ? 55  PHE A CB  1 
ATOM   404  C CG  . PHE A 1 51 ? 11.800  0.083   -6.015  1.00 8.82  ? 55  PHE A CG  1 
ATOM   405  C CD1 . PHE A 1 51 ? 12.713  -0.028  -7.048  1.00 8.93  ? 55  PHE A CD1 1 
ATOM   406  C CD2 . PHE A 1 51 ? 10.594  -0.601  -6.106  1.00 8.84  ? 55  PHE A CD2 1 
ATOM   407  C CE1 . PHE A 1 51 ? 12.437  -0.802  -8.155  1.00 8.98  ? 55  PHE A CE1 1 
ATOM   408  C CE2 . PHE A 1 51 ? 10.308  -1.381  -7.210  1.00 8.97  ? 55  PHE A CE2 1 
ATOM   409  C CZ  . PHE A 1 51 ? 11.227  -1.483  -8.238  1.00 9.62  ? 55  PHE A CZ  1 
ATOM   410  N N   . PRO A 1 52 ? 13.663  3.421   -6.003  1.00 9.25  ? 56  PRO A N   1 
ATOM   411  C CA  . PRO A 1 52 ? 14.446  4.019   -7.077  1.00 9.69  ? 56  PRO A CA  1 
ATOM   412  C C   . PRO A 1 52 ? 14.731  2.980   -8.136  1.00 9.06  ? 56  PRO A C   1 
ATOM   413  O O   . PRO A 1 52 ? 15.293  1.926   -7.851  1.00 9.25  ? 56  PRO A O   1 
ATOM   414  C CB  . PRO A 1 52 ? 15.712  4.489   -6.363  1.00 10.25 ? 56  PRO A CB  1 
ATOM   415  C CG  . PRO A 1 52 ? 15.304  4.584   -4.916  1.00 11.58 ? 56  PRO A CG  1 
ATOM   416  C CD  . PRO A 1 52 ? 14.421  3.399   -4.745  1.00 11.40 ? 56  PRO A CD  1 
ATOM   417  N N   . SER A 1 53 ? 14.346  3.281   -9.363  1.00 9.84  ? 57  SER A N   1 
ATOM   418  C CA  . SER A 1 53 ? 14.553  2.342   -10.446 1.00 9.93  ? 57  SER A CA  1 
ATOM   419  C C   . SER A 1 53 ? 16.023  2.081   -10.710 1.00 9.76  ? 57  SER A C   1 
ATOM   420  O O   . SER A 1 53 ? 16.372  1.056   -11.278 1.00 10.41 ? 57  SER A O   1 
ATOM   421  C CB  . SER A 1 53 ? 13.891  2.858   -11.714 1.00 10.52 ? 57  SER A CB  1 
ATOM   422  O OG  . SER A 1 53 ? 14.424  4.120   -12.054 1.00 10.78 ? 57  SER A OG  1 
ATOM   423  N N   . ASN A 1 54 ? 16.888  2.999   -10.298 1.00 9.01  ? 58  ASN A N   1 
ATOM   424  C CA  . ASN A 1 54 ? 18.310  2.800   -10.515 1.00 9.84  ? 58  ASN A CA  1 
ATOM   425  C C   . ASN A 1 54 ? 18.941  2.025   -9.372  1.00 9.82  ? 58  ASN A C   1 
ATOM   426  O O   . ASN A 1 54 ? 20.152  1.820   -9.343  1.00 11.24 ? 58  ASN A O   1 
ATOM   427  C CB  . ASN A 1 54 ? 19.020  4.140   -10.723 1.00 9.98  ? 58  ASN A CB  1 
ATOM   428  C CG  . ASN A 1 54 ? 18.801  5.107   -9.586  1.00 12.14 ? 58  ASN A CG  1 
ATOM   429  O OD1 . ASN A 1 54 ? 17.793  5.049   -8.884  1.00 12.31 ? 58  ASN A OD1 1 
ATOM   430  N ND2 . ASN A 1 54 ? 19.741  6.031   -9.416  1.00 14.82 ? 58  ASN A ND2 1 
ATOM   431  N N   . TYR A 1 55 ? 18.118  1.590   -8.427  1.00 9.88  ? 59  TYR A N   1 
ATOM   432  C CA  . TYR A 1 55 ? 18.625  0.806   -7.310  1.00 10.03 ? 59  TYR A CA  1 
ATOM   433  C C   . TYR A 1 55 ? 18.476  -0.672  -7.551  1.00 10.12 ? 59  TYR A C   1 
ATOM   434  O O   . TYR A 1 55 ? 18.863  -1.486  -6.719  1.00 11.87 ? 59  TYR A O   1 
ATOM   435  C CB  . TYR A 1 55 ? 17.907  1.173   -6.027  1.00 10.86 ? 59  TYR A CB  1 
ATOM   436  C CG  . TYR A 1 55 ? 18.598  2.283   -5.304  1.00 11.02 ? 59  TYR A CG  1 
ATOM   437  C CD1 . TYR A 1 55 ? 18.852  3.491   -5.941  1.00 11.05 ? 59  TYR A CD1 1 
ATOM   438  C CD2 . TYR A 1 55 ? 19.034  2.118   -3.995  1.00 12.37 ? 59  TYR A CD2 1 
ATOM   439  C CE1 . TYR A 1 55 ? 19.527  4.505   -5.295  1.00 12.57 ? 59  TYR A CE1 1 
ATOM   440  C CE2 . TYR A 1 55 ? 19.712  3.126   -3.339  1.00 13.41 ? 59  TYR A CE2 1 
ATOM   441  C CZ  . TYR A 1 55 ? 19.958  4.316   -3.999  1.00 13.16 ? 59  TYR A CZ  1 
ATOM   442  O OH  . TYR A 1 55 ? 20.655  5.318   -3.380  1.00 13.46 ? 59  TYR A OH  1 
ATOM   443  N N   . VAL A 1 56 ? 17.917  -1.014  -8.701  1.00 9.70  ? 60  VAL A N   1 
ATOM   444  C CA  . VAL A 1 56 ? 17.716  -2.403  -9.032  1.00 9.84  ? 60  VAL A CA  1 
ATOM   445  C C   . VAL A 1 56 ? 18.342  -2.696  -10.369 1.00 10.61 ? 60  VAL A C   1 
ATOM   446  O O   . VAL A 1 56 ? 18.719  -1.787  -11.111 1.00 10.70 ? 60  VAL A O   1 
ATOM   447  C CB  . VAL A 1 56 ? 16.225  -2.751  -9.092  1.00 9.63  ? 60  VAL A CB  1 
ATOM   448  C CG1 . VAL A 1 56 ? 15.568  -2.383  -7.780  1.00 10.01 ? 60  VAL A CG1 1 
ATOM   449  C CG2 . VAL A 1 56 ? 15.564  -2.023  -10.254 1.00 11.12 ? 60  VAL A CG2 1 
ATOM   450  N N   . ARG A 1 57 ? 18.454  -3.979  -10.662 1.00 10.49 ? 61  ARG A N   1 
ATOM   451  C CA  . ARG A 1 57 ? 19.026  -4.432  -11.907 1.00 11.53 ? 61  ARG A CA  1 
ATOM   452  C C   . ARG A 1 57 ? 18.233  -5.630  -12.350 1.00 11.81 ? 61  ARG A C   1 
ATOM   453  O O   . ARG A 1 57 ? 17.762  -6.406  -11.526 1.00 11.97 ? 61  ARG A O   1 
ATOM   454  C CB  . ARG A 1 57 ? 20.478  -4.850  -11.705 1.00 11.61 ? 61  ARG A CB  1 
ATOM   455  C CG  . ARG A 1 57 ? 21.389  -3.721  -11.314 1.00 12.51 ? 61  ARG A CG  1 
ATOM   456  C CD  . ARG A 1 57 ? 21.572  -2.767  -12.476 1.00 13.82 ? 61  ARG A CD  1 
ATOM   457  N NE  . ARG A 1 57 ? 22.562  -1.757  -12.147 1.00 14.12 ? 61  ARG A NE  1 
ATOM   458  C CZ  . ARG A 1 57 ? 22.312  -0.667  -11.434 1.00 13.89 ? 61  ARG A CZ  1 
ATOM   459  N NH1 . ARG A 1 57 ? 21.090  -0.425  -10.976 1.00 12.88 ? 61  ARG A NH1 1 
ATOM   460  N NH2 . ARG A 1 57 ? 23.300  0.169   -11.159 1.00 15.07 ? 61  ARG A NH2 1 
ATOM   461  N N   . GLU A 1 58 ? 18.082  -5.773  -13.656 1.00 12.03 ? 62  GLU A N   1 
ATOM   462  C CA  . GLU A 1 58 ? 17.363  -6.906  -14.198 1.00 14.25 ? 62  GLU A CA  1 
ATOM   463  C C   . GLU A 1 58 ? 18.139  -8.165  -13.851 1.00 17.23 ? 62  GLU A C   1 
ATOM   464  O O   . GLU A 1 58 ? 19.367  -8.161  -13.816 1.00 17.36 ? 62  GLU A O   1 
ATOM   465  C CB  . GLU A 1 58 ? 17.237  -6.770  -15.713 1.00 14.18 ? 62  GLU A CB  1 
ATOM   466  C CG  . GLU A 1 58 ? 16.293  -5.670  -16.156 1.00 13.24 ? 62  GLU A CG  1 
ATOM   467  C CD  . GLU A 1 58 ? 16.642  -4.329  -15.554 1.00 13.67 ? 62  GLU A CD  1 
ATOM   468  O OE1 . GLU A 1 58 ? 17.827  -3.941  -15.627 1.00 12.08 ? 62  GLU A OE1 1 
ATOM   469  O OE2 . GLU A 1 58 ? 15.735  -3.666  -15.018 1.00 12.60 ? 62  GLU A OE2 1 
ATOM   470  N N   . ILE A 1 59 ? 17.413  -9.240  -13.585 1.00 20.38 ? 63  ILE A N   1 
ATOM   471  C CA  . ILE A 1 59 ? 18.037  -10.507 -13.244 1.00 23.60 ? 63  ILE A CA  1 
ATOM   472  C C   . ILE A 1 59 ? 18.302  -11.309 -14.510 1.00 25.41 ? 63  ILE A C   1 
ATOM   473  O O   . ILE A 1 59 ? 19.442  -11.793 -14.670 1.00 27.64 ? 63  ILE A O   1 
ATOM   474  C CB  . ILE A 1 59 ? 17.136  -11.317 -12.300 1.00 23.58 ? 63  ILE A CB  1 
ATOM   475  C CG1 . ILE A 1 59 ? 16.899  -10.517 -11.018 1.00 22.63 ? 63  ILE A CG1 1 
ATOM   476  C CG2 . ILE A 1 59 ? 17.778  -12.662 -11.991 1.00 23.95 ? 63  ILE A CG2 1 
ATOM   477  C CD1 . ILE A 1 59 ? 15.993  -11.190 -10.021 1.00 23.47 ? 63  ILE A CD1 1 
ATOM   478  O OXT . ILE A 1 59 ? 17.365  -11.439 -15.324 1.00 28.85 ? 63  ILE A OXT 1 
ATOM   479  N N   . GLY B 1 1  ? -19.325 -10.587 20.488  1.00 29.98 ? 5   GLY B N   1 
ATOM   480  C CA  . GLY B 1 1  ? -20.459 -10.085 19.659  1.00 29.08 ? 5   GLY B CA  1 
ATOM   481  C C   . GLY B 1 1  ? -20.115 -8.799  18.931  1.00 28.94 ? 5   GLY B C   1 
ATOM   482  O O   . GLY B 1 1  ? -19.209 -8.783  18.095  1.00 28.62 ? 5   GLY B O   1 
ATOM   483  N N   . PRO B 1 2  ? -20.828 -7.699  19.220  1.00 28.82 ? 6   PRO B N   1 
ATOM   484  C CA  . PRO B 1 2  ? -20.567 -6.413  18.570  1.00 27.45 ? 6   PRO B CA  1 
ATOM   485  C C   . PRO B 1 2  ? -19.103 -5.995  18.690  1.00 26.28 ? 6   PRO B C   1 
ATOM   486  O O   . PRO B 1 2  ? -18.553 -5.933  19.788  1.00 26.33 ? 6   PRO B O   1 
ATOM   487  C CB  . PRO B 1 2  ? -21.503 -5.463  19.310  1.00 28.35 ? 6   PRO B CB  1 
ATOM   488  C CG  . PRO B 1 2  ? -22.669 -6.338  19.622  1.00 29.20 ? 6   PRO B CG  1 
ATOM   489  C CD  . PRO B 1 2  ? -22.000 -7.605  20.109  1.00 29.09 ? 6   PRO B CD  1 
ATOM   490  N N   . LEU B 1 3  ? -18.480 -5.716  17.551  1.00 24.81 ? 7   LEU B N   1 
ATOM   491  C CA  . LEU B 1 3  ? -17.081 -5.303  17.511  1.00 21.97 ? 7   LEU B CA  1 
ATOM   492  C C   . LEU B 1 3  ? -16.137 -6.433  17.919  1.00 20.87 ? 7   LEU B C   1 
ATOM   493  O O   . LEU B 1 3  ? -14.955 -6.210  18.175  1.00 18.61 ? 7   LEU B O   1 
ATOM   494  C CB  . LEU B 1 3  ? -16.858 -4.087  18.416  1.00 22.33 ? 7   LEU B CB  1 
ATOM   495  C CG  . LEU B 1 3  ? -17.738 -2.868  18.125  1.00 21.33 ? 7   LEU B CG  1 
ATOM   496  C CD1 . LEU B 1 3  ? -17.282 -1.702  18.985  1.00 22.56 ? 7   LEU B CD1 1 
ATOM   497  C CD2 . LEU B 1 3  ? -17.657 -2.502  16.654  1.00 22.30 ? 7   LEU B CD2 1 
ATOM   498  N N   . GLY B 1 4  ? -16.666 -7.650  17.970  1.00 19.21 ? 8   GLY B N   1 
ATOM   499  C CA  . GLY B 1 4  ? -15.848 -8.790  18.334  1.00 18.82 ? 8   GLY B CA  1 
ATOM   500  C C   . GLY B 1 4  ? -14.856 -9.135  17.238  1.00 17.34 ? 8   GLY B C   1 
ATOM   501  O O   . GLY B 1 4  ? -13.811 -9.733  17.502  1.00 19.89 ? 8   GLY B O   1 
ATOM   502  N N   . SER B 1 5  ? -15.188 -8.767  16.004  1.00 16.37 ? 9   SER B N   1 
ATOM   503  C CA  . SER B 1 5  ? -14.318 -9.034  14.865  1.00 15.29 ? 9   SER B CA  1 
ATOM   504  C C   . SER B 1 5  ? -13.344 -7.881  14.767  1.00 14.67 ? 9   SER B C   1 
ATOM   505  O O   . SER B 1 5  ? -13.728 -6.751  14.472  1.00 14.00 ? 9   SER B O   1 
ATOM   506  C CB  . SER B 1 5  ? -15.131 -9.140  13.577  1.00 17.11 ? 9   SER B CB  1 
ATOM   507  O OG  . SER B 1 5  ? -15.966 -10.282 13.602  1.00 22.44 ? 9   SER B OG  1 
ATOM   508  N N   . VAL B 1 6  ? -12.079 -8.176  15.011  1.00 12.11 ? 10  VAL B N   1 
ATOM   509  C CA  . VAL B 1 6  ? -11.060 -7.151  14.994  1.00 11.90 ? 10  VAL B CA  1 
ATOM   510  C C   . VAL B 1 6  ? -10.035 -7.416  13.918  1.00 11.29 ? 10  VAL B C   1 
ATOM   511  O O   . VAL B 1 6  ? -9.643  -8.555  13.669  1.00 11.66 ? 10  VAL B O   1 
ATOM   512  C CB  . VAL B 1 6  ? -10.342 -7.093  16.343  1.00 11.61 ? 10  VAL B CB  1 
ATOM   513  C CG1 . VAL B 1 6  ? -9.515  -5.835  16.429  1.00 10.12 ? 10  VAL B CG1 1 
ATOM   514  C CG2 . VAL B 1 6  ? -11.352 -7.154  17.475  1.00 11.24 ? 10  VAL B CG2 1 
ATOM   515  N N   . VAL B 1 7  ? -9.599  -6.347  13.278  1.00 10.12 ? 11  VAL B N   1 
ATOM   516  C CA  . VAL B 1 7  ? -8.598  -6.467  12.249  1.00 10.14 ? 11  VAL B CA  1 
ATOM   517  C C   . VAL B 1 7  ? -7.579  -5.385  12.470  1.00 9.77  ? 11  VAL B C   1 
ATOM   518  O O   . VAL B 1 7  ? -7.832  -4.408  13.170  1.00 10.10 ? 11  VAL B O   1 
ATOM   519  C CB  . VAL B 1 7  ? -9.198  -6.284  10.846  1.00 10.13 ? 11  VAL B CB  1 
ATOM   520  C CG1 . VAL B 1 7  ? -10.243 -7.347  10.591  1.00 10.75 ? 11  VAL B CG1 1 
ATOM   521  C CG2 . VAL B 1 7  ? -9.815  -4.897  10.717  1.00 10.69 ? 11  VAL B CG2 1 
ATOM   522  N N   . ARG B 1 8  ? -6.411  -5.585  11.893  1.00 8.95  ? 12  ARG B N   1 
ATOM   523  C CA  . ARG B 1 8  ? -5.378  -4.589  11.992  1.00 10.05 ? 12  ARG B CA  1 
ATOM   524  C C   . ARG B 1 8  ? -5.082  -4.180  10.571  1.00 10.67 ? 12  ARG B C   1 
ATOM   525  O O   . ARG B 1 8  ? -4.995  -5.016  9.674   1.00 10.82 ? 12  ARG B O   1 
ATOM   526  C CB  . ARG B 1 8  ? -4.129  -5.149  12.648  1.00 10.16 ? 12  ARG B CB  1 
ATOM   527  C CG  . ARG B 1 8  ? -3.089  -4.081  12.851  1.00 10.81 ? 12  ARG B CG  1 
ATOM   528  C CD  . ARG B 1 8  ? -1.863  -4.635  13.513  1.00 9.59  ? 12  ARG B CD  1 
ATOM   529  N NE  . ARG B 1 8  ? -2.138  -5.184  14.837  1.00 10.61 ? 12  ARG B NE  1 
ATOM   530  C CZ  . ARG B 1 8  ? -2.345  -4.456  15.926  1.00 11.48 ? 12  ARG B CZ  1 
ATOM   531  N NH1 . ARG B 1 8  ? -2.316  -3.131  15.868  1.00 10.12 ? 12  ARG B NH1 1 
ATOM   532  N NH2 . ARG B 1 8  ? -2.565  -5.060  17.085  1.00 11.96 ? 12  ARG B NH2 1 
ATOM   533  N N   . ALA B 1 9  ? -4.945  -2.884  10.365  1.00 10.13 ? 13  ALA B N   1 
ATOM   534  C CA  . ALA B 1 9  ? -4.656  -2.380  9.042   1.00 10.86 ? 13  ALA B CA  1 
ATOM   535  C C   . ALA B 1 9  ? -3.276  -2.833  8.615   1.00 10.96 ? 13  ALA B C   1 
ATOM   536  O O   . ALA B 1 9  ? -2.310  -2.691  9.359   1.00 12.00 ? 13  ALA B O   1 
ATOM   537  C CB  . ALA B 1 9  ? -4.725  -0.877  9.041   1.00 10.77 ? 13  ALA B CB  1 
ATOM   538  N N   . LYS B 1 10 ? -3.189  -3.382  7.413   1.00 11.61 ? 14  LYS B N   1 
ATOM   539  C CA  . LYS B 1 10 ? -1.911  -3.831  6.886   1.00 12.27 ? 14  LYS B CA  1 
ATOM   540  C C   . LYS B 1 10 ? -1.297  -2.689  6.103   1.00 12.54 ? 14  LYS B C   1 
ATOM   541  O O   . LYS B 1 10 ? -0.089  -2.646  5.888   1.00 12.94 ? 14  LYS B O   1 
ATOM   542  C CB  . LYS B 1 10 ? -2.099  -5.030  5.961   1.00 15.91 ? 14  LYS B CB  1 
ATOM   543  C CG  . LYS B 1 10 ? -2.714  -6.241  6.626   1.00 18.10 ? 14  LYS B CG  1 
ATOM   544  C CD  . LYS B 1 10 ? -2.695  -7.444  5.692   1.00 20.47 ? 14  LYS B CD  1 
ATOM   545  C CE  . LYS B 1 10 ? -3.454  -7.174  4.406   1.00 22.22 ? 14  LYS B CE  1 
ATOM   546  N NZ  . LYS B 1 10 ? -3.419  -8.356  3.495   1.00 24.44 ? 14  LYS B NZ  1 
ATOM   547  N N   . PHE B 1 11 ? -2.144  -1.760  5.680   1.00 12.02 ? 15  PHE B N   1 
ATOM   548  C CA  . PHE B 1 11 ? -1.689  -0.622  4.904   1.00 13.26 ? 15  PHE B CA  1 
ATOM   549  C C   . PHE B 1 11 ? -2.429  0.611   5.346   1.00 12.47 ? 15  PHE B C   1 
ATOM   550  O O   . PHE B 1 11 ? -3.487  0.536   5.973   1.00 12.59 ? 15  PHE B O   1 
ATOM   551  C CB  . PHE B 1 11 ? -1.992  -0.827  3.422   1.00 14.30 ? 15  PHE B CB  1 
ATOM   552  C CG  . PHE B 1 11 ? -1.598  -2.170  2.903   1.00 15.09 ? 15  PHE B CG  1 
ATOM   553  C CD1 . PHE B 1 11 ? -0.259  -2.522  2.793   1.00 17.48 ? 15  PHE B CD1 1 
ATOM   554  C CD2 . PHE B 1 11 ? -2.569  -3.093  2.532   1.00 17.01 ? 15  PHE B CD2 1 
ATOM   555  C CE1 . PHE B 1 11 ? 0.109   -3.772  2.319   1.00 18.46 ? 15  PHE B CE1 1 
ATOM   556  C CE2 . PHE B 1 11 ? -2.211  -4.348  2.057   1.00 18.25 ? 15  PHE B CE2 1 
ATOM   557  C CZ  . PHE B 1 11 ? -0.869  -4.688  1.951   1.00 18.38 ? 15  PHE B CZ  1 
ATOM   558  N N   . ASN B 1 12 ? -1.863  1.759   5.014   1.00 13.01 ? 16  ASN B N   1 
ATOM   559  C CA  . ASN B 1 12 ? -2.523  3.000   5.322   1.00 11.99 ? 16  ASN B CA  1 
ATOM   560  C C   . ASN B 1 12 ? -3.685  3.064   4.362   1.00 11.43 ? 16  ASN B C   1 
ATOM   561  O O   . ASN B 1 12 ? -3.635  2.538   3.252   1.00 12.14 ? 16  ASN B O   1 
ATOM   562  C CB  . ASN B 1 12 ? -1.619  4.198   5.046   1.00 13.35 ? 16  ASN B CB  1 
ATOM   563  C CG  . ASN B 1 12 ? -0.416  4.229   5.942   1.00 15.90 ? 16  ASN B CG  1 
ATOM   564  O OD1 . ASN B 1 12 ? -0.505  3.913   7.124   1.00 15.20 ? 16  ASN B OD1 1 
ATOM   565  N ND2 . ASN B 1 12 ? 0.721   4.630   5.391   1.00 16.95 ? 16  ASN B ND2 1 
ATOM   566  N N   . PHE B 1 13 ? -4.756  3.688   4.804   1.00 10.98 ? 17  PHE B N   1 
ATOM   567  C CA  . PHE B 1 13 ? -5.887  3.862   3.937   1.00 10.58 ? 17  PHE B CA  1 
ATOM   568  C C   . PHE B 1 13 ? -6.474  5.210   4.223   1.00 11.10 ? 17  PHE B C   1 
ATOM   569  O O   . PHE B 1 13 ? -6.761  5.541   5.367   1.00 10.19 ? 17  PHE B O   1 
ATOM   570  C CB  . PHE B 1 13 ? -6.971  2.824   4.167   1.00 10.95 ? 17  PHE B CB  1 
ATOM   571  C CG  . PHE B 1 13 ? -8.219  3.120   3.407   1.00 10.58 ? 17  PHE B CG  1 
ATOM   572  C CD1 . PHE B 1 13 ? -8.211  3.120   2.018   1.00 12.06 ? 17  PHE B CD1 1 
ATOM   573  C CD2 . PHE B 1 13 ? -9.380  3.488   4.069   1.00 11.64 ? 17  PHE B CD2 1 
ATOM   574  C CE1 . PHE B 1 13 ? -9.338  3.486   1.300   1.00 12.29 ? 17  PHE B CE1 1 
ATOM   575  C CE2 . PHE B 1 13 ? -10.515 3.857   3.358   1.00 11.33 ? 17  PHE B CE2 1 
ATOM   576  C CZ  . PHE B 1 13 ? -10.491 3.858   1.969   1.00 12.39 ? 17  PHE B CZ  1 
ATOM   577  N N   . GLN B 1 14 ? -6.627  6.007   3.184   1.00 11.00 ? 18  GLN B N   1 
ATOM   578  C CA  . GLN B 1 14 ? -7.238  7.293   3.379   1.00 11.67 ? 18  GLN B CA  1 
ATOM   579  C C   . GLN B 1 14 ? -8.561  7.239   2.663   1.00 11.29 ? 18  GLN B C   1 
ATOM   580  O O   . GLN B 1 14 ? -8.639  6.887   1.489   1.00 11.83 ? 18  GLN B O   1 
ATOM   581  C CB  . GLN B 1 14 ? -6.390  8.420   2.822   1.00 12.35 ? 18  GLN B CB  1 
ATOM   582  C CG  . GLN B 1 14 ? -7.098  9.744   2.978   1.00 12.42 ? 18  GLN B CG  1 
ATOM   583  C CD  . GLN B 1 14 ? -6.242  10.908  2.586   1.00 15.56 ? 18  GLN B CD  1 
ATOM   584  O OE1 . GLN B 1 14 ? -6.741  11.905  2.079   1.00 17.23 ? 18  GLN B OE1 1 
ATOM   585  N NE2 . GLN B 1 14 ? -4.943  10.797  2.827   1.00 16.87 ? 18  GLN B NE2 1 
ATOM   586  N N   . GLN B 1 15 ? -9.608  7.571   3.397   1.00 11.62 ? 19  GLN B N   1 
ATOM   587  C CA  . GLN B 1 15 ? -10.949 7.545   2.862   1.00 11.64 ? 19  GLN B CA  1 
ATOM   588  C C   . GLN B 1 15 ? -11.057 8.247   1.524   1.00 14.23 ? 19  GLN B C   1 
ATOM   589  O O   . GLN B 1 15 ? -10.388 9.244   1.273   1.00 14.19 ? 19  GLN B O   1 
ATOM   590  C CB  . GLN B 1 15 ? -11.898 8.186   3.855   1.00 11.98 ? 19  GLN B CB  1 
ATOM   591  C CG  . GLN B 1 15 ? -11.585 9.632   4.136   1.00 11.15 ? 19  GLN B CG  1 
ATOM   592  C CD  . GLN B 1 15 ? -12.114 10.036  5.477   1.00 11.98 ? 19  GLN B CD  1 
ATOM   593  O OE1 . GLN B 1 15 ? -11.547 9.681   6.512   1.00 13.28 ? 19  GLN B OE1 1 
ATOM   594  N NE2 . GLN B 1 15 ? -13.227 10.753  5.479   1.00 13.58 ? 19  GLN B NE2 1 
ATOM   595  N N   . THR B 1 16 ? -11.908 7.697   0.670   1.00 15.19 ? 20  THR B N   1 
ATOM   596  C CA  . THR B 1 16 ? -12.151 8.239   -0.655  1.00 17.32 ? 20  THR B CA  1 
ATOM   597  C C   . THR B 1 16 ? -13.607 8.668   -0.692  1.00 17.99 ? 20  THR B C   1 
ATOM   598  O O   . THR B 1 16 ? -14.126 9.086   -1.725  1.00 19.18 ? 20  THR B O   1 
ATOM   599  C CB  . THR B 1 16 ? -11.901 7.183   -1.736  1.00 18.60 ? 20  THR B CB  1 
ATOM   600  O OG1 . THR B 1 16 ? -12.811 6.090   -1.558  1.00 19.96 ? 20  THR B OG1 1 
ATOM   601  C CG2 . THR B 1 16 ? -10.472 6.666   -1.644  1.00 19.93 ? 20  THR B CG2 1 
ATOM   602  N N   . ASN B 1 17 ? -14.260 8.537   0.457   1.00 17.04 ? 21  ASN B N   1 
ATOM   603  C CA  . ASN B 1 17 ? -15.651 8.927   0.624   1.00 17.31 ? 21  ASN B CA  1 
ATOM   604  C C   . ASN B 1 17 ? -15.831 9.332   2.079   1.00 16.70 ? 21  ASN B C   1 
ATOM   605  O O   . ASN B 1 17 ? -15.090 8.879   2.951   1.00 14.76 ? 21  ASN B O   1 
ATOM   606  C CB  . ASN B 1 17 ? -16.597 7.774   0.278   1.00 19.35 ? 21  ASN B CB  1 
ATOM   607  C CG  . ASN B 1 17 ? -16.628 7.469   -1.209  1.00 21.45 ? 21  ASN B CG  1 
ATOM   608  O OD1 . ASN B 1 17 ? -15.856 6.650   -1.708  1.00 22.89 ? 21  ASN B OD1 1 
ATOM   609  N ND2 . ASN B 1 17 ? -17.514 8.145   -1.928  1.00 24.02 ? 21  ASN B ND2 1 
ATOM   610  N N   . GLU B 1 18 ? -16.816 10.182  2.341   1.00 17.70 ? 22  GLU B N   1 
ATOM   611  C CA  . GLU B 1 18 ? -17.062 10.651  3.696   1.00 17.75 ? 22  GLU B CA  1 
ATOM   612  C C   . GLU B 1 18 ? -17.412 9.525   4.657   1.00 16.31 ? 22  GLU B C   1 
ATOM   613  O O   . GLU B 1 18 ? -17.205 9.647   5.859   1.00 16.71 ? 22  GLU B O   1 
ATOM   614  C CB  . GLU B 1 18 ? -18.189 11.685  3.700   1.00 20.47 ? 22  GLU B CB  1 
ATOM   615  C CG  . GLU B 1 18 ? -19.510 11.163  3.159   1.00 26.06 ? 22  GLU B CG  1 
ATOM   616  C CD  . GLU B 1 18 ? -20.650 12.139  3.369   1.00 29.54 ? 22  GLU B CD  1 
ATOM   617  O OE1 . GLU B 1 18 ? -20.537 13.298  2.913   1.00 32.43 ? 22  GLU B OE1 1 
ATOM   618  O OE2 . GLU B 1 18 ? -21.661 11.747  3.991   1.00 32.13 ? 22  GLU B OE2 1 
ATOM   619  N N   . ASP B 1 19 ? -17.934 8.426   4.125   1.00 14.98 ? 23  ASP B N   1 
ATOM   620  C CA  . ASP B 1 19 ? -18.328 7.297   4.956   1.00 14.17 ? 23  ASP B CA  1 
ATOM   621  C C   . ASP B 1 19 ? -17.266 6.216   5.006   1.00 12.01 ? 23  ASP B C   1 
ATOM   622  O O   . ASP B 1 19 ? -17.545 5.070   5.342   1.00 12.18 ? 23  ASP B O   1 
ATOM   623  C CB  . ASP B 1 19 ? -19.633 6.702   4.440   1.00 14.59 ? 23  ASP B CB  1 
ATOM   624  C CG  . ASP B 1 19 ? -19.479 6.049   3.086   1.00 15.96 ? 23  ASP B CG  1 
ATOM   625  O OD1 . ASP B 1 19 ? -18.464 6.307   2.403   1.00 16.22 ? 23  ASP B OD1 1 
ATOM   626  O OD2 . ASP B 1 19 ? -20.384 5.280   2.700   1.00 17.23 ? 23  ASP B OD2 1 
ATOM   627  N N   . GLU B 1 20 ? -16.045 6.583   4.655   1.00 11.35 ? 24  GLU B N   1 
ATOM   628  C CA  . GLU B 1 20 ? -14.959 5.633   4.686   1.00 10.51 ? 24  GLU B CA  1 
ATOM   629  C C   . GLU B 1 20 ? -14.020 6.000   5.795   1.00 9.88  ? 24  GLU B C   1 
ATOM   630  O O   . GLU B 1 20 ? -13.873 7.169   6.135   1.00 11.57 ? 24  GLU B O   1 
ATOM   631  C CB  . GLU B 1 20 ? -14.221 5.636   3.361   1.00 11.48 ? 24  GLU B CB  1 
ATOM   632  C CG  . GLU B 1 20 ? -14.991 4.880   2.314   1.00 11.82 ? 24  GLU B CG  1 
ATOM   633  C CD  . GLU B 1 20 ? -14.437 5.061   0.929   1.00 14.28 ? 24  GLU B CD  1 
ATOM   634  O OE1 . GLU B 1 20 ? -13.255 5.431   0.802   1.00 15.52 ? 24  GLU B OE1 1 
ATOM   635  O OE2 . GLU B 1 20 ? -15.189 4.816   -0.033  1.00 15.72 ? 24  GLU B OE2 1 
ATOM   636  N N   . LEU B 1 21 ? -13.394 4.994   6.376   1.00 9.13  ? 25  LEU B N   1 
ATOM   637  C CA  . LEU B 1 21 ? -12.451 5.242   7.436   1.00 9.75  ? 25  LEU B CA  1 
ATOM   638  C C   . LEU B 1 21 ? -11.156 5.687   6.818   1.00 9.68  ? 25  LEU B C   1 
ATOM   639  O O   . LEU B 1 21 ? -10.937 5.563   5.617   1.00 11.27 ? 25  LEU B O   1 
ATOM   640  C CB  . LEU B 1 21 ? -12.159 3.964   8.209   1.00 12.44 ? 25  LEU B CB  1 
ATOM   641  C CG  . LEU B 1 21 ? -13.263 3.321   9.029   1.00 14.07 ? 25  LEU B CG  1 
ATOM   642  C CD1 . LEU B 1 21 ? -12.714 2.050   9.659   1.00 13.62 ? 25  LEU B CD1 1 
ATOM   643  C CD2 . LEU B 1 21 ? -13.740 4.288   10.097  1.00 14.90 ? 25  LEU B CD2 1 
ATOM   644  N N   . SER B 1 22 ? -10.311 6.248   7.655   1.00 11.16 ? 26  SER B N   1 
ATOM   645  C CA  . SER B 1 22 ? -8.983  6.604   7.242   1.00 10.08 ? 26  SER B CA  1 
ATOM   646  C C   . SER B 1 22 ? -8.212  6.067   8.403   1.00 9.58  ? 26  SER B C   1 
ATOM   647  O O   . SER B 1 22 ? -8.569  6.293   9.555   1.00 12.78 ? 26  SER B O   1 
ATOM   648  C CB  . SER B 1 22 ? -8.793  8.104   7.136   1.00 10.73 ? 26  SER B CB  1 
ATOM   649  O OG  . SER B 1 22 ? -9.337  8.558   5.922   1.00 9.96  ? 26  SER B OG  1 
ATOM   650  N N   . PHE B 1 23 ? -7.177  5.313   8.107   1.00 8.92  ? 27  PHE B N   1 
ATOM   651  C CA  . PHE B 1 23 ? -6.388  4.758   9.166   1.00 9.39  ? 27  PHE B CA  1 
ATOM   652  C C   . PHE B 1 23 ? -5.014  4.499   8.632   1.00 9.19  ? 27  PHE B C   1 
ATOM   653  O O   . PHE B 1 23 ? -4.769  4.571   7.431   1.00 9.01  ? 27  PHE B O   1 
ATOM   654  C CB  . PHE B 1 23 ? -7.027  3.465   9.679   1.00 9.56  ? 27  PHE B CB  1 
ATOM   655  C CG  . PHE B 1 23 ? -7.369  2.485   8.598   1.00 9.67  ? 27  PHE B CG  1 
ATOM   656  C CD1 . PHE B 1 23 ? -6.379  1.752   7.958   1.00 10.73 ? 27  PHE B CD1 1 
ATOM   657  C CD2 . PHE B 1 23 ? -8.694  2.291   8.225   1.00 12.03 ? 27  PHE B CD2 1 
ATOM   658  C CE1 . PHE B 1 23 ? -6.706  0.836   6.963   1.00 10.54 ? 27  PHE B CE1 1 
ATOM   659  C CE2 . PHE B 1 23 ? -9.027  1.381   7.232   1.00 11.59 ? 27  PHE B CE2 1 
ATOM   660  C CZ  . PHE B 1 23 ? -8.033  0.653   6.602   1.00 12.13 ? 27  PHE B CZ  1 
ATOM   661  N N   . SER B 1 24 ? -4.109  4.211   9.543   1.00 9.67  ? 28  SER B N   1 
ATOM   662  C CA  . SER B 1 24 ? -2.760  3.930   9.146   1.00 9.67  ? 28  SER B CA  1 
ATOM   663  C C   . SER B 1 24 ? -2.473  2.484   9.400   1.00 10.29 ? 28  SER B C   1 
ATOM   664  O O   . SER B 1 24 ? -3.138  1.827   10.205  1.00 10.00 ? 28  SER B O   1 
ATOM   665  C CB  . SER B 1 24 ? -1.776  4.777   9.938   1.00 12.76 ? 28  SER B CB  1 
ATOM   666  O OG  . SER B 1 24 ? -1.867  6.128   9.539   1.00 13.96 ? 28  SER B OG  1 
ATOM   667  N N   . LYS B 1 25 ? -1.477  1.990   8.690   1.00 11.07 ? 29  LYS B N   1 
ATOM   668  C CA  . LYS B 1 25 ? -1.044  0.628   8.848   1.00 11.25 ? 29  LYS B CA  1 
ATOM   669  C C   . LYS B 1 25 ? -0.826  0.429   10.341  1.00 10.39 ? 29  LYS B C   1 
ATOM   670  O O   . LYS B 1 25 ? -0.278  1.296   11.025  1.00 11.14 ? 29  LYS B O   1 
ATOM   671  C CB  . LYS B 1 25 ? 0.262   0.433   8.084   1.00 14.02 ? 29  LYS B CB  1 
ATOM   672  C CG  . LYS B 1 25 ? 0.911   -0.916  8.251   1.00 18.47 ? 29  LYS B CG  1 
ATOM   673  C CD  . LYS B 1 25 ? 2.127   -0.998  7.344   1.00 21.34 ? 29  LYS B CD  1 
ATOM   674  C CE  . LYS B 1 25 ? 2.780   -2.366  7.408   1.00 24.76 ? 29  LYS B CE  1 
ATOM   675  N NZ  . LYS B 1 25 ? 3.919   -2.472  6.450   1.00 27.29 ? 29  LYS B NZ  1 
ATOM   676  N N   . GLY B 1 26 ? -1.285  -0.708  10.843  1.00 10.41 ? 30  GLY B N   1 
ATOM   677  C CA  . GLY B 1 26 ? -1.118  -1.000  12.248  1.00 11.03 ? 30  GLY B CA  1 
ATOM   678  C C   . GLY B 1 26 ? -2.330  -0.640  13.070  1.00 10.74 ? 30  GLY B C   1 
ATOM   679  O O   . GLY B 1 26 ? -2.469  -1.101  14.195  1.00 11.03 ? 30  GLY B O   1 
ATOM   680  N N   . ASP B 1 27 ? -3.215  0.181   12.519  1.00 9.55  ? 31  ASP B N   1 
ATOM   681  C CA  . ASP B 1 27 ? -4.398  0.566   13.262  1.00 10.12 ? 31  ASP B CA  1 
ATOM   682  C C   . ASP B 1 27 ? -5.363  -0.576  13.405  1.00 9.44  ? 31  ASP B C   1 
ATOM   683  O O   . ASP B 1 27 ? -5.530  -1.394  12.506  1.00 9.44  ? 31  ASP B O   1 
ATOM   684  C CB  . ASP B 1 27 ? -5.113  1.733   12.604  1.00 9.83  ? 31  ASP B CB  1 
ATOM   685  C CG  . ASP B 1 27 ? -4.388  3.032   12.796  1.00 10.58 ? 31  ASP B CG  1 
ATOM   686  O OD1 . ASP B 1 27 ? -3.440  3.079   13.612  1.00 11.35 ? 31  ASP B OD1 1 
ATOM   687  O OD2 . ASP B 1 27 ? -4.781  4.004   12.135  1.00 11.29 ? 31  ASP B OD2 1 
ATOM   688  N N   . VAL B 1 28 ? -6.014  -0.609  14.553  1.00 9.48  ? 32  VAL B N   1 
ATOM   689  C CA  . VAL B 1 28 ? -6.970  -1.643  14.839  1.00 10.51 ? 32  VAL B CA  1 
ATOM   690  C C   . VAL B 1 28 ? -8.360  -1.158  14.499  1.00 10.03 ? 32  VAL B C   1 
ATOM   691  O O   . VAL B 1 28 ? -8.787  -0.072  14.893  1.00 12.48 ? 32  VAL B O   1 
ATOM   692  C CB  . VAL B 1 28 ? -6.891  -2.039  16.301  1.00 9.10  ? 32  VAL B CB  1 
ATOM   693  C CG1 . VAL B 1 28 ? -8.026  -2.968  16.652  1.00 10.35 ? 32  VAL B CG1 1 
ATOM   694  C CG2 . VAL B 1 28 ? -5.562  -2.716  16.561  1.00 10.88 ? 32  VAL B CG2 1 
ATOM   695  N N   . ILE B 1 29 ? -9.066  -1.987  13.757  1.00 8.82  ? 33  ILE B N   1 
ATOM   696  C CA  . ILE B 1 29 ? -10.399 -1.665  13.332  1.00 9.52  ? 33  ILE B CA  1 
ATOM   697  C C   . ILE B 1 29 ? -11.299 -2.789  13.762  1.00 9.16  ? 33  ILE B C   1 
ATOM   698  O O   . ILE B 1 29 ? -10.939 -3.963  13.663  1.00 10.04 ? 33  ILE B O   1 
ATOM   699  C CB  . ILE B 1 29 ? -10.458 -1.562  11.810  1.00 9.89  ? 33  ILE B CB  1 
ATOM   700  C CG1 . ILE B 1 29 ? -9.552  -0.431  11.334  1.00 10.56 ? 33  ILE B CG1 1 
ATOM   701  C CG2 . ILE B 1 29 ? -11.882 -1.346  11.361  1.00 10.51 ? 33  ILE B CG2 1 
ATOM   702  C CD1 . ILE B 1 29 ? -9.162  -0.568  9.884   1.00 15.91 ? 33  ILE B CD1 1 
ATOM   703  N N   . HIS B 1 30 ? -12.461 -2.423  14.270  1.00 9.00  ? 34  HIS B N   1 
ATOM   704  C CA  . HIS B 1 30 ? -13.428 -3.417  14.665  1.00 9.28  ? 34  HIS B CA  1 
ATOM   705  C C   . HIS B 1 30 ? -14.409 -3.449  13.531  1.00 9.91  ? 34  HIS B C   1 
ATOM   706  O O   . HIS B 1 30 ? -14.992 -2.431  13.173  1.00 10.09 ? 34  HIS B O   1 
ATOM   707  C CB  . HIS B 1 30 ? -14.086 -3.014  15.962  1.00 10.04 ? 34  HIS B CB  1 
ATOM   708  C CG  . HIS B 1 30 ? -13.166 -3.132  17.126  1.00 10.00 ? 34  HIS B CG  1 
ATOM   709  N ND1 . HIS B 1 30 ? -13.260 -4.154  18.042  1.00 11.24 ? 34  HIS B ND1 1 
ATOM   710  C CD2 . HIS B 1 30 ? -12.083 -2.403  17.477  1.00 10.21 ? 34  HIS B CD2 1 
ATOM   711  C CE1 . HIS B 1 30 ? -12.273 -4.048  18.912  1.00 10.04 ? 34  HIS B CE1 1 
ATOM   712  N NE2 . HIS B 1 30 ? -11.545 -2.994  18.592  1.00 10.33 ? 34  HIS B NE2 1 
ATOM   713  N N   . VAL B 1 31 ? -14.551 -4.625  12.947  1.00 11.10 ? 35  VAL B N   1 
ATOM   714  C CA  . VAL B 1 31 ? -15.430 -4.798  11.815  1.00 12.39 ? 35  VAL B CA  1 
ATOM   715  C C   . VAL B 1 31 ? -16.876 -4.781  12.256  1.00 13.48 ? 35  VAL B C   1 
ATOM   716  O O   . VAL B 1 31 ? -17.278 -5.531  13.142  1.00 16.55 ? 35  VAL B O   1 
ATOM   717  C CB  . VAL B 1 31 ? -15.108 -6.105  11.085  1.00 14.02 ? 35  VAL B CB  1 
ATOM   718  C CG1 . VAL B 1 31 ? -15.985 -6.246  9.858   1.00 14.73 ? 35  VAL B CG1 1 
ATOM   719  C CG2 . VAL B 1 31 ? -13.642 -6.117  10.691  1.00 14.73 ? 35  VAL B CG2 1 
ATOM   720  N N   . THR B 1 32 ? -17.645 -3.897  11.640  1.00 13.03 ? 36  THR B N   1 
ATOM   721  C CA  . THR B 1 32 ? -19.056 -3.756  11.945  1.00 14.29 ? 36  THR B CA  1 
ATOM   722  C C   . THR B 1 32 ? -19.864 -4.420  10.848  1.00 14.28 ? 36  THR B C   1 
ATOM   723  O O   . THR B 1 32 ? -20.995 -4.842  11.063  1.00 15.10 ? 36  THR B O   1 
ATOM   724  C CB  . THR B 1 32 ? -19.456 -2.275  12.017  1.00 13.95 ? 36  THR B CB  1 
ATOM   725  O OG1 . THR B 1 32 ? -18.994 -1.600  10.843  1.00 16.65 ? 36  THR B OG1 1 
ATOM   726  C CG2 . THR B 1 32 ? -18.855 -1.619  13.251  1.00 17.81 ? 36  THR B CG2 1 
ATOM   727  N N   . ARG B 1 33 ? -19.278 -4.515  9.662   1.00 13.50 ? 37  ARG B N   1 
ATOM   728  C CA  . ARG B 1 33 ? -19.989 -5.128  8.558   1.00 14.43 ? 37  ARG B CA  1 
ATOM   729  C C   . ARG B 1 33 ? -19.020 -5.773  7.594   1.00 14.65 ? 37  ARG B C   1 
ATOM   730  O O   . ARG B 1 33 ? -18.146 -5.116  7.038   1.00 13.67 ? 37  ARG B O   1 
ATOM   731  C CB  . ARG B 1 33 ? -20.828 -4.072  7.843   1.00 16.81 ? 37  ARG B CB  1 
ATOM   732  C CG  . ARG B 1 33 ? -21.729 -4.590  6.738   1.00 20.02 ? 37  ARG B CG  1 
ATOM   733  C CD  . ARG B 1 33 ? -22.684 -3.489  6.306   1.00 20.63 ? 37  ARG B CD  1 
ATOM   734  N NE  . ARG B 1 33 ? -23.390 -3.810  5.073   1.00 25.39 ? 37  ARG B NE  1 
ATOM   735  C CZ  . ARG B 1 33 ? -24.207 -2.968  4.449   1.00 24.88 ? 37  ARG B CZ  1 
ATOM   736  N NH1 . ARG B 1 33 ? -24.417 -1.757  4.951   1.00 27.26 ? 37  ARG B NH1 1 
ATOM   737  N NH2 . ARG B 1 33 ? -24.807 -3.334  3.325   1.00 28.09 ? 37  ARG B NH2 1 
ATOM   738  N N   . VAL B 1 34 ? -19.159 -7.079  7.428   1.00 14.73 ? 38  VAL B N   1 
ATOM   739  C CA  . VAL B 1 34 ? -18.322 -7.815  6.504   1.00 14.64 ? 38  VAL B CA  1 
ATOM   740  C C   . VAL B 1 34 ? -19.135 -7.923  5.233   1.00 14.83 ? 38  VAL B C   1 
ATOM   741  O O   . VAL B 1 34 ? -20.223 -8.492  5.227   1.00 16.73 ? 38  VAL B O   1 
ATOM   742  C CB  . VAL B 1 34 ? -17.995 -9.219  7.029   1.00 15.27 ? 38  VAL B CB  1 
ATOM   743  C CG1 . VAL B 1 34 ? -17.340 -10.043 5.931   1.00 15.86 ? 38  VAL B CG1 1 
ATOM   744  C CG2 . VAL B 1 34 ? -17.059 -9.109  8.223   1.00 14.96 ? 38  VAL B CG2 1 
ATOM   745  N N   . GLU B 1 35 ? -18.613 -7.341  4.164   1.00 14.67 ? 39  GLU B N   1 
ATOM   746  C CA  . GLU B 1 35 ? -19.296 -7.359  2.887   1.00 15.19 ? 39  GLU B CA  1 
ATOM   747  C C   . GLU B 1 35 ? -18.367 -7.871  1.813   1.00 14.56 ? 39  GLU B C   1 
ATOM   748  O O   . GLU B 1 35 ? -17.158 -7.668  1.872   1.00 13.85 ? 39  GLU B O   1 
ATOM   749  C CB  . GLU B 1 35 ? -19.748 -5.947  2.499   1.00 17.30 ? 39  GLU B CB  1 
ATOM   750  C CG  . GLU B 1 35 ? -20.874 -5.371  3.335   1.00 20.87 ? 39  GLU B CG  1 
ATOM   751  C CD  . GLU B 1 35 ? -22.168 -6.141  3.166   1.00 23.19 ? 39  GLU B CD  1 
ATOM   752  O OE1 . GLU B 1 35 ? -22.461 -6.563  2.029   1.00 25.33 ? 39  GLU B OE1 1 
ATOM   753  O OE2 . GLU B 1 35 ? -22.896 -6.309  4.166   1.00 27.09 ? 39  GLU B OE2 1 
ATOM   754  N N   . GLU B 1 36 ? -18.946 -8.550  0.834   1.00 14.50 ? 40  GLU B N   1 
ATOM   755  C CA  . GLU B 1 36 ? -18.184 -9.047  -0.293  1.00 13.85 ? 40  GLU B CA  1 
ATOM   756  C C   . GLU B 1 36 ? -17.985 -7.810  -1.148  1.00 12.78 ? 40  GLU B C   1 
ATOM   757  O O   . GLU B 1 36 ? -18.774 -6.870  -1.068  1.00 13.19 ? 40  GLU B O   1 
ATOM   758  C CB  . GLU B 1 36 ? -19.011 -10.059 -1.080  1.00 16.02 ? 40  GLU B CB  1 
ATOM   759  C CG  . GLU B 1 36 ? -19.434 -11.262 -0.278  1.00 16.23 ? 40  GLU B CG  1 
ATOM   760  C CD  . GLU B 1 36 ? -18.290 -12.213 -0.036  1.00 17.39 ? 40  GLU B CD  1 
ATOM   761  O OE1 . GLU B 1 36 ? -18.404 -13.146 0.754   1.00 16.89 ? 40  GLU B OE1 1 
ATOM   762  O OE2 . GLU B 1 36 ? -17.175 -11.990 -0.724  1.00 18.82 ? 40  GLU B OE2 1 
ATOM   763  N N   . GLY B 1 37 ? -16.939 -7.801  -1.959  1.00 12.14 ? 41  GLY B N   1 
ATOM   764  C CA  . GLY B 1 37 ? -16.731 -6.658  -2.823  1.00 12.27 ? 41  GLY B CA  1 
ATOM   765  C C   . GLY B 1 37 ? -15.471 -5.867  -2.575  1.00 13.52 ? 41  GLY B C   1 
ATOM   766  O O   . GLY B 1 37 ? -15.204 -4.910  -3.292  1.00 14.48 ? 41  GLY B O   1 
ATOM   767  N N   . GLY B 1 38 ? -14.703 -6.247  -1.560  1.00 12.87 ? 42  GLY B N   1 
ATOM   768  C CA  . GLY B 1 38 ? -13.463 -5.544  -1.291  1.00 12.68 ? 42  GLY B CA  1 
ATOM   769  C C   . GLY B 1 38 ? -13.568 -4.464  -0.237  1.00 10.99 ? 42  GLY B C   1 
ATOM   770  O O   . GLY B 1 38 ? -12.576 -3.808  0.075   1.00 11.75 ? 42  GLY B O   1 
ATOM   771  N N   . TRP B 1 39 ? -14.762 -4.276  0.310   1.00 10.97 ? 43  TRP B N   1 
ATOM   772  C CA  . TRP B 1 39 ? -14.956 -3.267  1.330   1.00 10.35 ? 43  TRP B CA  1 
ATOM   773  C C   . TRP B 1 39 ? -15.749 -3.771  2.496   1.00 10.52 ? 43  TRP B C   1 
ATOM   774  O O   . TRP B 1 39 ? -16.763 -4.453  2.338   1.00 11.97 ? 43  TRP B O   1 
ATOM   775  C CB  . TRP B 1 39 ? -15.681 -2.061  0.767   1.00 10.14 ? 43  TRP B CB  1 
ATOM   776  C CG  . TRP B 1 39 ? -14.864 -1.298  -0.182  1.00 10.58 ? 43  TRP B CG  1 
ATOM   777  C CD1 . TRP B 1 39 ? -14.593 -1.619  -1.477  1.00 12.68 ? 43  TRP B CD1 1 
ATOM   778  C CD2 . TRP B 1 39 ? -14.186 -0.074  0.082   1.00 11.54 ? 43  TRP B CD2 1 
ATOM   779  N NE1 . TRP B 1 39 ? -13.786 -0.666  -2.039  1.00 11.71 ? 43  TRP B NE1 1 
ATOM   780  C CE2 . TRP B 1 39 ? -13.521 0.296   -1.102  1.00 11.81 ? 43  TRP B CE2 1 
ATOM   781  C CE3 . TRP B 1 39 ? -14.077 0.749   1.208   1.00 11.65 ? 43  TRP B CE3 1 
ATOM   782  C CZ2 . TRP B 1 39 ? -12.756 1.456   -1.197  1.00 12.59 ? 43  TRP B CZ2 1 
ATOM   783  C CZ3 . TRP B 1 39 ? -13.317 1.903   1.117   1.00 12.89 ? 43  TRP B CZ3 1 
ATOM   784  C CH2 . TRP B 1 39 ? -12.665 2.247   -0.079  1.00 11.88 ? 43  TRP B CH2 1 
ATOM   785  N N   . TRP B 1 40 ? -15.276 -3.417  3.675   1.00 9.51  ? 44  TRP B N   1 
ATOM   786  C CA  . TRP B 1 40 ? -15.947 -3.786  4.895   1.00 10.33 ? 44  TRP B CA  1 
ATOM   787  C C   . TRP B 1 40 ? -16.205 -2.497  5.603   1.00 9.73  ? 44  TRP B C   1 
ATOM   788  O O   . TRP B 1 40 ? -15.678 -1.446  5.232   1.00 10.01 ? 44  TRP B O   1 
ATOM   789  C CB  . TRP B 1 40 ? -15.055 -4.634  5.780   1.00 11.15 ? 44  TRP B CB  1 
ATOM   790  C CG  . TRP B 1 40 ? -14.903 -6.023  5.328   1.00 10.80 ? 44  TRP B CG  1 
ATOM   791  C CD1 . TRP B 1 40 ? -15.465 -6.604  4.228   1.00 11.66 ? 44  TRP B CD1 1 
ATOM   792  C CD2 . TRP B 1 40 ? -14.124 -7.030  5.966   1.00 12.10 ? 44  TRP B CD2 1 
ATOM   793  N NE1 . TRP B 1 40 ? -15.081 -7.919  4.146   1.00 13.08 ? 44  TRP B NE1 1 
ATOM   794  C CE2 . TRP B 1 40 ? -14.257 -8.208  5.202   1.00 13.49 ? 44  TRP B CE2 1 
ATOM   795  C CE3 . TRP B 1 40 ? -13.325 -7.053  7.115   1.00 14.97 ? 44  TRP B CE3 1 
ATOM   796  C CZ2 . TRP B 1 40 ? -13.618 -9.401  5.550   1.00 16.49 ? 44  TRP B CZ2 1 
ATOM   797  C CZ3 . TRP B 1 40 ? -12.690 -8.233  7.463   1.00 16.04 ? 44  TRP B CZ3 1 
ATOM   798  C CH2 . TRP B 1 40 ? -12.841 -9.395  6.681   1.00 17.00 ? 44  TRP B CH2 1 
ATOM   799  N N   . GLU B 1 41 ? -17.039 -2.576  6.619   1.00 9.52  ? 45  GLU B N   1 
ATOM   800  C CA  . GLU B 1 41 ? -17.315 -1.404  7.393   1.00 10.46 ? 45  GLU B CA  1 
ATOM   801  C C   . GLU B 1 41 ? -16.809 -1.746  8.766   1.00 9.41  ? 45  GLU B C   1 
ATOM   802  O O   . GLU B 1 41 ? -16.891 -2.886  9.212   1.00 9.93  ? 45  GLU B O   1 
ATOM   803  C CB  . GLU B 1 41 ? -18.802 -1.104  7.451   1.00 11.61 ? 45  GLU B CB  1 
ATOM   804  C CG  . GLU B 1 41 ? -19.056 0.270   8.013   1.00 14.06 ? 45  GLU B CG  1 
ATOM   805  C CD  . GLU B 1 41 ? -20.472 0.456   8.476   1.00 15.82 ? 45  GLU B CD  1 
ATOM   806  O OE1 . GLU B 1 41 ? -20.940 -0.383  9.275   1.00 18.39 ? 45  GLU B OE1 1 
ATOM   807  O OE2 . GLU B 1 41 ? -21.102 1.442   8.048   1.00 17.55 ? 45  GLU B OE2 1 
ATOM   808  N N   . GLY B 1 42 ? -16.251 -0.763  9.438   1.00 10.21 ? 46  GLY B N   1 
ATOM   809  C CA  . GLY B 1 42 ? -15.758 -1.041  10.756  1.00 9.76  ? 46  GLY B CA  1 
ATOM   810  C C   . GLY B 1 42 ? -15.568 0.252   11.469  1.00 9.87  ? 46  GLY B C   1 
ATOM   811  O O   . GLY B 1 42 ? -15.893 1.322   10.957  1.00 10.06 ? 46  GLY B O   1 
ATOM   812  N N   . THR B 1 43 ? -15.044 0.150   12.672  1.00 9.64  ? 47  THR B N   1 
ATOM   813  C CA  . THR B 1 43 ? -14.815 1.335   13.433  1.00 9.82  ? 47  THR B CA  1 
ATOM   814  C C   . THR B 1 43 ? -13.368 1.453   13.820  1.00 9.69  ? 47  THR B C   1 
ATOM   815  O O   . THR B 1 43 ? -12.701 0.476   14.161  1.00 8.96  ? 47  THR B O   1 
ATOM   816  C CB  . THR B 1 43 ? -15.681 1.369   14.687  1.00 9.41  ? 47  THR B CB  1 
ATOM   817  O OG1 . THR B 1 43 ? -15.338 2.528   15.443  1.00 10.67 ? 47  THR B OG1 1 
ATOM   818  C CG2 . THR B 1 43 ? -15.462 0.131   15.531  1.00 11.53 ? 47  THR B CG2 1 
ATOM   819  N N   . HIS B 1 44 ? -12.895 2.681   13.732  1.00 9.56  ? 48  HIS B N   1 
ATOM   820  C CA  . HIS B 1 44 ? -11.545 3.024   14.083  1.00 10.63 ? 48  HIS B CA  1 
ATOM   821  C C   . HIS B 1 44 ? -11.666 4.403   14.695  1.00 10.78 ? 48  HIS B C   1 
ATOM   822  O O   . HIS B 1 44 ? -12.428 5.229   14.212  1.00 10.29 ? 48  HIS B O   1 
ATOM   823  C CB  . HIS B 1 44 ? -10.666 3.057   12.836  1.00 11.88 ? 48  HIS B CB  1 
ATOM   824  C CG  . HIS B 1 44 ? -9.290  3.575   13.092  1.00 14.99 ? 48  HIS B CG  1 
ATOM   825  N ND1 . HIS B 1 44 ? -8.971  4.913   13.005  1.00 16.90 ? 48  HIS B ND1 1 
ATOM   826  C CD2 . HIS B 1 44 ? -8.160  2.945   13.488  1.00 18.44 ? 48  HIS B CD2 1 
ATOM   827  C CE1 . HIS B 1 44 ? -7.704  5.083   13.335  1.00 19.37 ? 48  HIS B CE1 1 
ATOM   828  N NE2 . HIS B 1 44 ? -7.189  3.906   13.633  1.00 19.66 ? 48  HIS B NE2 1 
ATOM   829  N N   . ASN B 1 45 ? -10.936 4.639   15.774  1.00 11.52 ? 49  ASN B N   1 
ATOM   830  C CA  . ASN B 1 45 ? -10.985 5.929   16.443  1.00 12.89 ? 49  ASN B CA  1 
ATOM   831  C C   . ASN B 1 45 ? -12.412 6.293   16.833  1.00 10.28 ? 49  ASN B C   1 
ATOM   832  O O   . ASN B 1 45 ? -12.798 7.457   16.806  1.00 11.53 ? 49  ASN B O   1 
ATOM   833  C CB  . ASN B 1 45 ? -10.394 7.018   15.550  1.00 14.44 ? 49  ASN B CB  1 
ATOM   834  C CG  . ASN B 1 45 ? -8.883  7.009   15.544  1.00 17.25 ? 49  ASN B CG  1 
ATOM   835  O OD1 . ASN B 1 45 ? -8.253  6.260   16.292  1.00 18.90 ? 49  ASN B OD1 1 
ATOM   836  N ND2 . ASN B 1 45 ? -8.289  7.849   14.702  1.00 18.18 ? 49  ASN B ND2 1 
ATOM   837  N N   . GLY B 1 46 ? -13.197 5.275   17.165  1.00 10.70 ? 50  GLY B N   1 
ATOM   838  C CA  . GLY B 1 46 ? -14.563 5.508   17.593  1.00 9.83  ? 50  GLY B CA  1 
ATOM   839  C C   . GLY B 1 46 ? -15.523 5.951   16.519  1.00 10.59 ? 50  GLY B C   1 
ATOM   840  O O   . GLY B 1 46 ? -16.626 6.407   16.815  1.00 11.02 ? 50  GLY B O   1 
ATOM   841  N N   . ARG B 1 47 ? -15.121 5.814   15.268  1.00 10.74 ? 51  ARG B N   1 
ATOM   842  C CA  . ARG B 1 47 ? -15.987 6.216   14.183  1.00 11.60 ? 51  ARG B CA  1 
ATOM   843  C C   . ARG B 1 47 ? -16.155 5.035   13.266  1.00 10.60 ? 51  ARG B C   1 
ATOM   844  O O   . ARG B 1 47 ? -15.323 4.139   13.238  1.00 10.89 ? 51  ARG B O   1 
ATOM   845  C CB  . ARG B 1 47 ? -15.373 7.398   13.446  1.00 13.68 ? 51  ARG B CB  1 
ATOM   846  C CG  . ARG B 1 47 ? -14.987 8.500   14.405  1.00 18.26 ? 51  ARG B CG  1 
ATOM   847  C CD  . ARG B 1 47 ? -14.428 9.715   13.706  1.00 20.17 ? 51  ARG B CD  1 
ATOM   848  N NE  . ARG B 1 47 ? -13.837 10.630  14.676  1.00 25.97 ? 51  ARG B NE  1 
ATOM   849  C CZ  . ARG B 1 47 ? -12.650 10.451  15.245  1.00 25.96 ? 51  ARG B CZ  1 
ATOM   850  N NH1 . ARG B 1 47 ? -11.920 9.391   14.935  1.00 29.50 ? 51  ARG B NH1 1 
ATOM   851  N NH2 . ARG B 1 47 ? -12.194 11.329  16.128  1.00 28.66 ? 51  ARG B NH2 1 
ATOM   852  N N   . THR B 1 48 ? -17.257 5.014   12.538  1.00 11.51 ? 52  THR B N   1 
ATOM   853  C CA  . THR B 1 48 ? -17.497 3.919   11.634  1.00 11.85 ? 52  THR B CA  1 
ATOM   854  C C   . THR B 1 48 ? -17.290 4.387   10.222  1.00 11.19 ? 52  THR B C   1 
ATOM   855  O O   . THR B 1 48 ? -17.483 5.559   9.889   1.00 12.58 ? 52  THR B O   1 
ATOM   856  C CB  . THR B 1 48 ? -18.914 3.378   11.775  1.00 13.55 ? 52  THR B CB  1 
ATOM   857  O OG1 . THR B 1 48 ? -19.855 4.381   11.381  1.00 18.95 ? 52  THR B OG1 1 
ATOM   858  C CG2 . THR B 1 48 ? -19.173 2.982   13.204  1.00 14.32 ? 52  THR B CG2 1 
ATOM   859  N N   . GLY B 1 49 ? -16.876 3.460   9.385   1.00 10.17 ? 53  GLY B N   1 
ATOM   860  C CA  . GLY B 1 49 ? -16.662 3.807   8.010   1.00 10.26 ? 53  GLY B CA  1 
ATOM   861  C C   . GLY B 1 49 ? -16.254 2.574   7.269   1.00 9.73  ? 53  GLY B C   1 
ATOM   862  O O   . GLY B 1 49 ? -15.868 1.557   7.853   1.00 9.24  ? 53  GLY B O   1 
ATOM   863  N N   . TRP B 1 50 ? -16.354 2.679   5.960   1.00 9.51  ? 54  TRP B N   1 
ATOM   864  C CA  . TRP B 1 50 ? -15.989 1.597   5.092   1.00 10.03 ? 54  TRP B CA  1 
ATOM   865  C C   . TRP B 1 50 ? -14.522 1.687   4.809   1.00 10.04 ? 54  TRP B C   1 
ATOM   866  O O   . TRP B 1 50 ? -13.927 2.762   4.826   1.00 10.23 ? 54  TRP B O   1 
ATOM   867  C CB  . TRP B 1 50 ? -16.769 1.691   3.799   1.00 10.79 ? 54  TRP B CB  1 
ATOM   868  C CG  . TRP B 1 50 ? -18.193 1.447   4.019   1.00 10.49 ? 54  TRP B CG  1 
ATOM   869  C CD1 . TRP B 1 50 ? -19.133 2.352   4.399   1.00 12.41 ? 54  TRP B CD1 1 
ATOM   870  C CD2 . TRP B 1 50 ? -18.851 0.188   3.933   1.00 10.99 ? 54  TRP B CD2 1 
ATOM   871  N NE1 . TRP B 1 50 ? -20.348 1.732   4.558   1.00 12.78 ? 54  TRP B NE1 1 
ATOM   872  C CE2 . TRP B 1 50 ? -20.201 0.400   4.277   1.00 12.07 ? 54  TRP B CE2 1 
ATOM   873  C CE3 . TRP B 1 50 ? -18.429 -1.105  3.601   1.00 11.89 ? 54  TRP B CE3 1 
ATOM   874  C CZ2 . TRP B 1 50 ? -21.138 -0.634  4.296   1.00 13.60 ? 54  TRP B CZ2 1 
ATOM   875  C CZ3 . TRP B 1 50 ? -19.359 -2.133  3.621   1.00 12.41 ? 54  TRP B CZ3 1 
ATOM   876  C CH2 . TRP B 1 50 ? -20.700 -1.891  3.967   1.00 12.63 ? 54  TRP B CH2 1 
ATOM   877  N N   . PHE B 1 51 ? -13.933 0.542   4.546   1.00 9.48  ? 55  PHE B N   1 
ATOM   878  C CA  . PHE B 1 51 ? -12.525 0.504   4.257   1.00 9.35  ? 55  PHE B CA  1 
ATOM   879  C C   . PHE B 1 51 ? -12.274 -0.724  3.422   1.00 9.82  ? 55  PHE B C   1 
ATOM   880  O O   . PHE B 1 51 ? -13.085 -1.653  3.396   1.00 9.50  ? 55  PHE B O   1 
ATOM   881  C CB  . PHE B 1 51 ? -11.732 0.436   5.556   1.00 9.47  ? 55  PHE B CB  1 
ATOM   882  C CG  . PHE B 1 51 ? -12.042 -0.770  6.375   1.00 10.22 ? 55  PHE B CG  1 
ATOM   883  C CD1 . PHE B 1 51 ? -11.350 -1.957  6.181   1.00 9.96  ? 55  PHE B CD1 1 
ATOM   884  C CD2 . PHE B 1 51 ? -13.056 -0.737  7.323   1.00 10.23 ? 55  PHE B CD2 1 
ATOM   885  C CE1 . PHE B 1 51 ? -11.665 -3.094  6.922   1.00 10.13 ? 55  PHE B CE1 1 
ATOM   886  C CE2 . PHE B 1 51 ? -13.376 -1.865  8.064   1.00 11.03 ? 55  PHE B CE2 1 
ATOM   887  C CZ  . PHE B 1 51 ? -12.681 -3.046  7.864   1.00 11.43 ? 55  PHE B CZ  1 
ATOM   888  N N   . PRO B 1 52 ? -11.149 -0.739  2.714   1.00 9.90  ? 56  PRO B N   1 
ATOM   889  C CA  . PRO B 1 52 ? -10.809 -1.882  1.868   1.00 10.29 ? 56  PRO B CA  1 
ATOM   890  C C   . PRO B 1 52 ? -10.583 -3.084  2.760   1.00 9.71  ? 56  PRO B C   1 
ATOM   891  O O   . PRO B 1 52 ? -9.736  -3.054  3.645   1.00 9.92  ? 56  PRO B O   1 
ATOM   892  C CB  . PRO B 1 52 ? -9.529  -1.436  1.176   1.00 11.44 ? 56  PRO B CB  1 
ATOM   893  C CG  . PRO B 1 52 ? -9.610  0.065   1.211   1.00 12.70 ? 56  PRO B CG  1 
ATOM   894  C CD  . PRO B 1 52 ? -10.159 0.338   2.571   1.00 11.92 ? 56  PRO B CD  1 
ATOM   895  N N   . SER B 1 53 ? -11.335 -4.148  2.530   1.00 10.52 ? 57  SER B N   1 
ATOM   896  C CA  . SER B 1 53 ? -11.177 -5.333  3.351   1.00 11.93 ? 57  SER B CA  1 
ATOM   897  C C   . SER B 1 53 ? -9.821  -5.978  3.126   1.00 12.45 ? 57  SER B C   1 
ATOM   898  O O   . SER B 1 53 ? -9.317  -6.690  3.983   1.00 13.72 ? 57  SER B O   1 
ATOM   899  C CB  . SER B 1 53 ? -12.290 -6.330  3.049   1.00 13.31 ? 57  SER B CB  1 
ATOM   900  O OG  . SER B 1 53 ? -12.369 -6.583  1.661   1.00 15.15 ? 57  SER B OG  1 
ATOM   901  N N   . ASN B 1 54 ? -9.225  -5.720  1.970   1.00 11.09 ? 58  ASN B N   1 
ATOM   902  C CA  . ASN B 1 54 ? -7.928  -6.297  1.668   1.00 12.41 ? 58  ASN B CA  1 
ATOM   903  C C   . ASN B 1 54 ? -6.817  -5.475  2.303   1.00 12.45 ? 58  ASN B C   1 
ATOM   904  O O   . ASN B 1 54 ? -5.646  -5.813  2.193   1.00 13.56 ? 58  ASN B O   1 
ATOM   905  C CB  . ASN B 1 54 ? -7.732  -6.379  0.155   1.00 13.06 ? 58  ASN B CB  1 
ATOM   906  C CG  . ASN B 1 54 ? -7.750  -5.024  -0.506  1.00 14.53 ? 58  ASN B CG  1 
ATOM   907  O OD1 . ASN B 1 54 ? -8.592  -4.184  -0.197  1.00 14.25 ? 58  ASN B OD1 1 
ATOM   908  N ND2 . ASN B 1 54 ? -6.830  -4.805  -1.435  1.00 16.24 ? 58  ASN B ND2 1 
ATOM   909  N N   . TYR B 1 55 ? -7.195  -4.405  2.993   1.00 11.27 ? 59  TYR B N   1 
ATOM   910  C CA  . TYR B 1 55 ? -6.217  -3.543  3.641   1.00 12.02 ? 59  TYR B CA  1 
ATOM   911  C C   . TYR B 1 55 ? -6.030  -3.887  5.094   1.00 11.53 ? 59  TYR B C   1 
ATOM   912  O O   . TYR B 1 55 ? -5.263  -3.239  5.795   1.00 12.13 ? 59  TYR B O   1 
ATOM   913  C CB  . TYR B 1 55 ? -6.643  -2.089  3.526   1.00 11.35 ? 59  TYR B CB  1 
ATOM   914  C CG  . TYR B 1 55 ? -6.050  -1.406  2.331   1.00 12.44 ? 59  TYR B CG  1 
ATOM   915  C CD1 . TYR B 1 55 ? -6.102  -1.997  1.071   1.00 15.57 ? 59  TYR B CD1 1 
ATOM   916  C CD2 . TYR B 1 55 ? -5.418  -0.176  2.459   1.00 13.14 ? 59  TYR B CD2 1 
ATOM   917  C CE1 . TYR B 1 55 ? -5.530  -1.378  -0.031  1.00 15.26 ? 59  TYR B CE1 1 
ATOM   918  C CE2 . TYR B 1 55 ? -4.847  0.454   1.363   1.00 15.82 ? 59  TYR B CE2 1 
ATOM   919  C CZ  . TYR B 1 55 ? -4.904  -0.154  0.122   1.00 17.30 ? 59  TYR B CZ  1 
ATOM   920  O OH  . TYR B 1 55 ? -4.327  0.463   -0.961  1.00 20.70 ? 59  TYR B OH  1 
ATOM   921  N N   . VAL B 1 56 ? -6.729  -4.915  5.546   1.00 12.52 ? 60  VAL B N   1 
ATOM   922  C CA  . VAL B 1 56 ? -6.624  -5.308  6.932   1.00 12.74 ? 60  VAL B CA  1 
ATOM   923  C C   . VAL B 1 56 ? -6.420  -6.792  7.043   1.00 13.13 ? 60  VAL B C   1 
ATOM   924  O O   . VAL B 1 56 ? -6.653  -7.540  6.095   1.00 13.65 ? 60  VAL B O   1 
ATOM   925  C CB  . VAL B 1 56 ? -7.898  -4.948  7.714   1.00 11.12 ? 60  VAL B CB  1 
ATOM   926  C CG1 . VAL B 1 56 ? -8.186  -3.464  7.569   1.00 11.50 ? 60  VAL B CG1 1 
ATOM   927  C CG2 . VAL B 1 56 ? -9.076  -5.774  7.207   1.00 11.35 ? 60  VAL B CG2 1 
ATOM   928  N N   . ARG B 1 57 ? -5.966  -7.206  8.212   1.00 13.16 ? 61  ARG B N   1 
ATOM   929  C CA  . ARG B 1 57 ? -5.754  -8.607  8.487   1.00 14.66 ? 61  ARG B CA  1 
ATOM   930  C C   . ARG B 1 57 ? -6.494  -8.887  9.780   1.00 14.28 ? 61  ARG B C   1 
ATOM   931  O O   . ARG B 1 57 ? -6.451  -8.087  10.718  1.00 13.36 ? 61  ARG B O   1 
ATOM   932  C CB  . ARG B 1 57 ? -4.260  -8.904  8.633   1.00 18.00 ? 61  ARG B CB  1 
ATOM   933  C CG  . ARG B 1 57 ? -3.532  -8.021  9.624   1.00 22.53 ? 61  ARG B CG  1 
ATOM   934  C CD  . ARG B 1 57 ? -2.027  -8.251  9.557   1.00 27.74 ? 61  ARG B CD  1 
ATOM   935  N NE  . ARG B 1 57 ? -1.291  -7.302  10.390  1.00 31.83 ? 61  ARG B NE  1 
ATOM   936  C CZ  . ARG B 1 57 ? 0.032   -7.293  10.523  1.00 34.57 ? 61  ARG B CZ  1 
ATOM   937  N NH1 . ARG B 1 57 ? 0.772   -8.183  9.874   1.00 36.68 ? 61  ARG B NH1 1 
ATOM   938  N NH2 . ARG B 1 57 ? 0.616   -6.399  11.310  1.00 35.71 ? 61  ARG B NH2 1 
ATOM   939  N N   . GLU B 1 58 ? -7.211  -10.000 9.814   1.00 14.52 ? 62  GLU B N   1 
ATOM   940  C CA  . GLU B 1 58 ? -7.947  -10.362 11.004  1.00 15.59 ? 62  GLU B CA  1 
ATOM   941  C C   . GLU B 1 58 ? -6.964  -10.666 12.114  1.00 14.25 ? 62  GLU B C   1 
ATOM   942  O O   . GLU B 1 58 ? -5.916  -11.262 11.882  1.00 15.04 ? 62  GLU B O   1 
ATOM   943  C CB  . GLU B 1 58 ? -8.814  -11.594 10.748  1.00 18.54 ? 62  GLU B CB  1 
ATOM   944  C CG  . GLU B 1 58 ? -9.376  -12.210 12.020  1.00 23.78 ? 62  GLU B CG  1 
ATOM   945  C CD  . GLU B 1 58 ? -10.158 -13.481 11.759  1.00 27.00 ? 62  GLU B CD  1 
ATOM   946  O OE1 . GLU B 1 58 ? -9.636  -14.356 11.039  1.00 29.60 ? 62  GLU B OE1 1 
ATOM   947  O OE2 . GLU B 1 58 ? -11.287 -13.605 12.279  1.00 28.89 ? 62  GLU B OE2 1 
ATOM   948  N N   . ILE B 1 59 ? -7.293  -10.229 13.319  1.00 13.39 ? 63  ILE B N   1 
ATOM   949  C CA  . ILE B 1 59 ? -6.450  -10.501 14.467  1.00 14.49 ? 63  ILE B CA  1 
ATOM   950  C C   . ILE B 1 59 ? -7.348  -11.063 15.559  1.00 15.24 ? 63  ILE B C   1 
ATOM   951  O O   . ILE B 1 59 ? -6.828  -11.435 16.628  1.00 17.93 ? 63  ILE B O   1 
ATOM   952  C CB  . ILE B 1 59 ? -5.729  -9.230  14.973  1.00 13.26 ? 63  ILE B CB  1 
ATOM   953  C CG1 . ILE B 1 59 ? -6.742  -8.151  15.355  1.00 14.16 ? 63  ILE B CG1 1 
ATOM   954  C CG2 . ILE B 1 59 ? -4.777  -8.723  13.900  1.00 14.14 ? 63  ILE B CG2 1 
ATOM   955  C CD1 . ILE B 1 59 ? -6.103  -6.940  16.015  1.00 13.51 ? 63  ILE B CD1 1 
ATOM   956  O OXT . ILE B 1 59 ? -8.570  -11.128 15.314  1.00 16.77 ? 63  ILE B OXT 1 
ATOM   957  N N   . PRO C 2 1  ? 25.831  4.893   -2.736  1.00 24.54 ? 180 PRO C N   1 
ATOM   958  C CA  . PRO C 2 1  ? 24.737  4.375   -3.584  1.00 23.75 ? 180 PRO C CA  1 
ATOM   959  C C   . PRO C 2 1  ? 24.334  5.406   -4.636  1.00 23.34 ? 180 PRO C C   1 
ATOM   960  O O   . PRO C 2 1  ? 24.656  6.588   -4.518  1.00 24.13 ? 180 PRO C O   1 
ATOM   961  C CB  . PRO C 2 1  ? 23.575  4.061   -2.654  1.00 24.16 ? 180 PRO C CB  1 
ATOM   962  C CG  . PRO C 2 1  ? 23.825  5.052   -1.525  1.00 25.26 ? 180 PRO C CG  1 
ATOM   963  C CD  . PRO C 2 1  ? 25.352  5.056   -1.352  1.00 25.43 ? 180 PRO C CD  1 
ATOM   964  N N   . PRO C 2 2  ? 23.627  4.968   -5.684  1.00 22.38 ? 181 PRO C N   1 
ATOM   965  C CA  . PRO C 2 2  ? 23.198  5.886   -6.740  1.00 21.10 ? 181 PRO C CA  1 
ATOM   966  C C   . PRO C 2 2  ? 22.297  7.001   -6.236  1.00 19.76 ? 181 PRO C C   1 
ATOM   967  O O   . PRO C 2 2  ? 21.700  6.911   -5.159  1.00 16.20 ? 181 PRO C O   1 
ATOM   968  C CB  . PRO C 2 2  ? 22.509  4.968   -7.751  1.00 22.90 ? 181 PRO C CB  1 
ATOM   969  C CG  . PRO C 2 2  ? 22.080  3.802   -6.940  1.00 23.83 ? 181 PRO C CG  1 
ATOM   970  C CD  . PRO C 2 2  ? 23.219  3.589   -5.989  1.00 22.21 ? 181 PRO C CD  1 
ATOM   971  N N   . VAL C 2 3  ? 22.216  8.068   -7.019  1.00 19.34 ? 182 VAL C N   1 
ATOM   972  C CA  . VAL C 2 3  ? 21.394  9.203   -6.653  1.00 19.75 ? 182 VAL C CA  1 
ATOM   973  C C   . VAL C 2 3  ? 19.932  8.843   -6.815  1.00 18.52 ? 182 VAL C C   1 
ATOM   974  O O   . VAL C 2 3  ? 19.520  8.319   -7.849  1.00 18.33 ? 182 VAL C O   1 
ATOM   975  C CB  . VAL C 2 3  ? 21.714  10.423  -7.528  1.00 21.27 ? 182 VAL C CB  1 
ATOM   976  C CG1 . VAL C 2 3  ? 20.826  11.593  -7.138  1.00 24.15 ? 182 VAL C CG1 1 
ATOM   977  C CG2 . VAL C 2 3  ? 23.181  10.790  -7.376  1.00 23.55 ? 182 VAL C CG2 1 
ATOM   978  N N   . ILE C 2 4  ? 19.158  9.117   -5.775  1.00 16.72 ? 183 ILE C N   1 
ATOM   979  C CA  . ILE C 2 4  ? 17.735  8.840   -5.794  1.00 17.36 ? 183 ILE C CA  1 
ATOM   980  C C   . ILE C 2 4  ? 17.009  10.100  -6.215  1.00 17.63 ? 183 ILE C C   1 
ATOM   981  O O   . ILE C 2 4  ? 17.061  11.118  -5.528  1.00 18.69 ? 183 ILE C O   1 
ATOM   982  C CB  . ILE C 2 4  ? 17.238  8.432   -4.410  1.00 16.32 ? 183 ILE C CB  1 
ATOM   983  C CG1 . ILE C 2 4  ? 17.906  7.123   -3.993  1.00 16.43 ? 183 ILE C CG1 1 
ATOM   984  C CG2 . ILE C 2 4  ? 15.733  8.283   -4.426  1.00 17.57 ? 183 ILE C CG2 1 
ATOM   985  C CD1 . ILE C 2 4  ? 17.552  6.682   -2.600  1.00 16.40 ? 183 ILE C CD1 1 
ATOM   986  N N   . ALA C 2 5  ? 16.338  10.034  -7.354  1.00 16.99 ? 184 ALA C N   1 
ATOM   987  C CA  . ALA C 2 5  ? 15.608  11.191  -7.836  1.00 17.58 ? 184 ALA C CA  1 
ATOM   988  C C   . ALA C 2 5  ? 14.476  11.497  -6.873  1.00 17.48 ? 184 ALA C C   1 
ATOM   989  O O   . ALA C 2 5  ? 13.970  10.609  -6.189  1.00 16.84 ? 184 ALA C O   1 
ATOM   990  C CB  . ALA C 2 5  ? 15.053  10.916  -9.226  1.00 18.44 ? 184 ALA C CB  1 
ATOM   991  N N   . PRO C 2 6  ? 14.085  12.769  -6.771  1.00 16.74 ? 185 PRO C N   1 
ATOM   992  C CA  . PRO C 2 6  ? 12.985  13.046  -5.850  1.00 16.32 ? 185 PRO C CA  1 
ATOM   993  C C   . PRO C 2 6  ? 11.774  12.327  -6.428  1.00 13.79 ? 185 PRO C C   1 
ATOM   994  O O   . PRO C 2 6  ? 11.662  12.183  -7.645  1.00 13.77 ? 185 PRO C O   1 
ATOM   995  C CB  . PRO C 2 6  ? 12.842  14.561  -5.933  1.00 16.74 ? 185 PRO C CB  1 
ATOM   996  C CG  . PRO C 2 6  ? 14.240  15.016  -6.247  1.00 18.45 ? 185 PRO C CG  1 
ATOM   997  C CD  . PRO C 2 6  ? 14.677  14.016  -7.284  1.00 17.70 ? 185 PRO C CD  1 
ATOM   998  N N   . ARG C 2 7  ? 10.883  11.859  -5.571  1.00 14.00 ? 186 ARG C N   1 
ATOM   999  C CA  . ARG C 2 7  ? 9.693   11.180  -6.058  1.00 13.43 ? 186 ARG C CA  1 
ATOM   1000 C C   . ARG C 2 7  ? 8.954   12.111  -7.006  1.00 12.36 ? 186 ARG C C   1 
ATOM   1001 O O   . ARG C 2 7  ? 8.602   13.224  -6.637  1.00 13.49 ? 186 ARG C O   1 
ATOM   1002 C CB  . ARG C 2 7  ? 8.761   10.827  -4.899  1.00 13.17 ? 186 ARG C CB  1 
ATOM   1003 C CG  . ARG C 2 7  ? 9.137   9.577   -4.135  1.00 14.24 ? 186 ARG C CG  1 
ATOM   1004 C CD  . ARG C 2 7  ? 8.862   8.347   -4.972  1.00 12.19 ? 186 ARG C CD  1 
ATOM   1005 N NE  . ARG C 2 7  ? 7.437   8.128   -5.178  1.00 12.40 ? 186 ARG C NE  1 
ATOM   1006 C CZ  . ARG C 2 7  ? 6.607   7.694   -4.237  1.00 12.19 ? 186 ARG C CZ  1 
ATOM   1007 N NH1 . ARG C 2 7  ? 7.065   7.431   -3.021  1.00 11.55 ? 186 ARG C NH1 1 
ATOM   1008 N NH2 . ARG C 2 7  ? 5.324   7.515   -4.514  1.00 11.70 ? 186 ARG C NH2 1 
ATOM   1009 N N   . PRO C 2 8  ? 8.735   11.682  -8.255  1.00 11.86 ? 187 PRO C N   1 
ATOM   1010 C CA  . PRO C 2 8  ? 8.014   12.559  -9.175  1.00 12.57 ? 187 PRO C CA  1 
ATOM   1011 C C   . PRO C 2 8  ? 6.571   12.565  -8.721  1.00 12.11 ? 187 PRO C C   1 
ATOM   1012 O O   . PRO C 2 8  ? 6.084   11.573  -8.183  1.00 10.84 ? 187 PRO C O   1 
ATOM   1013 C CB  . PRO C 2 8  ? 8.166   11.860  -10.516 1.00 13.21 ? 187 PRO C CB  1 
ATOM   1014 C CG  . PRO C 2 8  ? 9.417   11.080  -10.373 1.00 13.01 ? 187 PRO C CG  1 
ATOM   1015 C CD  . PRO C 2 8  ? 9.328   10.544  -8.972  1.00 12.44 ? 187 PRO C CD  1 
ATOM   1016 N N   . GLU C 2 9  ? 5.883   13.671  -8.945  1.00 11.70 ? 188 GLU C N   1 
ATOM   1017 C CA  . GLU C 2 9  ? 4.498   13.760  -8.536  1.00 11.35 ? 188 GLU C CA  1 
ATOM   1018 C C   . GLU C 2 9  ? 3.650   12.672  -9.174  1.00 11.70 ? 188 GLU C C   1 
ATOM   1019 O O   . GLU C 2 9  ? 2.722   12.160  -8.553  1.00 11.72 ? 188 GLU C O   1 
ATOM   1020 C CB  . GLU C 2 9  ? 3.935   15.127  -8.906  1.00 12.15 ? 188 GLU C CB  1 
ATOM   1021 C CG  . GLU C 2 9  ? 2.511   15.330  -8.445  1.00 15.61 ? 188 GLU C CG  1 
ATOM   1022 C CD  . GLU C 2 9  ? 2.359   15.142  -6.950  1.00 17.86 ? 188 GLU C CD  1 
ATOM   1023 O OE1 . GLU C 2 9  ? 3.145   15.751  -6.194  1.00 20.12 ? 188 GLU C OE1 1 
ATOM   1024 O OE2 . GLU C 2 9  ? 1.450   14.391  -6.535  1.00 21.67 ? 188 GLU C OE2 1 
ATOM   1025 N N   . HIS C 2 10 ? 3.965   12.303  -10.411 1.00 11.20 ? 189 HIS C N   1 
ATOM   1026 C CA  . HIS C 2 10 ? 3.167   11.292  -11.083 1.00 10.96 ? 189 HIS C CA  1 
ATOM   1027 C C   . HIS C 2 10 ? 3.307   9.902   -10.488 1.00 10.69 ? 189 HIS C C   1 
ATOM   1028 O O   . HIS C 2 10 ? 2.664   8.961   -10.944 1.00 13.34 ? 189 HIS C O   1 
ATOM   1029 C CB  . HIS C 2 10 ? 3.468   11.255  -12.582 1.00 10.39 ? 189 HIS C CB  1 
ATOM   1030 C CG  . HIS C 2 10 ? 4.872   10.873  -12.913 1.00 9.45  ? 189 HIS C CG  1 
ATOM   1031 N ND1 . HIS C 2 10 ? 5.923   11.760  -12.839 1.00 9.91  ? 189 HIS C ND1 1 
ATOM   1032 C CD2 . HIS C 2 10 ? 5.395   9.702   -13.341 1.00 10.70 ? 189 HIS C CD2 1 
ATOM   1033 C CE1 . HIS C 2 10 ? 7.034   11.153  -13.215 1.00 9.66  ? 189 HIS C CE1 1 
ATOM   1034 N NE2 . HIS C 2 10 ? 6.740   9.902   -13.524 1.00 10.00 ? 189 HIS C NE2 1 
ATOM   1035 N N   . THR C 2 11 ? 4.156   9.766   -9.477  1.00 10.55 ? 190 THR C N   1 
ATOM   1036 C CA  . THR C 2 11 ? 4.311   8.477   -8.815  1.00 11.19 ? 190 THR C CA  1 
ATOM   1037 C C   . THR C 2 11 ? 3.705   8.568   -7.430  1.00 12.72 ? 190 THR C C   1 
ATOM   1038 O O   . THR C 2 11 ? 3.642   7.580   -6.707  1.00 13.05 ? 190 THR C O   1 
ATOM   1039 C CB  . THR C 2 11 ? 5.777   8.079   -8.625  1.00 11.68 ? 190 THR C CB  1 
ATOM   1040 O OG1 . THR C 2 11 ? 6.389   8.946   -7.664  1.00 10.45 ? 190 THR C OG1 1 
ATOM   1041 C CG2 . THR C 2 11 ? 6.520   8.153   -9.934  1.00 11.13 ? 190 THR C CG2 1 
ATOM   1042 N N   . LYS C 2 12 ? 3.266   9.762   -7.061  1.00 13.46 ? 191 LYS C N   1 
ATOM   1043 C CA  . LYS C 2 12 ? 2.700   9.970   -5.744  1.00 14.51 ? 191 LYS C CA  1 
ATOM   1044 C C   . LYS C 2 12 ? 1.201   9.805   -5.658  1.00 16.09 ? 191 LYS C C   1 
ATOM   1045 O O   . LYS C 2 12 ? 0.486   9.812   -6.657  1.00 17.98 ? 191 LYS C O   1 
ATOM   1046 C CB  . LYS C 2 12 ? 3.070   11.356  -5.234  1.00 15.07 ? 191 LYS C CB  1 
ATOM   1047 C CG  . LYS C 2 12 ? 4.555   11.578  -5.108  1.00 15.61 ? 191 LYS C CG  1 
ATOM   1048 C CD  . LYS C 2 12 ? 4.843   12.948  -4.535  1.00 18.33 ? 191 LYS C CD  1 
ATOM   1049 C CE  . LYS C 2 12 ? 6.329   13.174  -4.383  1.00 19.43 ? 191 LYS C CE  1 
ATOM   1050 N NZ  . LYS C 2 12 ? 6.615   14.481  -3.732  1.00 21.74 ? 191 LYS C NZ  1 
ATOM   1051 N N   . SER C 2 13 ? 0.744   9.651   -4.424  1.00 16.64 ? 192 SER C N   1 
ATOM   1052 C CA  . SER C 2 13 ? -0.666  9.512   -4.117  1.00 17.59 ? 192 SER C CA  1 
ATOM   1053 C C   . SER C 2 13 ? -0.767  10.032  -2.697  1.00 16.78 ? 192 SER C C   1 
ATOM   1054 O O   . SER C 2 13 ? 0.226   10.492  -2.131  1.00 15.51 ? 192 SER C O   1 
ATOM   1055 C CB  . SER C 2 13 ? -1.090  8.048   -4.166  1.00 17.69 ? 192 SER C CB  1 
ATOM   1056 O OG  . SER C 2 13 ? -0.581  7.344   -3.048  1.00 18.01 ? 192 SER C OG  1 
ATOM   1057 N N   . ILE C 2 14 ? -1.958  9.969   -2.117  1.00 19.14 ? 193 ILE C N   1 
ATOM   1058 C CA  . ILE C 2 14 ? -2.129  10.440  -0.751  1.00 20.44 ? 193 ILE C CA  1 
ATOM   1059 C C   . ILE C 2 14 ? -1.310  9.555   0.180   1.00 18.82 ? 193 ILE C C   1 
ATOM   1060 O O   . ILE C 2 14 ? -1.060  9.913   1.328   1.00 19.53 ? 193 ILE C O   1 
ATOM   1061 C CB  . ILE C 2 14 ? -3.612  10.399  -0.309  1.00 22.41 ? 193 ILE C CB  1 
ATOM   1062 C CG1 . ILE C 2 14 ? -4.122  8.956   -0.284  1.00 23.19 ? 193 ILE C CG1 1 
ATOM   1063 C CG2 . ILE C 2 14 ? -4.452  11.260  -1.241  1.00 22.36 ? 193 ILE C CG2 1 
ATOM   1064 C CD1 . ILE C 2 14 ? -4.259  8.309   -1.642  1.00 25.48 ? 193 ILE C CD1 1 
ATOM   1065 N N   . TYR C 2 15 ? -0.878  8.406   -0.332  1.00 19.19 ? 194 TYR C N   1 
ATOM   1066 C CA  . TYR C 2 15 ? -0.091  7.467   0.455   1.00 17.49 ? 194 TYR C CA  1 
ATOM   1067 C C   . TYR C 2 15 ? 1.391   7.789   0.473   1.00 18.39 ? 194 TYR C C   1 
ATOM   1068 O O   . TYR C 2 15 ? 2.169   7.151   1.180   1.00 18.03 ? 194 TYR C O   1 
ATOM   1069 C CB  . TYR C 2 15 ? -0.334  6.049   -0.051  1.00 16.71 ? 194 TYR C CB  1 
ATOM   1070 C CG  . TYR C 2 15 ? -1.767  5.655   0.159   1.00 15.65 ? 194 TYR C CG  1 
ATOM   1071 C CD1 . TYR C 2 15 ? -2.612  5.394   -0.917  1.00 15.94 ? 194 TYR C CD1 1 
ATOM   1072 C CD2 . TYR C 2 15 ? -2.302  5.626   1.444   1.00 15.76 ? 194 TYR C CD2 1 
ATOM   1073 C CE1 . TYR C 2 15 ? -3.958  5.121   -0.715  1.00 15.80 ? 194 TYR C CE1 1 
ATOM   1074 C CE2 . TYR C 2 15 ? -3.637  5.358   1.655   1.00 14.54 ? 194 TYR C CE2 1 
ATOM   1075 C CZ  . TYR C 2 15 ? -4.461  5.109   0.576   1.00 14.83 ? 194 TYR C CZ  1 
ATOM   1076 O OH  . TYR C 2 15 ? -5.790  4.858   0.791   1.00 16.68 ? 194 TYR C OH  1 
ATOM   1077 N N   . THR C 2 16 ? 1.782   8.792   -0.302  1.00 17.79 ? 195 THR C N   1 
ATOM   1078 C CA  . THR C 2 16 ? 3.173   9.196   -0.327  1.00 19.31 ? 195 THR C CA  1 
ATOM   1079 C C   . THR C 2 16 ? 3.381   10.119  0.867   1.00 23.02 ? 195 THR C C   1 
ATOM   1080 O O   . THR C 2 16 ? 3.521   11.331  0.713   1.00 24.37 ? 195 THR C O   1 
ATOM   1081 C CB  . THR C 2 16 ? 3.502   9.940   -1.624  1.00 16.95 ? 195 THR C CB  1 
ATOM   1082 O OG1 . THR C 2 16 ? 3.063   9.155   -2.738  1.00 14.74 ? 195 THR C OG1 1 
ATOM   1083 C CG2 . THR C 2 16 ? 4.997   10.174  -1.733  1.00 16.78 ? 195 THR C CG2 1 
ATOM   1084 N N   . ARG C 2 17 ? 3.376   9.528   2.058   1.00 26.44 ? 196 ARG C N   1 
ATOM   1085 C CA  . ARG C 2 17 ? 3.550   10.279  3.300   1.00 30.65 ? 196 ARG C CA  1 
ATOM   1086 C C   . ARG C 2 17 ? 4.972   10.111  3.821   1.00 33.14 ? 196 ARG C C   1 
ATOM   1087 O O   . ARG C 2 17 ? 5.508   9.002   3.838   1.00 33.76 ? 196 ARG C O   1 
ATOM   1088 C CB  . ARG C 2 17 ? 2.581   9.773   4.372   1.00 31.50 ? 196 ARG C CB  1 
ATOM   1089 C CG  . ARG C 2 17 ? 1.170   9.479   3.893   1.00 32.21 ? 196 ARG C CG  1 
ATOM   1090 C CD  . ARG C 2 17 ? 0.356   8.846   5.016   1.00 32.67 ? 196 ARG C CD  1 
ATOM   1091 N NE  . ARG C 2 17 ? -0.893  8.262   4.541   1.00 33.19 ? 196 ARG C NE  1 
ATOM   1092 C CZ  . ARG C 2 17 ? -1.736  7.570   5.304   1.00 33.11 ? 196 ARG C CZ  1 
ATOM   1093 N NH1 . ARG C 2 17 ? -1.465  7.374   6.588   1.00 32.44 ? 196 ARG C NH1 1 
ATOM   1094 N NH2 . ARG C 2 17 ? -2.844  7.063   4.779   1.00 31.14 ? 196 ARG C NH2 1 
ATOM   1095 N N   . SER C 2 18 ? 5.574   11.212  4.257   1.00 35.73 ? 197 SER C N   1 
ATOM   1096 C CA  . SER C 2 18 ? 6.930   11.177  4.789   1.00 37.48 ? 197 SER C CA  1 
ATOM   1097 C C   . SER C 2 18 ? 6.930   11.621  6.249   1.00 38.50 ? 197 SER C C   1 
ATOM   1098 O O   . SER C 2 18 ? 7.582   12.640  6.559   1.00 39.40 ? 197 SER C O   1 
ATOM   1099 C CB  . SER C 2 18 ? 7.846   12.086  3.967   1.00 38.59 ? 197 SER C CB  1 
ATOM   1100 O OG  . SER C 2 18 ? 9.187   12.001  4.420   1.00 39.96 ? 197 SER C OG  1 
ATOM   1101 O OXT . SER C 2 18 ? 6.269   10.944  7.065   1.00 39.42 ? 197 SER C OXT 1 
ATOM   1102 N N   . PRO D 2 1  ? 0.158   1.766   -4.421  1.00 33.48 ? 180 PRO D N   1 
ATOM   1103 C CA  . PRO D 2 1  ? -0.058  0.944   -3.210  1.00 33.08 ? 180 PRO D CA  1 
ATOM   1104 C C   . PRO D 2 1  ? -0.972  -0.225  -3.568  1.00 32.94 ? 180 PRO D C   1 
ATOM   1105 O O   . PRO D 2 1  ? -1.409  -0.345  -4.715  1.00 33.11 ? 180 PRO D O   1 
ATOM   1106 C CB  . PRO D 2 1  ? -0.718  1.853   -2.189  1.00 33.36 ? 180 PRO D CB  1 
ATOM   1107 C CG  . PRO D 2 1  ? -1.515  2.781   -3.100  1.00 33.66 ? 180 PRO D CG  1 
ATOM   1108 C CD  . PRO D 2 1  ? -0.583  3.037   -4.304  1.00 34.00 ? 180 PRO D CD  1 
ATOM   1109 N N   . PRO D 2 2  ? -1.274  -1.106  -2.595  1.00 32.39 ? 181 PRO D N   1 
ATOM   1110 C CA  . PRO D 2 2  ? -2.154  -2.241  -2.897  1.00 31.48 ? 181 PRO D CA  1 
ATOM   1111 C C   . PRO D 2 2  ? -3.476  -1.755  -3.485  1.00 30.10 ? 181 PRO D C   1 
ATOM   1112 O O   . PRO D 2 2  ? -4.025  -0.743  -3.053  1.00 29.77 ? 181 PRO D O   1 
ATOM   1113 C CB  . PRO D 2 2  ? -2.321  -2.925  -1.539  1.00 32.01 ? 181 PRO D CB  1 
ATOM   1114 C CG  . PRO D 2 2  ? -2.093  -1.812  -0.555  1.00 32.90 ? 181 PRO D CG  1 
ATOM   1115 C CD  . PRO D 2 2  ? -0.922  -1.087  -1.165  1.00 32.44 ? 181 PRO D CD  1 
ATOM   1116 N N   . VAL D 2 3  ? -3.980  -2.480  -4.477  1.00 28.85 ? 182 VAL D N   1 
ATOM   1117 C CA  . VAL D 2 3  ? -5.215  -2.099  -5.148  1.00 26.58 ? 182 VAL D CA  1 
ATOM   1118 C C   . VAL D 2 3  ? -6.457  -2.058  -4.273  1.00 24.73 ? 182 VAL D C   1 
ATOM   1119 O O   . VAL D 2 3  ? -6.846  -3.052  -3.662  1.00 25.22 ? 182 VAL D O   1 
ATOM   1120 C CB  . VAL D 2 3  ? -5.510  -3.024  -6.345  1.00 27.41 ? 182 VAL D CB  1 
ATOM   1121 C CG1 . VAL D 2 3  ? -6.812  -2.606  -7.017  1.00 27.78 ? 182 VAL D CG1 1 
ATOM   1122 C CG2 . VAL D 2 3  ? -4.361  -2.969  -7.338  1.00 28.37 ? 182 VAL D CG2 1 
ATOM   1123 N N   . ILE D 2 4  ? -7.077  -0.887  -4.228  1.00 20.88 ? 183 ILE D N   1 
ATOM   1124 C CA  . ILE D 2 4  ? -8.298  -0.701  -3.472  1.00 19.62 ? 183 ILE D CA  1 
ATOM   1125 C C   . ILE D 2 4  ? -9.408  -0.919  -4.484  1.00 18.58 ? 183 ILE D C   1 
ATOM   1126 O O   . ILE D 2 4  ? -9.464  -0.244  -5.514  1.00 19.16 ? 183 ILE D O   1 
ATOM   1127 C CB  . ILE D 2 4  ? -8.390  0.722   -2.903  1.00 18.49 ? 183 ILE D CB  1 
ATOM   1128 C CG1 . ILE D 2 4  ? -7.243  0.957   -1.921  1.00 18.93 ? 183 ILE D CG1 1 
ATOM   1129 C CG2 . ILE D 2 4  ? -9.733  0.925   -2.224  1.00 18.01 ? 183 ILE D CG2 1 
ATOM   1130 C CD1 . ILE D 2 4  ? -7.157  2.372   -1.397  1.00 19.90 ? 183 ILE D CD1 1 
ATOM   1131 N N   . ALA D 2 5  ? -10.276 -1.881  -4.206  1.00 16.88 ? 184 ALA D N   1 
ATOM   1132 C CA  . ALA D 2 5  ? -11.371 -2.179  -5.109  1.00 17.23 ? 184 ALA D CA  1 
ATOM   1133 C C   . ALA D 2 5  ? -12.378 -1.043  -5.107  1.00 17.09 ? 184 ALA D C   1 
ATOM   1134 O O   . ALA D 2 5  ? -12.468 -0.277  -4.151  1.00 16.89 ? 184 ALA D O   1 
ATOM   1135 C CB  . ALA D 2 5  ? -12.048 -3.474  -4.691  1.00 17.41 ? 184 ALA D CB  1 
ATOM   1136 N N   . PRO D 2 6  ? -13.127 -0.894  -6.202  1.00 16.94 ? 185 PRO D N   1 
ATOM   1137 C CA  . PRO D 2 6  ? -14.116 0.180   -6.231  1.00 17.52 ? 185 PRO D CA  1 
ATOM   1138 C C   . PRO D 2 6  ? -15.162 -0.134  -5.165  1.00 17.62 ? 185 PRO D C   1 
ATOM   1139 O O   . PRO D 2 6  ? -15.418 -1.303  -4.873  1.00 17.71 ? 185 PRO D O   1 
ATOM   1140 C CB  . PRO D 2 6  ? -14.690 0.076   -7.641  1.00 17.81 ? 185 PRO D CB  1 
ATOM   1141 C CG  . PRO D 2 6  ? -13.528 -0.437  -8.438  1.00 19.10 ? 185 PRO D CG  1 
ATOM   1142 C CD  . PRO D 2 6  ? -12.959 -1.501  -7.534  1.00 17.53 ? 185 PRO D CD  1 
ATOM   1143 N N   . ARG D 2 7  ? -15.745 0.898   -4.570  1.00 18.17 ? 186 ARG D N   1 
ATOM   1144 C CA  . ARG D 2 7  ? -16.776 0.702   -3.556  1.00 19.13 ? 186 ARG D CA  1 
ATOM   1145 C C   . ARG D 2 7  ? -17.991 0.041   -4.183  1.00 17.80 ? 186 ARG D C   1 
ATOM   1146 O O   . ARG D 2 7  ? -18.585 0.595   -5.106  1.00 19.34 ? 186 ARG D O   1 
ATOM   1147 C CB  . ARG D 2 7  ? -17.235 2.044   -2.972  1.00 19.39 ? 186 ARG D CB  1 
ATOM   1148 C CG  . ARG D 2 7  ? -16.435 2.568   -1.792  1.00 20.83 ? 186 ARG D CG  1 
ATOM   1149 C CD  . ARG D 2 7  ? -16.714 1.767   -0.528  1.00 17.99 ? 186 ARG D CD  1 
ATOM   1150 N NE  . ARG D 2 7  ? -18.045 1.973   0.042   1.00 17.97 ? 186 ARG D NE  1 
ATOM   1151 C CZ  . ARG D 2 7  ? -18.445 3.083   0.654   1.00 16.03 ? 186 ARG D CZ  1 
ATOM   1152 N NH1 . ARG D 2 7  ? -19.674 3.165   1.144   1.00 17.62 ? 186 ARG D NH1 1 
ATOM   1153 N NH2 . ARG D 2 7  ? -17.622 4.116   0.774   1.00 15.31 ? 186 ARG D NH2 1 
ATOM   1154 N N   . PRO D 2 8  ? -18.364 -1.159  -3.718  1.00 17.12 ? 187 PRO D N   1 
ATOM   1155 C CA  . PRO D 2 8  ? -19.550 -1.758  -4.330  1.00 17.44 ? 187 PRO D CA  1 
ATOM   1156 C C   . PRO D 2 8  ? -20.728 -0.836  -4.031  1.00 19.47 ? 187 PRO D C   1 
ATOM   1157 O O   . PRO D 2 8  ? -20.803 -0.243  -2.953  1.00 18.63 ? 187 PRO D O   1 
ATOM   1158 C CB  . PRO D 2 8  ? -19.669 -3.093  -3.608  1.00 15.11 ? 187 PRO D CB  1 
ATOM   1159 C CG  . PRO D 2 8  ? -18.245 -3.456  -3.367  1.00 15.26 ? 187 PRO D CG  1 
ATOM   1160 C CD  . PRO D 2 8  ? -17.656 -2.142  -2.882  1.00 15.37 ? 187 PRO D CD  1 
ATOM   1161 N N   . GLU D 2 9  ? -21.639 -0.714  -4.986  1.00 21.51 ? 188 GLU D N   1 
ATOM   1162 C CA  . GLU D 2 9  ? -22.801 0.147   -4.832  1.00 23.55 ? 188 GLU D CA  1 
ATOM   1163 C C   . GLU D 2 9  ? -23.581 -0.066  -3.537  1.00 23.42 ? 188 GLU D C   1 
ATOM   1164 O O   . GLU D 2 9  ? -23.961 0.898   -2.870  1.00 24.41 ? 188 GLU D O   1 
ATOM   1165 C CB  . GLU D 2 9  ? -23.744 -0.040  -6.022  1.00 24.71 ? 188 GLU D CB  1 
ATOM   1166 C CG  . GLU D 2 9  ? -24.989 0.830   -5.967  1.00 28.11 ? 188 GLU D CG  1 
ATOM   1167 C CD  . GLU D 2 9  ? -24.659 2.309   -5.953  1.00 30.23 ? 188 GLU D CD  1 
ATOM   1168 O OE1 . GLU D 2 9  ? -23.967 2.770   -6.884  1.00 32.32 ? 188 GLU D OE1 1 
ATOM   1169 O OE2 . GLU D 2 9  ? -25.095 3.010   -5.014  1.00 33.09 ? 188 GLU D OE2 1 
ATOM   1170 N N   . HIS D 2 10 ? -23.813 -1.322  -3.175  1.00 23.00 ? 189 HIS D N   1 
ATOM   1171 C CA  . HIS D 2 10 ? -24.588 -1.609  -1.975  1.00 22.92 ? 189 HIS D CA  1 
ATOM   1172 C C   . HIS D 2 10 ? -23.945 -1.181  -0.665  1.00 22.85 ? 189 HIS D C   1 
ATOM   1173 O O   . HIS D 2 10 ? -24.628 -1.072  0.352   1.00 23.16 ? 189 HIS D O   1 
ATOM   1174 C CB  . HIS D 2 10 ? -24.948 -3.093  -1.903  1.00 23.58 ? 189 HIS D CB  1 
ATOM   1175 C CG  . HIS D 2 10 ? -23.788 -3.993  -1.621  1.00 24.53 ? 189 HIS D CG  1 
ATOM   1176 N ND1 . HIS D 2 10 ? -22.827 -4.293  -2.562  1.00 25.91 ? 189 HIS D ND1 1 
ATOM   1177 C CD2 . HIS D 2 10 ? -23.439 -4.669  -0.500  1.00 25.80 ? 189 HIS D CD2 1 
ATOM   1178 C CE1 . HIS D 2 10 ? -21.938 -5.115  -2.035  1.00 26.36 ? 189 HIS D CE1 1 
ATOM   1179 N NE2 . HIS D 2 10 ? -22.286 -5.358  -0.784  1.00 26.08 ? 189 HIS D NE2 1 
ATOM   1180 N N   . THR D 2 11 ? -22.638 -0.940  -0.673  1.00 21.34 ? 190 THR D N   1 
ATOM   1181 C CA  . THR D 2 11 ? -21.979 -0.514  0.552   1.00 19.90 ? 190 THR D CA  1 
ATOM   1182 C C   . THR D 2 11 ? -22.162 0.986   0.736   1.00 21.41 ? 190 THR D C   1 
ATOM   1183 O O   . THR D 2 11 ? -21.830 1.536   1.783   1.00 21.21 ? 190 THR D O   1 
ATOM   1184 C CB  . THR D 2 11 ? -20.472 -0.825  0.528   1.00 18.53 ? 190 THR D CB  1 
ATOM   1185 O OG1 . THR D 2 11 ? -19.843 -0.065  -0.511  1.00 16.71 ? 190 THR D OG1 1 
ATOM   1186 C CG2 . THR D 2 11 ? -20.241 -2.311  0.290   1.00 17.84 ? 190 THR D CG2 1 
ATOM   1187 N N   . LYS D 2 12 ? -22.705 1.637   -0.288  1.00 22.29 ? 191 LYS D N   1 
ATOM   1188 C CA  . LYS D 2 12 ? -22.928 3.079   -0.255  1.00 25.25 ? 191 LYS D CA  1 
ATOM   1189 C C   . LYS D 2 12 ? -24.308 3.413   0.301   1.00 25.92 ? 191 LYS D C   1 
ATOM   1190 O O   . LYS D 2 12 ? -25.123 2.482   0.464   1.00 27.38 ? 191 LYS D O   1 
ATOM   1191 C CB  . LYS D 2 12 ? -22.792 3.654   -1.666  1.00 26.18 ? 191 LYS D CB  1 
ATOM   1192 C CG  . LYS D 2 12 ? -21.499 3.268   -2.367  1.00 28.64 ? 191 LYS D CG  1 
ATOM   1193 C CD  . LYS D 2 12 ? -21.486 3.739   -3.810  1.00 29.19 ? 191 LYS D CD  1 
ATOM   1194 C CE  . LYS D 2 12 ? -20.245 3.244   -4.538  1.00 30.39 ? 191 LYS D CE  1 
ATOM   1195 N NZ  . LYS D 2 12 ? -20.223 3.664   -5.968  1.00 31.03 ? 191 LYS D NZ  1 
HETATM 1196 O O   . HOH E 3 .  ? 11.283  4.477   -15.125 1.00 10.41 ? 64  HOH A O   1 
HETATM 1197 O O   . HOH E 3 .  ? 12.464  10.549  -17.106 1.00 10.16 ? 65  HOH A O   1 
HETATM 1198 O O   . HOH E 3 .  ? 9.425   7.414   -11.476 1.00 9.57  ? 66  HOH A O   1 
HETATM 1199 O O   . HOH E 3 .  ? 9.762   -13.589 -2.471  1.00 11.49 ? 67  HOH A O   1 
HETATM 1200 O O   . HOH E 3 .  ? 13.075  8.007   -16.445 1.00 11.22 ? 68  HOH A O   1 
HETATM 1201 O O   . HOH E 3 .  ? 7.968   14.324  -15.055 1.00 11.08 ? 69  HOH A O   1 
HETATM 1202 O O   . HOH E 3 .  ? 5.862   7.756   -16.518 1.00 12.42 ? 70  HOH A O   1 
HETATM 1203 O O   . HOH E 3 .  ? 6.503   -9.712  -3.845  1.00 11.63 ? 71  HOH A O   1 
HETATM 1204 O O   . HOH E 3 .  ? 13.166  5.587   -13.699 1.00 11.61 ? 72  HOH A O   1 
HETATM 1205 O O   . HOH E 3 .  ? 13.257  -4.432  -15.607 1.00 12.87 ? 73  HOH A O   1 
HETATM 1206 O O   . HOH E 3 .  ? 3.856   -8.222  -6.991  1.00 12.94 ? 74  HOH A O   1 
HETATM 1207 O O   . HOH E 3 .  ? 3.478   0.717   -15.184 1.00 15.29 ? 75  HOH A O   1 
HETATM 1208 O O   . HOH E 3 .  ? 0.423   2.345   -8.100  1.00 18.20 ? 76  HOH A O   1 
HETATM 1209 O O   . HOH E 3 .  ? 3.283   1.974   -2.835  1.00 16.50 ? 77  HOH A O   1 
HETATM 1210 O O   . HOH E 3 .  ? 12.303  12.495  -11.926 1.00 13.11 ? 78  HOH A O   1 
HETATM 1211 O O   . HOH E 3 .  ? 2.071   -1.147  -8.662  1.00 19.08 ? 79  HOH A O   1 
HETATM 1212 O O   . HOH E 3 .  ? 9.011   -1.360  2.589   1.00 18.54 ? 80  HOH A O   1 
HETATM 1213 O O   . HOH E 3 .  ? 7.398   -2.326  -19.214 1.00 22.60 ? 81  HOH A O   1 
HETATM 1214 O O   . HOH E 3 .  ? 22.613  2.435   -10.152 1.00 20.29 ? 82  HOH A O   1 
HETATM 1215 O O   . HOH E 3 .  ? 4.051   -8.967  -9.614  1.00 20.35 ? 83  HOH A O   1 
HETATM 1216 O O   . HOH E 3 .  ? 4.198   -3.106  1.784   1.00 22.56 ? 84  HOH A O   1 
HETATM 1217 O O   . HOH E 3 .  ? 16.040  7.216   -8.659  1.00 17.95 ? 85  HOH A O   1 
HETATM 1218 O O   . HOH E 3 .  ? 18.266  4.388   0.919   1.00 22.72 ? 86  HOH A O   1 
HETATM 1219 O O   . HOH E 3 .  ? 14.466  13.981  -11.322 1.00 23.19 ? 87  HOH A O   1 
HETATM 1220 O O   . HOH E 3 .  ? 7.794   -9.906  3.487   1.00 27.01 ? 88  HOH A O   1 
HETATM 1221 O O   . HOH E 3 .  ? 14.328  -9.627  2.317   1.00 23.21 ? 89  HOH A O   1 
HETATM 1222 O O   . HOH E 3 .  ? 4.339   0.501   -17.771 1.00 27.23 ? 90  HOH A O   1 
HETATM 1223 O O   . HOH E 3 .  ? 1.397   -4.397  -12.503 1.00 24.22 ? 91  HOH A O   1 
HETATM 1224 O O   . HOH E 3 .  ? 5.819   -7.985  -11.413 1.00 22.78 ? 92  HOH A O   1 
HETATM 1225 O O   . HOH E 3 .  ? 22.417  -7.213  -6.457  1.00 25.07 ? 93  HOH A O   1 
HETATM 1226 O O   . HOH E 3 .  ? 23.799  -0.979  -0.611  1.00 27.68 ? 94  HOH A O   1 
HETATM 1227 O O   . HOH E 3 .  ? 1.469   -0.803  -13.942 1.00 28.68 ? 95  HOH A O   1 
HETATM 1228 O O   . HOH E 3 .  ? 2.224   8.489   -15.601 1.00 27.33 ? 96  HOH A O   1 
HETATM 1229 O O   . HOH E 3 .  ? 15.074  -9.008  -14.969 1.00 23.77 ? 97  HOH A O   1 
HETATM 1230 O O   . HOH E 3 .  ? 7.203   -10.205 -11.573 1.00 27.20 ? 98  HOH A O   1 
HETATM 1231 O O   . HOH E 3 .  ? 14.307  -12.051 -12.568 1.00 58.25 ? 99  HOH A O   1 
HETATM 1232 O O   . HOH E 3 .  ? 2.304   3.207   -15.366 1.00 23.31 ? 100 HOH A O   1 
HETATM 1233 O O   . HOH E 3 .  ? 19.057  -10.364 -1.119  1.00 19.73 ? 101 HOH A O   1 
HETATM 1234 O O   . HOH E 3 .  ? 26.053  -2.592  -4.737  1.00 27.86 ? 102 HOH A O   1 
HETATM 1235 O O   . HOH E 3 .  ? 20.479  5.042   -0.691  1.00 22.80 ? 103 HOH A O   1 
HETATM 1236 O O   . HOH E 3 .  ? 12.236  -9.971  -15.430 1.00 26.23 ? 104 HOH A O   1 
HETATM 1237 O O   . HOH E 3 .  ? 14.496  -5.937  2.575   1.00 25.68 ? 105 HOH A O   1 
HETATM 1238 O O   . HOH E 3 .  ? -0.468  6.229   -7.682  1.00 24.56 ? 106 HOH A O   1 
HETATM 1239 O O   . HOH E 3 .  ? 4.819   6.588   -18.859 1.00 26.90 ? 107 HOH A O   1 
HETATM 1240 O O   . HOH E 3 .  ? 21.739  -7.368  1.627   1.00 30.77 ? 108 HOH A O   1 
HETATM 1241 O O   . HOH E 3 .  ? 22.132  2.421   -0.374  1.00 23.77 ? 109 HOH A O   1 
HETATM 1242 O O   . HOH E 3 .  ? 18.919  -8.797  0.639   1.00 26.56 ? 110 HOH A O   1 
HETATM 1243 O O   . HOH E 3 .  ? 16.788  -0.820  3.551   1.00 28.21 ? 111 HOH A O   1 
HETATM 1244 O O   . HOH E 3 .  ? 1.310   4.599   8.940   1.00 34.04 ? 112 HOH A O   1 
HETATM 1245 O O   . HOH E 3 .  ? 6.710   -5.400  -19.654 1.00 28.82 ? 113 HOH A O   1 
HETATM 1246 O O   . HOH E 3 .  ? 8.760   -8.142  -17.926 1.00 30.18 ? 114 HOH A O   1 
HETATM 1247 O O   . HOH E 3 .  ? 2.359   -5.590  0.304   1.00 29.99 ? 115 HOH A O   1 
HETATM 1248 O O   . HOH E 3 .  ? 4.866   3.490   -17.752 1.00 31.92 ? 116 HOH A O   1 
HETATM 1249 O O   . HOH E 3 .  ? 11.505  -8.119  -17.987 1.00 30.65 ? 117 HOH A O   1 
HETATM 1250 O O   . HOH E 3 .  ? 11.169  9.840   -1.770  1.00 38.29 ? 118 HOH A O   1 
HETATM 1251 O O   . HOH E 3 .  ? 2.893   -0.783  1.335   1.00 31.57 ? 119 HOH A O   1 
HETATM 1252 O O   . HOH E 3 .  ? 11.201  -8.210  4.599   1.00 32.72 ? 120 HOH A O   1 
HETATM 1253 O O   . HOH E 3 .  ? 22.906  -5.028  2.244   1.00 32.22 ? 121 HOH A O   1 
HETATM 1254 O O   . HOH E 3 .  ? 16.646  6.525   1.287   1.00 29.53 ? 122 HOH A O   1 
HETATM 1255 O O   . HOH E 3 .  ? 16.804  -8.685  2.525   1.00 28.69 ? 123 HOH A O   1 
HETATM 1256 O O   . HOH E 3 .  ? 2.941   -10.075 -13.415 1.00 32.55 ? 124 HOH A O   1 
HETATM 1257 O O   . HOH E 3 .  ? 12.591  -9.986  3.964   1.00 38.63 ? 125 HOH A O   1 
HETATM 1258 O O   . HOH E 3 .  ? 12.795  -7.617  2.985   1.00 33.01 ? 126 HOH A O   1 
HETATM 1259 O O   . HOH E 3 .  ? 8.956   -7.857  3.740   1.00 37.79 ? 127 HOH A O   1 
HETATM 1260 O O   . HOH E 3 .  ? -0.612  8.070   -10.313 1.00 32.51 ? 128 HOH A O   1 
HETATM 1261 O O   . HOH E 3 .  ? 6.827   0.144   -18.623 1.00 29.92 ? 129 HOH A O   1 
HETATM 1262 O O   . HOH E 3 .  ? 1.891   3.594   -5.278  1.00 35.36 ? 130 HOH A O   1 
HETATM 1263 O O   . HOH E 3 .  ? 0.063   2.779   -14.051 1.00 31.77 ? 131 HOH A O   1 
HETATM 1264 O O   . HOH E 3 .  ? 5.142   -10.400 -14.885 1.00 30.97 ? 132 HOH A O   1 
HETATM 1265 O O   . HOH F 3 .  ? -5.289  1.099   16.605  1.00 11.15 ? 64  HOH B O   1 
HETATM 1266 O O   . HOH F 3 .  ? -17.489 -4.597  -0.195  1.00 12.29 ? 65  HOH B O   1 
HETATM 1267 O O   . HOH F 3 .  ? -14.740 -7.643  0.801   1.00 15.57 ? 66  HOH B O   1 
HETATM 1268 O O   . HOH F 3 .  ? -20.621 -14.215 1.400   1.00 16.59 ? 67  HOH B O   1 
HETATM 1269 O O   . HOH F 3 .  ? -4.586  -11.659 17.623  1.00 18.05 ? 68  HOH B O   1 
HETATM 1270 O O   . HOH F 3 .  ? -10.534 -3.344  -1.721  1.00 13.35 ? 69  HOH B O   1 
HETATM 1271 O O   . HOH F 3 .  ? -5.362  13.999  1.242   1.00 16.13 ? 70  HOH B O   1 
HETATM 1272 O O   . HOH F 3 .  ? -11.100 -10.640 15.739  1.00 19.29 ? 71  HOH B O   1 
HETATM 1273 O O   . HOH F 3 .  ? -5.287  9.915   5.928   1.00 18.06 ? 72  HOH B O   1 
HETATM 1274 O O   . HOH F 3 .  ? -0.297  -4.042  10.573  1.00 19.28 ? 73  HOH B O   1 
HETATM 1275 O O   . HOH F 3 .  ? -8.035  1.377   16.813  1.00 19.06 ? 74  HOH B O   1 
HETATM 1276 O O   . HOH F 3 .  ? 0.585   1.590   3.841   1.00 21.40 ? 75  HOH B O   1 
HETATM 1277 O O   . HOH F 3 .  ? -0.899  3.042   13.004  1.00 22.85 ? 76  HOH B O   1 
HETATM 1278 O O   . HOH F 3 .  ? -20.224 3.757   7.239   1.00 20.14 ? 77  HOH B O   1 
HETATM 1279 O O   . HOH F 3 .  ? -17.281 -7.154  15.079  1.00 26.02 ? 78  HOH B O   1 
HETATM 1280 O O   . HOH F 3 .  ? -20.184 5.838   8.934   1.00 23.30 ? 79  HOH B O   1 
HETATM 1281 O O   . HOH F 3 .  ? -9.043  3.746   17.156  1.00 18.10 ? 80  HOH B O   1 
HETATM 1282 O O   . HOH F 3 .  ? -2.028  2.184   1.118   1.00 21.36 ? 81  HOH B O   1 
HETATM 1283 O O   . HOH F 3 .  ? -3.395  12.861  2.542   1.00 21.91 ? 82  HOH B O   1 
HETATM 1284 O O   . HOH F 3 .  ? -21.587 -8.928  1.055   1.00 24.18 ? 83  HOH B O   1 
HETATM 1285 O O   . HOH F 3 .  ? -15.308 -10.234 2.721   1.00 22.65 ? 84  HOH B O   1 
HETATM 1286 O O   . HOH F 3 .  ? -9.630  11.650  1.803   1.00 18.66 ? 85  HOH B O   1 
HETATM 1287 O O   . HOH F 3 .  ? -14.937 11.090  7.649   1.00 22.57 ? 86  HOH B O   1 
HETATM 1288 O O   . HOH F 3 .  ? 0.668   2.720   1.521   1.00 23.64 ? 87  HOH B O   1 
HETATM 1289 O O   . HOH F 3 .  ? -11.033 -8.712  1.036   1.00 24.07 ? 88  HOH B O   1 
HETATM 1290 O O   . HOH F 3 .  ? -22.690 5.446   9.732   1.00 25.68 ? 89  HOH B O   1 
HETATM 1291 O O   . HOH F 3 .  ? -23.551 0.453   7.393   1.00 25.65 ? 90  HOH B O   1 
HETATM 1292 O O   . HOH F 3 .  ? -13.265 -6.629  20.375  1.00 24.34 ? 91  HOH B O   1 
HETATM 1293 O O   . HOH F 3 .  ? -15.182 11.765  10.080  1.00 25.87 ? 92  HOH B O   1 
HETATM 1294 O O   . HOH F 3 .  ? -21.817 4.255   5.101   1.00 24.24 ? 93  HOH B O   1 
HETATM 1295 O O   . HOH F 3 .  ? -0.257  -8.219  3.118   1.00 26.06 ? 94  HOH B O   1 
HETATM 1296 O O   . HOH F 3 .  ? -1.710  -8.554  12.564  1.00 23.77 ? 95  HOH B O   1 
HETATM 1297 O O   . HOH F 3 .  ? -2.568  -10.650 1.928   1.00 31.39 ? 96  HOH B O   1 
HETATM 1298 O O   . HOH F 3 .  ? -9.581  7.097   11.692  1.00 33.70 ? 97  HOH B O   1 
HETATM 1299 O O   . HOH F 3 .  ? -5.096  3.547   15.444  1.00 25.10 ? 98  HOH B O   1 
HETATM 1300 O O   . HOH F 3 .  ? -11.620 -10.098 12.308  1.00 25.26 ? 99  HOH B O   1 
HETATM 1301 O O   . HOH F 3 .  ? -15.588 8.479   7.647   1.00 24.57 ? 100 HOH B O   1 
HETATM 1302 O O   . HOH F 3 .  ? -12.066 7.155   12.238  1.00 28.82 ? 101 HOH B O   1 
HETATM 1303 O O   . HOH F 3 .  ? -8.004  9.192   -0.490  1.00 27.72 ? 102 HOH B O   1 
HETATM 1304 O O   . HOH F 3 .  ? -21.424 -8.281  8.833   1.00 30.96 ? 103 HOH B O   1 
HETATM 1305 O O   . HOH F 3 .  ? -3.506  -12.776 15.289  1.00 27.53 ? 104 HOH B O   1 
HETATM 1306 O O   . HOH F 3 .  ? 2.406   -0.230  3.929   1.00 28.80 ? 105 HOH B O   1 
HETATM 1307 O O   . HOH F 3 .  ? -13.610 -10.012 0.428   1.00 31.82 ? 106 HOH B O   1 
HETATM 1308 O O   . HOH F 3 .  ? -5.796  3.805   17.650  1.00 32.09 ? 107 HOH B O   1 
HETATM 1309 O O   . HOH F 3 .  ? -24.709 -7.504  1.289   1.00 31.40 ? 108 HOH B O   1 
HETATM 1310 O O   . HOH G 3 .  ? -4.940  7.344   6.267   1.00 14.26 ? 15  HOH C O   1 
HETATM 1311 O O   . HOH G 3 .  ? 1.475   5.889   -3.470  1.00 15.69 ? 18  HOH C O   1 
HETATM 1312 O O   . HOH G 3 .  ? 1.592   6.044   -6.119  1.00 15.22 ? 19  HOH C O   1 
HETATM 1313 O O   . HOH G 3 .  ? -0.497  14.173  -10.018 1.00 19.20 ? 31  HOH C O   1 
HETATM 1314 O O   . HOH G 3 .  ? 11.328  13.965  -9.652  1.00 18.16 ? 34  HOH C O   1 
HETATM 1315 O O   . HOH G 3 .  ? 9.179   14.718  -4.519  1.00 23.62 ? 51  HOH C O   1 
HETATM 1316 O O   . HOH G 3 .  ? 5.745   15.796  -5.971  1.00 25.13 ? 56  HOH C O   1 
HETATM 1317 O O   . HOH G 3 .  ? 0.915   9.110   -12.980 1.00 23.00 ? 63  HOH C O   1 
HETATM 1318 O O   . HOH G 3 .  ? -2.864  9.107   3.094   1.00 22.02 ? 68  HOH C O   1 
HETATM 1319 O O   . HOH G 3 .  ? -7.489  5.797   -0.786  1.00 26.09 ? 82  HOH C O   1 
HETATM 1320 O O   . HOH G 3 .  ? 0.017   12.692  -7.856  1.00 24.95 ? 88  HOH C O   1 
HETATM 1321 O O   . HOH G 3 .  ? -0.842  12.417  2.095   1.00 27.37 ? 89  HOH C O   1 
HETATM 1322 O O   . HOH G 3 .  ? 1.129   5.195   2.734   1.00 20.91 ? 90  HOH C O   1 
HETATM 1323 O O   . HOH G 3 .  ? 3.201   16.068  -3.627  1.00 24.58 ? 95  HOH C O   1 
HETATM 1324 O O   . HOH G 3 .  ? 23.207  7.568   -9.764  1.00 25.64 ? 98  HOH C O   1 
HETATM 1325 O O   . HOH G 3 .  ? -0.642  16.709  -9.073  1.00 30.32 ? 103 HOH C O   1 
HETATM 1326 O O   . HOH G 3 .  ? 20.045  10.353  -3.390  1.00 28.77 ? 110 HOH C O   1 
HETATM 1327 O O   . HOH G 3 .  ? -4.596  9.120   -4.428  1.00 33.43 ? 125 HOH C O   1 
HETATM 1328 O O   . HOH H 3 .  ? -15.515 -3.808  -5.668  1.00 16.49 ? 26  HOH D O   1 
HETATM 1329 O O   . HOH H 3 .  ? -8.283  -5.141  -4.608  1.00 24.85 ? 50  HOH D O   1 
HETATM 1330 O O   . HOH H 3 .  ? -18.253 -0.650  -7.742  1.00 22.87 ? 60  HOH D O   1 
HETATM 1331 O O   . HOH H 3 .  ? -20.907 -1.231  -7.501  1.00 23.36 ? 75  HOH D O   1 
HETATM 1332 O O   . HOH H 3 .  ? -16.892 -2.937  -8.055  1.00 21.40 ? 83  HOH D O   1 
HETATM 1333 O O   . HOH H 3 .  ? -9.257  -4.775  -7.149  1.00 29.27 ? 99  HOH D O   1 
HETATM 1334 O O   . HOH H 3 .  ? -15.212 -3.257  -10.021 1.00 28.55 ? 102 HOH D O   1 
HETATM 1335 O O   . HOH H 3 .  ? -23.254 2.091   3.857   1.00 29.74 ? 107 HOH D O   1 
HETATM 1336 O O   . HOH H 3 .  ? -5.934  1.419   -5.348  1.00 28.32 ? 132 HOH D O   1 
# 
loop_
_pdbx_poly_seq_scheme.asym_id 
_pdbx_poly_seq_scheme.entity_id 
_pdbx_poly_seq_scheme.seq_id 
_pdbx_poly_seq_scheme.mon_id 
_pdbx_poly_seq_scheme.ndb_seq_num 
_pdbx_poly_seq_scheme.pdb_seq_num 
_pdbx_poly_seq_scheme.auth_seq_num 
_pdbx_poly_seq_scheme.pdb_mon_id 
_pdbx_poly_seq_scheme.auth_mon_id 
_pdbx_poly_seq_scheme.pdb_strand_id 
_pdbx_poly_seq_scheme.pdb_ins_code 
_pdbx_poly_seq_scheme.hetero 
A 1 1  GLY 1  5   5   GLY GLY A . n 
A 1 2  PRO 2  6   6   PRO PRO A . n 
A 1 3  LEU 3  7   7   LEU LEU A . n 
A 1 4  GLY 4  8   8   GLY GLY A . n 
A 1 5  SER 5  9   9   SER SER A . n 
A 1 6  VAL 6  10  10  VAL VAL A . n 
A 1 7  VAL 7  11  11  VAL VAL A . n 
A 1 8  ARG 8  12  12  ARG ARG A . n 
A 1 9  ALA 9  13  13  ALA ALA A . n 
A 1 10 LYS 10 14  14  LYS LYS A . n 
A 1 11 PHE 11 15  15  PHE PHE A . n 
A 1 12 ASN 12 16  16  ASN ASN A . n 
A 1 13 PHE 13 17  17  PHE PHE A . n 
A 1 14 GLN 14 18  18  GLN GLN A . n 
A 1 15 GLN 15 19  19  GLN GLN A . n 
A 1 16 THR 16 20  20  THR THR A . n 
A 1 17 ASN 17 21  21  ASN ASN A . n 
A 1 18 GLU 18 22  22  GLU GLU A . n 
A 1 19 ASP 19 23  23  ASP ASP A . n 
A 1 20 GLU 20 24  24  GLU GLU A . n 
A 1 21 LEU 21 25  25  LEU LEU A . n 
A 1 22 SER 22 26  26  SER SER A . n 
A 1 23 PHE 23 27  27  PHE PHE A . n 
A 1 24 SER 24 28  28  SER SER A . n 
A 1 25 LYS 25 29  29  LYS LYS A . n 
A 1 26 GLY 26 30  30  GLY GLY A . n 
A 1 27 ASP 27 31  31  ASP ASP A . n 
A 1 28 VAL 28 32  32  VAL VAL A . n 
A 1 29 ILE 29 33  33  ILE ILE A . n 
A 1 30 HIS 30 34  34  HIS HIS A . n 
A 1 31 VAL 31 35  35  VAL VAL A . n 
A 1 32 THR 32 36  36  THR THR A . n 
A 1 33 ARG 33 37  37  ARG ARG A . n 
A 1 34 VAL 34 38  38  VAL VAL A . n 
A 1 35 GLU 35 39  39  GLU GLU A . n 
A 1 36 GLU 36 40  40  GLU GLU A . n 
A 1 37 GLY 37 41  41  GLY GLY A . n 
A 1 38 GLY 38 42  42  GLY GLY A . n 
A 1 39 TRP 39 43  43  TRP TRP A . n 
A 1 40 TRP 40 44  44  TRP TRP A . n 
A 1 41 GLU 41 45  45  GLU GLU A . n 
A 1 42 GLY 42 46  46  GLY GLY A . n 
A 1 43 THR 43 47  47  THR THR A . n 
A 1 44 HIS 44 48  48  HIS HIS A . n 
A 1 45 ASN 45 49  49  ASN ASN A . n 
A 1 46 GLY 46 50  50  GLY GLY A . n 
A 1 47 ARG 47 51  51  ARG ARG A . n 
A 1 48 THR 48 52  52  THR THR A . n 
A 1 49 GLY 49 53  53  GLY GLY A . n 
A 1 50 TRP 50 54  54  TRP TRP A . n 
A 1 51 PHE 51 55  55  PHE PHE A . n 
A 1 52 PRO 52 56  56  PRO PRO A . n 
A 1 53 SER 53 57  57  SER SER A . n 
A 1 54 ASN 54 58  58  ASN ASN A . n 
A 1 55 TYR 55 59  59  TYR TYR A . n 
A 1 56 VAL 56 60  60  VAL VAL A . n 
A 1 57 ARG 57 61  61  ARG ARG A . n 
A 1 58 GLU 58 62  62  GLU GLU A . n 
A 1 59 ILE 59 63  63  ILE ILE A . n 
B 1 1  GLY 1  5   5   GLY GLY B . n 
B 1 2  PRO 2  6   6   PRO PRO B . n 
B 1 3  LEU 3  7   7   LEU LEU B . n 
B 1 4  GLY 4  8   8   GLY GLY B . n 
B 1 5  SER 5  9   9   SER SER B . n 
B 1 6  VAL 6  10  10  VAL VAL B . n 
B 1 7  VAL 7  11  11  VAL VAL B . n 
B 1 8  ARG 8  12  12  ARG ARG B . n 
B 1 9  ALA 9  13  13  ALA ALA B . n 
B 1 10 LYS 10 14  14  LYS LYS B . n 
B 1 11 PHE 11 15  15  PHE PHE B . n 
B 1 12 ASN 12 16  16  ASN ASN B . n 
B 1 13 PHE 13 17  17  PHE PHE B . n 
B 1 14 GLN 14 18  18  GLN GLN B . n 
B 1 15 GLN 15 19  19  GLN GLN B . n 
B 1 16 THR 16 20  20  THR THR B . n 
B 1 17 ASN 17 21  21  ASN ASN B . n 
B 1 18 GLU 18 22  22  GLU GLU B . n 
B 1 19 ASP 19 23  23  ASP ASP B . n 
B 1 20 GLU 20 24  24  GLU GLU B . n 
B 1 21 LEU 21 25  25  LEU LEU B . n 
B 1 22 SER 22 26  26  SER SER B . n 
B 1 23 PHE 23 27  27  PHE PHE B . n 
B 1 24 SER 24 28  28  SER SER B . n 
B 1 25 LYS 25 29  29  LYS LYS B . n 
B 1 26 GLY 26 30  30  GLY GLY B . n 
B 1 27 ASP 27 31  31  ASP ASP B . n 
B 1 28 VAL 28 32  32  VAL VAL B . n 
B 1 29 ILE 29 33  33  ILE ILE B . n 
B 1 30 HIS 30 34  34  HIS HIS B . n 
B 1 31 VAL 31 35  35  VAL VAL B . n 
B 1 32 THR 32 36  36  THR THR B . n 
B 1 33 ARG 33 37  37  ARG ARG B . n 
B 1 34 VAL 34 38  38  VAL VAL B . n 
B 1 35 GLU 35 39  39  GLU GLU B . n 
B 1 36 GLU 36 40  40  GLU GLU B . n 
B 1 37 GLY 37 41  41  GLY GLY B . n 
B 1 38 GLY 38 42  42  GLY GLY B . n 
B 1 39 TRP 39 43  43  TRP TRP B . n 
B 1 40 TRP 40 44  44  TRP TRP B . n 
B 1 41 GLU 41 45  45  GLU GLU B . n 
B 1 42 GLY 42 46  46  GLY GLY B . n 
B 1 43 THR 43 47  47  THR THR B . n 
B 1 44 HIS 44 48  48  HIS HIS B . n 
B 1 45 ASN 45 49  49  ASN ASN B . n 
B 1 46 GLY 46 50  50  GLY GLY B . n 
B 1 47 ARG 47 51  51  ARG ARG B . n 
B 1 48 THR 48 52  52  THR THR B . n 
B 1 49 GLY 49 53  53  GLY GLY B . n 
B 1 50 TRP 50 54  54  TRP TRP B . n 
B 1 51 PHE 51 55  55  PHE PHE B . n 
B 1 52 PRO 52 56  56  PRO PRO B . n 
B 1 53 SER 53 57  57  SER SER B . n 
B 1 54 ASN 54 58  58  ASN ASN B . n 
B 1 55 TYR 55 59  59  TYR TYR B . n 
B 1 56 VAL 56 60  60  VAL VAL B . n 
B 1 57 ARG 57 61  61  ARG ARG B . n 
B 1 58 GLU 58 62  62  GLU GLU B . n 
B 1 59 ILE 59 63  63  ILE ILE B . n 
C 2 1  PRO 1  180 180 PRO PRO C . n 
C 2 2  PRO 2  181 181 PRO PRO C . n 
C 2 3  VAL 3  182 182 VAL VAL C . n 
C 2 4  ILE 4  183 183 ILE ILE C . n 
C 2 5  ALA 5  184 184 ALA ALA C . n 
C 2 6  PRO 6  185 185 PRO PRO C . n 
C 2 7  ARG 7  186 186 ARG ARG C . n 
C 2 8  PRO 8  187 187 PRO PRO C . n 
C 2 9  GLU 9  188 188 GLU GLU C . n 
C 2 10 HIS 10 189 189 HIS HIS C . n 
C 2 11 THR 11 190 190 THR THR C . n 
C 2 12 LYS 12 191 191 LYS LYS C . n 
C 2 13 SER 13 192 192 SER SER C . n 
C 2 14 ILE 14 193 193 ILE ILE C . n 
C 2 15 TYR 15 194 194 TYR TYR C . n 
C 2 16 THR 16 195 195 THR THR C . n 
C 2 17 ARG 17 196 196 ARG ARG C . n 
C 2 18 SER 18 197 197 SER SER C . n 
D 2 1  PRO 1  180 180 PRO PRO D . n 
D 2 2  PRO 2  181 181 PRO PRO D . n 
D 2 3  VAL 3  182 182 VAL VAL D . n 
D 2 4  ILE 4  183 183 ILE ILE D . n 
D 2 5  ALA 5  184 184 ALA ALA D . n 
D 2 6  PRO 6  185 185 PRO PRO D . n 
D 2 7  ARG 7  186 186 ARG ARG D . n 
D 2 8  PRO 8  187 187 PRO PRO D . n 
D 2 9  GLU 9  188 188 GLU GLU D . n 
D 2 10 HIS 10 189 189 HIS HIS D . n 
D 2 11 THR 11 190 190 THR THR D . n 
D 2 12 LYS 12 191 191 LYS LYS D . n 
D 2 13 SER 13 192 ?   ?   ?   D . n 
D 2 14 ILE 14 193 ?   ?   ?   D . n 
D 2 15 TYR 15 194 ?   ?   ?   D . n 
D 2 16 THR 16 195 ?   ?   ?   D . n 
D 2 17 ARG 17 196 ?   ?   ?   D . n 
D 2 18 SER 18 197 ?   ?   ?   D . n 
# 
loop_
_pdbx_nonpoly_scheme.asym_id 
_pdbx_nonpoly_scheme.entity_id 
_pdbx_nonpoly_scheme.mon_id 
_pdbx_nonpoly_scheme.ndb_seq_num 
_pdbx_nonpoly_scheme.pdb_seq_num 
_pdbx_nonpoly_scheme.auth_seq_num 
_pdbx_nonpoly_scheme.pdb_mon_id 
_pdbx_nonpoly_scheme.auth_mon_id 
_pdbx_nonpoly_scheme.pdb_strand_id 
_pdbx_nonpoly_scheme.pdb_ins_code 
E 3 HOH 1  64  1   HOH HOH A . 
E 3 HOH 2  65  2   HOH HOH A . 
E 3 HOH 3  66  3   HOH HOH A . 
E 3 HOH 4  67  4   HOH HOH A . 
E 3 HOH 5  68  6   HOH HOH A . 
E 3 HOH 6  69  7   HOH HOH A . 
E 3 HOH 7  70  8   HOH HOH A . 
E 3 HOH 8  71  9   HOH HOH A . 
E 3 HOH 9  72  11  HOH HOH A . 
E 3 HOH 10 73  12  HOH HOH A . 
E 3 HOH 11 74  13  HOH HOH A . 
E 3 HOH 12 75  16  HOH HOH A . 
E 3 HOH 13 76  17  HOH HOH A . 
E 3 HOH 14 77  20  HOH HOH A . 
E 3 HOH 15 78  21  HOH HOH A . 
E 3 HOH 16 79  22  HOH HOH A . 
E 3 HOH 17 80  28  HOH HOH A . 
E 3 HOH 18 81  30  HOH HOH A . 
E 3 HOH 19 82  37  HOH HOH A . 
E 3 HOH 20 83  38  HOH HOH A . 
E 3 HOH 21 84  42  HOH HOH A . 
E 3 HOH 22 85  44  HOH HOH A . 
E 3 HOH 23 86  45  HOH HOH A . 
E 3 HOH 24 87  46  HOH HOH A . 
E 3 HOH 25 88  54  HOH HOH A . 
E 3 HOH 26 89  55  HOH HOH A . 
E 3 HOH 27 90  58  HOH HOH A . 
E 3 HOH 28 91  61  HOH HOH A . 
E 3 HOH 29 92  62  HOH HOH A . 
E 3 HOH 30 93  64  HOH HOH A . 
E 3 HOH 31 94  65  HOH HOH A . 
E 3 HOH 32 95  69  HOH HOH A . 
E 3 HOH 33 96  71  HOH HOH A . 
E 3 HOH 34 97  72  HOH HOH A . 
E 3 HOH 35 98  73  HOH HOH A . 
E 3 HOH 36 99  74  HOH HOH A . 
E 3 HOH 37 100 77  HOH HOH A . 
E 3 HOH 38 101 78  HOH HOH A . 
E 3 HOH 39 102 79  HOH HOH A . 
E 3 HOH 40 103 80  HOH HOH A . 
E 3 HOH 41 104 84  HOH HOH A . 
E 3 HOH 42 105 86  HOH HOH A . 
E 3 HOH 43 106 87  HOH HOH A . 
E 3 HOH 44 107 91  HOH HOH A . 
E 3 HOH 45 108 93  HOH HOH A . 
E 3 HOH 46 109 97  HOH HOH A . 
E 3 HOH 47 110 100 HOH HOH A . 
E 3 HOH 48 111 105 HOH HOH A . 
E 3 HOH 49 112 109 HOH HOH A . 
E 3 HOH 50 113 111 HOH HOH A . 
E 3 HOH 51 114 112 HOH HOH A . 
E 3 HOH 52 115 113 HOH HOH A . 
E 3 HOH 53 116 116 HOH HOH A . 
E 3 HOH 54 117 117 HOH HOH A . 
E 3 HOH 55 118 118 HOH HOH A . 
E 3 HOH 56 119 120 HOH HOH A . 
E 3 HOH 57 120 121 HOH HOH A . 
E 3 HOH 58 121 123 HOH HOH A . 
E 3 HOH 59 122 124 HOH HOH A . 
E 3 HOH 60 123 127 HOH HOH A . 
E 3 HOH 61 124 128 HOH HOH A . 
E 3 HOH 62 125 129 HOH HOH A . 
E 3 HOH 63 126 130 HOH HOH A . 
E 3 HOH 64 127 131 HOH HOH A . 
E 3 HOH 65 128 133 HOH HOH A . 
E 3 HOH 66 129 134 HOH HOH A . 
E 3 HOH 67 130 138 HOH HOH A . 
E 3 HOH 68 131 139 HOH HOH A . 
E 3 HOH 69 132 140 HOH HOH A . 
F 3 HOH 1  64  5   HOH HOH B . 
F 3 HOH 2  65  10  HOH HOH B . 
F 3 HOH 3  66  14  HOH HOH B . 
F 3 HOH 4  67  23  HOH HOH B . 
F 3 HOH 5  68  24  HOH HOH B . 
F 3 HOH 6  69  25  HOH HOH B . 
F 3 HOH 7  70  27  HOH HOH B . 
F 3 HOH 8  71  29  HOH HOH B . 
F 3 HOH 9  72  32  HOH HOH B . 
F 3 HOH 10 73  33  HOH HOH B . 
F 3 HOH 11 74  35  HOH HOH B . 
F 3 HOH 12 75  36  HOH HOH B . 
F 3 HOH 13 76  39  HOH HOH B . 
F 3 HOH 14 77  40  HOH HOH B . 
F 3 HOH 15 78  41  HOH HOH B . 
F 3 HOH 16 79  43  HOH HOH B . 
F 3 HOH 17 80  47  HOH HOH B . 
F 3 HOH 18 81  48  HOH HOH B . 
F 3 HOH 19 82  49  HOH HOH B . 
F 3 HOH 20 83  52  HOH HOH B . 
F 3 HOH 21 84  53  HOH HOH B . 
F 3 HOH 22 85  57  HOH HOH B . 
F 3 HOH 23 86  59  HOH HOH B . 
F 3 HOH 24 87  66  HOH HOH B . 
F 3 HOH 25 88  67  HOH HOH B . 
F 3 HOH 26 89  70  HOH HOH B . 
F 3 HOH 27 90  76  HOH HOH B . 
F 3 HOH 28 91  81  HOH HOH B . 
F 3 HOH 29 92  85  HOH HOH B . 
F 3 HOH 30 93  92  HOH HOH B . 
F 3 HOH 31 94  94  HOH HOH B . 
F 3 HOH 32 95  96  HOH HOH B . 
F 3 HOH 33 96  101 HOH HOH B . 
F 3 HOH 34 97  104 HOH HOH B . 
F 3 HOH 35 98  106 HOH HOH B . 
F 3 HOH 36 99  108 HOH HOH B . 
F 3 HOH 37 100 114 HOH HOH B . 
F 3 HOH 38 101 115 HOH HOH B . 
F 3 HOH 39 102 119 HOH HOH B . 
F 3 HOH 40 103 122 HOH HOH B . 
F 3 HOH 41 104 126 HOH HOH B . 
F 3 HOH 42 105 135 HOH HOH B . 
F 3 HOH 43 106 136 HOH HOH B . 
F 3 HOH 44 107 137 HOH HOH B . 
F 3 HOH 45 108 141 HOH HOH B . 
G 3 HOH 1  15  15  HOH HOH C . 
G 3 HOH 2  18  18  HOH HOH C . 
G 3 HOH 3  19  19  HOH HOH C . 
G 3 HOH 4  31  31  HOH HOH C . 
G 3 HOH 5  34  34  HOH HOH C . 
G 3 HOH 6  51  51  HOH HOH C . 
G 3 HOH 7  56  56  HOH HOH C . 
G 3 HOH 8  63  63  HOH HOH C . 
G 3 HOH 9  68  68  HOH HOH C . 
G 3 HOH 10 82  82  HOH HOH C . 
G 3 HOH 11 88  88  HOH HOH C . 
G 3 HOH 12 89  89  HOH HOH C . 
G 3 HOH 13 90  90  HOH HOH C . 
G 3 HOH 14 95  95  HOH HOH C . 
G 3 HOH 15 98  98  HOH HOH C . 
G 3 HOH 16 103 103 HOH HOH C . 
G 3 HOH 17 110 110 HOH HOH C . 
G 3 HOH 18 125 125 HOH HOH C . 
H 3 HOH 1  26  26  HOH HOH D . 
H 3 HOH 2  50  50  HOH HOH D . 
H 3 HOH 3  60  60  HOH HOH D . 
H 3 HOH 4  75  75  HOH HOH D . 
H 3 HOH 5  83  83  HOH HOH D . 
H 3 HOH 6  99  99  HOH HOH D . 
H 3 HOH 7  102 102 HOH HOH D . 
H 3 HOH 8  107 107 HOH HOH D . 
H 3 HOH 9  132 132 HOH HOH D . 
# 
loop_
_pdbx_struct_assembly.id 
_pdbx_struct_assembly.details 
_pdbx_struct_assembly.method_details 
_pdbx_struct_assembly.oligomeric_details 
_pdbx_struct_assembly.oligomeric_count 
1 author_and_software_defined_assembly PISA dimeric 2 
2 author_and_software_defined_assembly PISA dimeric 2 
# 
loop_
_pdbx_struct_assembly_gen.assembly_id 
_pdbx_struct_assembly_gen.oper_expression 
_pdbx_struct_assembly_gen.asym_id_list 
1 1 A,C,E,G 
2 1 B,D,F,H 
# 
loop_
_pdbx_struct_assembly_prop.biol_id 
_pdbx_struct_assembly_prop.type 
_pdbx_struct_assembly_prop.value 
_pdbx_struct_assembly_prop.details 
1 'ABSA (A^2)' 1340 ? 
1 MORE         -4   ? 
1 'SSA (A^2)'  4530 ? 
2 'ABSA (A^2)' 940  ? 
2 MORE         -4   ? 
2 'SSA (A^2)'  4370 ? 
# 
_pdbx_struct_oper_list.id                   1 
_pdbx_struct_oper_list.type                 'identity operation' 
_pdbx_struct_oper_list.name                 1_555 
_pdbx_struct_oper_list.symmetry_operation   x,y,z 
_pdbx_struct_oper_list.matrix[1][1]         1.0000000000 
_pdbx_struct_oper_list.matrix[1][2]         0.0000000000 
_pdbx_struct_oper_list.matrix[1][3]         0.0000000000 
_pdbx_struct_oper_list.vector[1]            0.0000000000 
_pdbx_struct_oper_list.matrix[2][1]         0.0000000000 
_pdbx_struct_oper_list.matrix[2][2]         1.0000000000 
_pdbx_struct_oper_list.matrix[2][3]         0.0000000000 
_pdbx_struct_oper_list.vector[2]            0.0000000000 
_pdbx_struct_oper_list.matrix[3][1]         0.0000000000 
_pdbx_struct_oper_list.matrix[3][2]         0.0000000000 
_pdbx_struct_oper_list.matrix[3][3]         1.0000000000 
_pdbx_struct_oper_list.vector[3]            0.0000000000 
# 
loop_
_pdbx_audit_revision_history.ordinal 
_pdbx_audit_revision_history.data_content_type 
_pdbx_audit_revision_history.major_revision 
_pdbx_audit_revision_history.minor_revision 
_pdbx_audit_revision_history.revision_date 
1 'Structure model' 1 0 2006-04-11 
2 'Structure model' 1 1 2008-04-30 
3 'Structure model' 1 2 2011-07-13 
4 'Structure model' 1 3 2023-10-25 
# 
_pdbx_audit_revision_details.ordinal             1 
_pdbx_audit_revision_details.revision_ordinal    1 
_pdbx_audit_revision_details.data_content_type   'Structure model' 
_pdbx_audit_revision_details.provider            repository 
_pdbx_audit_revision_details.type                'Initial release' 
_pdbx_audit_revision_details.description         ? 
_pdbx_audit_revision_details.details             ? 
# 
loop_
_pdbx_audit_revision_group.ordinal 
_pdbx_audit_revision_group.revision_ordinal 
_pdbx_audit_revision_group.data_content_type 
_pdbx_audit_revision_group.group 
1 2 'Structure model' 'Version format compliance' 
2 3 'Structure model' 'Version format compliance' 
3 4 'Structure model' 'Data collection'           
4 4 'Structure model' 'Database references'       
5 4 'Structure model' 'Refinement description'    
# 
loop_
_pdbx_audit_revision_category.ordinal 
_pdbx_audit_revision_category.revision_ordinal 
_pdbx_audit_revision_category.data_content_type 
_pdbx_audit_revision_category.category 
1 4 'Structure model' chem_comp_atom                
2 4 'Structure model' chem_comp_bond                
3 4 'Structure model' database_2                    
4 4 'Structure model' pdbx_initial_refinement_model 
5 4 'Structure model' struct_ref_seq_dif            
# 
loop_
_pdbx_audit_revision_item.ordinal 
_pdbx_audit_revision_item.revision_ordinal 
_pdbx_audit_revision_item.data_content_type 
_pdbx_audit_revision_item.item 
1 4 'Structure model' '_database_2.pdbx_DOI'                
2 4 'Structure model' '_database_2.pdbx_database_accession' 
3 4 'Structure model' '_struct_ref_seq_dif.details'         
# 
loop_
_software.name 
_software.classification 
_software.version 
_software.citation_id 
_software.pdbx_ordinal 
DENZO     'data reduction' .   ? 1 
SCALEPACK 'data scaling'   .   ? 2 
AMoRE     phasing          .   ? 3 
CNS       refinement       1.1 ? 4 
# 
_pdbx_validate_rmsd_bond.id                        1 
_pdbx_validate_rmsd_bond.PDB_model_num             1 
_pdbx_validate_rmsd_bond.auth_atom_id_1            CD 
_pdbx_validate_rmsd_bond.auth_asym_id_1            B 
_pdbx_validate_rmsd_bond.auth_comp_id_1            GLU 
_pdbx_validate_rmsd_bond.auth_seq_id_1             40 
_pdbx_validate_rmsd_bond.PDB_ins_code_1            ? 
_pdbx_validate_rmsd_bond.label_alt_id_1            ? 
_pdbx_validate_rmsd_bond.auth_atom_id_2            OE2 
_pdbx_validate_rmsd_bond.auth_asym_id_2            B 
_pdbx_validate_rmsd_bond.auth_comp_id_2            GLU 
_pdbx_validate_rmsd_bond.auth_seq_id_2             40 
_pdbx_validate_rmsd_bond.PDB_ins_code_2            ? 
_pdbx_validate_rmsd_bond.label_alt_id_2            ? 
_pdbx_validate_rmsd_bond.bond_value                1.329 
_pdbx_validate_rmsd_bond.bond_target_value         1.252 
_pdbx_validate_rmsd_bond.bond_deviation            0.077 
_pdbx_validate_rmsd_bond.bond_standard_deviation   0.011 
_pdbx_validate_rmsd_bond.linker_flag               N 
# 
_pdbx_validate_torsion.id              1 
_pdbx_validate_torsion.PDB_model_num   1 
_pdbx_validate_torsion.auth_comp_id    ASN 
_pdbx_validate_torsion.auth_asym_id    A 
_pdbx_validate_torsion.auth_seq_id     49 
_pdbx_validate_torsion.PDB_ins_code    ? 
_pdbx_validate_torsion.label_alt_id    ? 
_pdbx_validate_torsion.phi             49.55 
_pdbx_validate_torsion.psi             -129.95 
# 
loop_
_pdbx_unobs_or_zero_occ_residues.id 
_pdbx_unobs_or_zero_occ_residues.PDB_model_num 
_pdbx_unobs_or_zero_occ_residues.polymer_flag 
_pdbx_unobs_or_zero_occ_residues.occupancy_flag 
_pdbx_unobs_or_zero_occ_residues.auth_asym_id 
_pdbx_unobs_or_zero_occ_residues.auth_comp_id 
_pdbx_unobs_or_zero_occ_residues.auth_seq_id 
_pdbx_unobs_or_zero_occ_residues.PDB_ins_code 
_pdbx_unobs_or_zero_occ_residues.label_asym_id 
_pdbx_unobs_or_zero_occ_residues.label_comp_id 
_pdbx_unobs_or_zero_occ_residues.label_seq_id 
1 1 Y 1 D SER 192 ? D SER 13 
2 1 Y 1 D ILE 193 ? D ILE 14 
3 1 Y 1 D TYR 194 ? D TYR 15 
4 1 Y 1 D THR 195 ? D THR 16 
5 1 Y 1 D ARG 196 ? D ARG 17 
6 1 Y 1 D SER 197 ? D SER 18 
# 
loop_
_chem_comp_atom.comp_id 
_chem_comp_atom.atom_id 
_chem_comp_atom.type_symbol 
_chem_comp_atom.pdbx_aromatic_flag 
_chem_comp_atom.pdbx_stereo_config 
_chem_comp_atom.pdbx_ordinal 
ALA N    N N N 1   
ALA CA   C N S 2   
ALA C    C N N 3   
ALA O    O N N 4   
ALA CB   C N N 5   
ALA OXT  O N N 6   
ALA H    H N N 7   
ALA H2   H N N 8   
ALA HA   H N N 9   
ALA HB1  H N N 10  
ALA HB2  H N N 11  
ALA HB3  H N N 12  
ALA HXT  H N N 13  
ARG N    N N N 14  
ARG CA   C N S 15  
ARG C    C N N 16  
ARG O    O N N 17  
ARG CB   C N N 18  
ARG CG   C N N 19  
ARG CD   C N N 20  
ARG NE   N N N 21  
ARG CZ   C N N 22  
ARG NH1  N N N 23  
ARG NH2  N N N 24  
ARG OXT  O N N 25  
ARG H    H N N 26  
ARG H2   H N N 27  
ARG HA   H N N 28  
ARG HB2  H N N 29  
ARG HB3  H N N 30  
ARG HG2  H N N 31  
ARG HG3  H N N 32  
ARG HD2  H N N 33  
ARG HD3  H N N 34  
ARG HE   H N N 35  
ARG HH11 H N N 36  
ARG HH12 H N N 37  
ARG HH21 H N N 38  
ARG HH22 H N N 39  
ARG HXT  H N N 40  
ASN N    N N N 41  
ASN CA   C N S 42  
ASN C    C N N 43  
ASN O    O N N 44  
ASN CB   C N N 45  
ASN CG   C N N 46  
ASN OD1  O N N 47  
ASN ND2  N N N 48  
ASN OXT  O N N 49  
ASN H    H N N 50  
ASN H2   H N N 51  
ASN HA   H N N 52  
ASN HB2  H N N 53  
ASN HB3  H N N 54  
ASN HD21 H N N 55  
ASN HD22 H N N 56  
ASN HXT  H N N 57  
ASP N    N N N 58  
ASP CA   C N S 59  
ASP C    C N N 60  
ASP O    O N N 61  
ASP CB   C N N 62  
ASP CG   C N N 63  
ASP OD1  O N N 64  
ASP OD2  O N N 65  
ASP OXT  O N N 66  
ASP H    H N N 67  
ASP H2   H N N 68  
ASP HA   H N N 69  
ASP HB2  H N N 70  
ASP HB3  H N N 71  
ASP HD2  H N N 72  
ASP HXT  H N N 73  
GLN N    N N N 74  
GLN CA   C N S 75  
GLN C    C N N 76  
GLN O    O N N 77  
GLN CB   C N N 78  
GLN CG   C N N 79  
GLN CD   C N N 80  
GLN OE1  O N N 81  
GLN NE2  N N N 82  
GLN OXT  O N N 83  
GLN H    H N N 84  
GLN H2   H N N 85  
GLN HA   H N N 86  
GLN HB2  H N N 87  
GLN HB3  H N N 88  
GLN HG2  H N N 89  
GLN HG3  H N N 90  
GLN HE21 H N N 91  
GLN HE22 H N N 92  
GLN HXT  H N N 93  
GLU N    N N N 94  
GLU CA   C N S 95  
GLU C    C N N 96  
GLU O    O N N 97  
GLU CB   C N N 98  
GLU CG   C N N 99  
GLU CD   C N N 100 
GLU OE1  O N N 101 
GLU OE2  O N N 102 
GLU OXT  O N N 103 
GLU H    H N N 104 
GLU H2   H N N 105 
GLU HA   H N N 106 
GLU HB2  H N N 107 
GLU HB3  H N N 108 
GLU HG2  H N N 109 
GLU HG3  H N N 110 
GLU HE2  H N N 111 
GLU HXT  H N N 112 
GLY N    N N N 113 
GLY CA   C N N 114 
GLY C    C N N 115 
GLY O    O N N 116 
GLY OXT  O N N 117 
GLY H    H N N 118 
GLY H2   H N N 119 
GLY HA2  H N N 120 
GLY HA3  H N N 121 
GLY HXT  H N N 122 
HIS N    N N N 123 
HIS CA   C N S 124 
HIS C    C N N 125 
HIS O    O N N 126 
HIS CB   C N N 127 
HIS CG   C Y N 128 
HIS ND1  N Y N 129 
HIS CD2  C Y N 130 
HIS CE1  C Y N 131 
HIS NE2  N Y N 132 
HIS OXT  O N N 133 
HIS H    H N N 134 
HIS H2   H N N 135 
HIS HA   H N N 136 
HIS HB2  H N N 137 
HIS HB3  H N N 138 
HIS HD1  H N N 139 
HIS HD2  H N N 140 
HIS HE1  H N N 141 
HIS HE2  H N N 142 
HIS HXT  H N N 143 
HOH O    O N N 144 
HOH H1   H N N 145 
HOH H2   H N N 146 
ILE N    N N N 147 
ILE CA   C N S 148 
ILE C    C N N 149 
ILE O    O N N 150 
ILE CB   C N S 151 
ILE CG1  C N N 152 
ILE CG2  C N N 153 
ILE CD1  C N N 154 
ILE OXT  O N N 155 
ILE H    H N N 156 
ILE H2   H N N 157 
ILE HA   H N N 158 
ILE HB   H N N 159 
ILE HG12 H N N 160 
ILE HG13 H N N 161 
ILE HG21 H N N 162 
ILE HG22 H N N 163 
ILE HG23 H N N 164 
ILE HD11 H N N 165 
ILE HD12 H N N 166 
ILE HD13 H N N 167 
ILE HXT  H N N 168 
LEU N    N N N 169 
LEU CA   C N S 170 
LEU C    C N N 171 
LEU O    O N N 172 
LEU CB   C N N 173 
LEU CG   C N N 174 
LEU CD1  C N N 175 
LEU CD2  C N N 176 
LEU OXT  O N N 177 
LEU H    H N N 178 
LEU H2   H N N 179 
LEU HA   H N N 180 
LEU HB2  H N N 181 
LEU HB3  H N N 182 
LEU HG   H N N 183 
LEU HD11 H N N 184 
LEU HD12 H N N 185 
LEU HD13 H N N 186 
LEU HD21 H N N 187 
LEU HD22 H N N 188 
LEU HD23 H N N 189 
LEU HXT  H N N 190 
LYS N    N N N 191 
LYS CA   C N S 192 
LYS C    C N N 193 
LYS O    O N N 194 
LYS CB   C N N 195 
LYS CG   C N N 196 
LYS CD   C N N 197 
LYS CE   C N N 198 
LYS NZ   N N N 199 
LYS OXT  O N N 200 
LYS H    H N N 201 
LYS H2   H N N 202 
LYS HA   H N N 203 
LYS HB2  H N N 204 
LYS HB3  H N N 205 
LYS HG2  H N N 206 
LYS HG3  H N N 207 
LYS HD2  H N N 208 
LYS HD3  H N N 209 
LYS HE2  H N N 210 
LYS HE3  H N N 211 
LYS HZ1  H N N 212 
LYS HZ2  H N N 213 
LYS HZ3  H N N 214 
LYS HXT  H N N 215 
PHE N    N N N 216 
PHE CA   C N S 217 
PHE C    C N N 218 
PHE O    O N N 219 
PHE CB   C N N 220 
PHE CG   C Y N 221 
PHE CD1  C Y N 222 
PHE CD2  C Y N 223 
PHE CE1  C Y N 224 
PHE CE2  C Y N 225 
PHE CZ   C Y N 226 
PHE OXT  O N N 227 
PHE H    H N N 228 
PHE H2   H N N 229 
PHE HA   H N N 230 
PHE HB2  H N N 231 
PHE HB3  H N N 232 
PHE HD1  H N N 233 
PHE HD2  H N N 234 
PHE HE1  H N N 235 
PHE HE2  H N N 236 
PHE HZ   H N N 237 
PHE HXT  H N N 238 
PRO N    N N N 239 
PRO CA   C N S 240 
PRO C    C N N 241 
PRO O    O N N 242 
PRO CB   C N N 243 
PRO CG   C N N 244 
PRO CD   C N N 245 
PRO OXT  O N N 246 
PRO H    H N N 247 
PRO HA   H N N 248 
PRO HB2  H N N 249 
PRO HB3  H N N 250 
PRO HG2  H N N 251 
PRO HG3  H N N 252 
PRO HD2  H N N 253 
PRO HD3  H N N 254 
PRO HXT  H N N 255 
SER N    N N N 256 
SER CA   C N S 257 
SER C    C N N 258 
SER O    O N N 259 
SER CB   C N N 260 
SER OG   O N N 261 
SER OXT  O N N 262 
SER H    H N N 263 
SER H2   H N N 264 
SER HA   H N N 265 
SER HB2  H N N 266 
SER HB3  H N N 267 
SER HG   H N N 268 
SER HXT  H N N 269 
THR N    N N N 270 
THR CA   C N S 271 
THR C    C N N 272 
THR O    O N N 273 
THR CB   C N R 274 
THR OG1  O N N 275 
THR CG2  C N N 276 
THR OXT  O N N 277 
THR H    H N N 278 
THR H2   H N N 279 
THR HA   H N N 280 
THR HB   H N N 281 
THR HG1  H N N 282 
THR HG21 H N N 283 
THR HG22 H N N 284 
THR HG23 H N N 285 
THR HXT  H N N 286 
TRP N    N N N 287 
TRP CA   C N S 288 
TRP C    C N N 289 
TRP O    O N N 290 
TRP CB   C N N 291 
TRP CG   C Y N 292 
TRP CD1  C Y N 293 
TRP CD2  C Y N 294 
TRP NE1  N Y N 295 
TRP CE2  C Y N 296 
TRP CE3  C Y N 297 
TRP CZ2  C Y N 298 
TRP CZ3  C Y N 299 
TRP CH2  C Y N 300 
TRP OXT  O N N 301 
TRP H    H N N 302 
TRP H2   H N N 303 
TRP HA   H N N 304 
TRP HB2  H N N 305 
TRP HB3  H N N 306 
TRP HD1  H N N 307 
TRP HE1  H N N 308 
TRP HE3  H N N 309 
TRP HZ2  H N N 310 
TRP HZ3  H N N 311 
TRP HH2  H N N 312 
TRP HXT  H N N 313 
TYR N    N N N 314 
TYR CA   C N S 315 
TYR C    C N N 316 
TYR O    O N N 317 
TYR CB   C N N 318 
TYR CG   C Y N 319 
TYR CD1  C Y N 320 
TYR CD2  C Y N 321 
TYR CE1  C Y N 322 
TYR CE2  C Y N 323 
TYR CZ   C Y N 324 
TYR OH   O N N 325 
TYR OXT  O N N 326 
TYR H    H N N 327 
TYR H2   H N N 328 
TYR HA   H N N 329 
TYR HB2  H N N 330 
TYR HB3  H N N 331 
TYR HD1  H N N 332 
TYR HD2  H N N 333 
TYR HE1  H N N 334 
TYR HE2  H N N 335 
TYR HH   H N N 336 
TYR HXT  H N N 337 
VAL N    N N N 338 
VAL CA   C N S 339 
VAL C    C N N 340 
VAL O    O N N 341 
VAL CB   C N N 342 
VAL CG1  C N N 343 
VAL CG2  C N N 344 
VAL OXT  O N N 345 
VAL H    H N N 346 
VAL H2   H N N 347 
VAL HA   H N N 348 
VAL HB   H N N 349 
VAL HG11 H N N 350 
VAL HG12 H N N 351 
VAL HG13 H N N 352 
VAL HG21 H N N 353 
VAL HG22 H N N 354 
VAL HG23 H N N 355 
VAL HXT  H N N 356 
# 
loop_
_chem_comp_bond.comp_id 
_chem_comp_bond.atom_id_1 
_chem_comp_bond.atom_id_2 
_chem_comp_bond.value_order 
_chem_comp_bond.pdbx_aromatic_flag 
_chem_comp_bond.pdbx_stereo_config 
_chem_comp_bond.pdbx_ordinal 
ALA N   CA   sing N N 1   
ALA N   H    sing N N 2   
ALA N   H2   sing N N 3   
ALA CA  C    sing N N 4   
ALA CA  CB   sing N N 5   
ALA CA  HA   sing N N 6   
ALA C   O    doub N N 7   
ALA C   OXT  sing N N 8   
ALA CB  HB1  sing N N 9   
ALA CB  HB2  sing N N 10  
ALA CB  HB3  sing N N 11  
ALA OXT HXT  sing N N 12  
ARG N   CA   sing N N 13  
ARG N   H    sing N N 14  
ARG N   H2   sing N N 15  
ARG CA  C    sing N N 16  
ARG CA  CB   sing N N 17  
ARG CA  HA   sing N N 18  
ARG C   O    doub N N 19  
ARG C   OXT  sing N N 20  
ARG CB  CG   sing N N 21  
ARG CB  HB2  sing N N 22  
ARG CB  HB3  sing N N 23  
ARG CG  CD   sing N N 24  
ARG CG  HG2  sing N N 25  
ARG CG  HG3  sing N N 26  
ARG CD  NE   sing N N 27  
ARG CD  HD2  sing N N 28  
ARG CD  HD3  sing N N 29  
ARG NE  CZ   sing N N 30  
ARG NE  HE   sing N N 31  
ARG CZ  NH1  sing N N 32  
ARG CZ  NH2  doub N N 33  
ARG NH1 HH11 sing N N 34  
ARG NH1 HH12 sing N N 35  
ARG NH2 HH21 sing N N 36  
ARG NH2 HH22 sing N N 37  
ARG OXT HXT  sing N N 38  
ASN N   CA   sing N N 39  
ASN N   H    sing N N 40  
ASN N   H2   sing N N 41  
ASN CA  C    sing N N 42  
ASN CA  CB   sing N N 43  
ASN CA  HA   sing N N 44  
ASN C   O    doub N N 45  
ASN C   OXT  sing N N 46  
ASN CB  CG   sing N N 47  
ASN CB  HB2  sing N N 48  
ASN CB  HB3  sing N N 49  
ASN CG  OD1  doub N N 50  
ASN CG  ND2  sing N N 51  
ASN ND2 HD21 sing N N 52  
ASN ND2 HD22 sing N N 53  
ASN OXT HXT  sing N N 54  
ASP N   CA   sing N N 55  
ASP N   H    sing N N 56  
ASP N   H2   sing N N 57  
ASP CA  C    sing N N 58  
ASP CA  CB   sing N N 59  
ASP CA  HA   sing N N 60  
ASP C   O    doub N N 61  
ASP C   OXT  sing N N 62  
ASP CB  CG   sing N N 63  
ASP CB  HB2  sing N N 64  
ASP CB  HB3  sing N N 65  
ASP CG  OD1  doub N N 66  
ASP CG  OD2  sing N N 67  
ASP OD2 HD2  sing N N 68  
ASP OXT HXT  sing N N 69  
GLN N   CA   sing N N 70  
GLN N   H    sing N N 71  
GLN N   H2   sing N N 72  
GLN CA  C    sing N N 73  
GLN CA  CB   sing N N 74  
GLN CA  HA   sing N N 75  
GLN C   O    doub N N 76  
GLN C   OXT  sing N N 77  
GLN CB  CG   sing N N 78  
GLN CB  HB2  sing N N 79  
GLN CB  HB3  sing N N 80  
GLN CG  CD   sing N N 81  
GLN CG  HG2  sing N N 82  
GLN CG  HG3  sing N N 83  
GLN CD  OE1  doub N N 84  
GLN CD  NE2  sing N N 85  
GLN NE2 HE21 sing N N 86  
GLN NE2 HE22 sing N N 87  
GLN OXT HXT  sing N N 88  
GLU N   CA   sing N N 89  
GLU N   H    sing N N 90  
GLU N   H2   sing N N 91  
GLU CA  C    sing N N 92  
GLU CA  CB   sing N N 93  
GLU CA  HA   sing N N 94  
GLU C   O    doub N N 95  
GLU C   OXT  sing N N 96  
GLU CB  CG   sing N N 97  
GLU CB  HB2  sing N N 98  
GLU CB  HB3  sing N N 99  
GLU CG  CD   sing N N 100 
GLU CG  HG2  sing N N 101 
GLU CG  HG3  sing N N 102 
GLU CD  OE1  doub N N 103 
GLU CD  OE2  sing N N 104 
GLU OE2 HE2  sing N N 105 
GLU OXT HXT  sing N N 106 
GLY N   CA   sing N N 107 
GLY N   H    sing N N 108 
GLY N   H2   sing N N 109 
GLY CA  C    sing N N 110 
GLY CA  HA2  sing N N 111 
GLY CA  HA3  sing N N 112 
GLY C   O    doub N N 113 
GLY C   OXT  sing N N 114 
GLY OXT HXT  sing N N 115 
HIS N   CA   sing N N 116 
HIS N   H    sing N N 117 
HIS N   H2   sing N N 118 
HIS CA  C    sing N N 119 
HIS CA  CB   sing N N 120 
HIS CA  HA   sing N N 121 
HIS C   O    doub N N 122 
HIS C   OXT  sing N N 123 
HIS CB  CG   sing N N 124 
HIS CB  HB2  sing N N 125 
HIS CB  HB3  sing N N 126 
HIS CG  ND1  sing Y N 127 
HIS CG  CD2  doub Y N 128 
HIS ND1 CE1  doub Y N 129 
HIS ND1 HD1  sing N N 130 
HIS CD2 NE2  sing Y N 131 
HIS CD2 HD2  sing N N 132 
HIS CE1 NE2  sing Y N 133 
HIS CE1 HE1  sing N N 134 
HIS NE2 HE2  sing N N 135 
HIS OXT HXT  sing N N 136 
HOH O   H1   sing N N 137 
HOH O   H2   sing N N 138 
ILE N   CA   sing N N 139 
ILE N   H    sing N N 140 
ILE N   H2   sing N N 141 
ILE CA  C    sing N N 142 
ILE CA  CB   sing N N 143 
ILE CA  HA   sing N N 144 
ILE C   O    doub N N 145 
ILE C   OXT  sing N N 146 
ILE CB  CG1  sing N N 147 
ILE CB  CG2  sing N N 148 
ILE CB  HB   sing N N 149 
ILE CG1 CD1  sing N N 150 
ILE CG1 HG12 sing N N 151 
ILE CG1 HG13 sing N N 152 
ILE CG2 HG21 sing N N 153 
ILE CG2 HG22 sing N N 154 
ILE CG2 HG23 sing N N 155 
ILE CD1 HD11 sing N N 156 
ILE CD1 HD12 sing N N 157 
ILE CD1 HD13 sing N N 158 
ILE OXT HXT  sing N N 159 
LEU N   CA   sing N N 160 
LEU N   H    sing N N 161 
LEU N   H2   sing N N 162 
LEU CA  C    sing N N 163 
LEU CA  CB   sing N N 164 
LEU CA  HA   sing N N 165 
LEU C   O    doub N N 166 
LEU C   OXT  sing N N 167 
LEU CB  CG   sing N N 168 
LEU CB  HB2  sing N N 169 
LEU CB  HB3  sing N N 170 
LEU CG  CD1  sing N N 171 
LEU CG  CD2  sing N N 172 
LEU CG  HG   sing N N 173 
LEU CD1 HD11 sing N N 174 
LEU CD1 HD12 sing N N 175 
LEU CD1 HD13 sing N N 176 
LEU CD2 HD21 sing N N 177 
LEU CD2 HD22 sing N N 178 
LEU CD2 HD23 sing N N 179 
LEU OXT HXT  sing N N 180 
LYS N   CA   sing N N 181 
LYS N   H    sing N N 182 
LYS N   H2   sing N N 183 
LYS CA  C    sing N N 184 
LYS CA  CB   sing N N 185 
LYS CA  HA   sing N N 186 
LYS C   O    doub N N 187 
LYS C   OXT  sing N N 188 
LYS CB  CG   sing N N 189 
LYS CB  HB2  sing N N 190 
LYS CB  HB3  sing N N 191 
LYS CG  CD   sing N N 192 
LYS CG  HG2  sing N N 193 
LYS CG  HG3  sing N N 194 
LYS CD  CE   sing N N 195 
LYS CD  HD2  sing N N 196 
LYS CD  HD3  sing N N 197 
LYS CE  NZ   sing N N 198 
LYS CE  HE2  sing N N 199 
LYS CE  HE3  sing N N 200 
LYS NZ  HZ1  sing N N 201 
LYS NZ  HZ2  sing N N 202 
LYS NZ  HZ3  sing N N 203 
LYS OXT HXT  sing N N 204 
PHE N   CA   sing N N 205 
PHE N   H    sing N N 206 
PHE N   H2   sing N N 207 
PHE CA  C    sing N N 208 
PHE CA  CB   sing N N 209 
PHE CA  HA   sing N N 210 
PHE C   O    doub N N 211 
PHE C   OXT  sing N N 212 
PHE CB  CG   sing N N 213 
PHE CB  HB2  sing N N 214 
PHE CB  HB3  sing N N 215 
PHE CG  CD1  doub Y N 216 
PHE CG  CD2  sing Y N 217 
PHE CD1 CE1  sing Y N 218 
PHE CD1 HD1  sing N N 219 
PHE CD2 CE2  doub Y N 220 
PHE CD2 HD2  sing N N 221 
PHE CE1 CZ   doub Y N 222 
PHE CE1 HE1  sing N N 223 
PHE CE2 CZ   sing Y N 224 
PHE CE2 HE2  sing N N 225 
PHE CZ  HZ   sing N N 226 
PHE OXT HXT  sing N N 227 
PRO N   CA   sing N N 228 
PRO N   CD   sing N N 229 
PRO N   H    sing N N 230 
PRO CA  C    sing N N 231 
PRO CA  CB   sing N N 232 
PRO CA  HA   sing N N 233 
PRO C   O    doub N N 234 
PRO C   OXT  sing N N 235 
PRO CB  CG   sing N N 236 
PRO CB  HB2  sing N N 237 
PRO CB  HB3  sing N N 238 
PRO CG  CD   sing N N 239 
PRO CG  HG2  sing N N 240 
PRO CG  HG3  sing N N 241 
PRO CD  HD2  sing N N 242 
PRO CD  HD3  sing N N 243 
PRO OXT HXT  sing N N 244 
SER N   CA   sing N N 245 
SER N   H    sing N N 246 
SER N   H2   sing N N 247 
SER CA  C    sing N N 248 
SER CA  CB   sing N N 249 
SER CA  HA   sing N N 250 
SER C   O    doub N N 251 
SER C   OXT  sing N N 252 
SER CB  OG   sing N N 253 
SER CB  HB2  sing N N 254 
SER CB  HB3  sing N N 255 
SER OG  HG   sing N N 256 
SER OXT HXT  sing N N 257 
THR N   CA   sing N N 258 
THR N   H    sing N N 259 
THR N   H2   sing N N 260 
THR CA  C    sing N N 261 
THR CA  CB   sing N N 262 
THR CA  HA   sing N N 263 
THR C   O    doub N N 264 
THR C   OXT  sing N N 265 
THR CB  OG1  sing N N 266 
THR CB  CG2  sing N N 267 
THR CB  HB   sing N N 268 
THR OG1 HG1  sing N N 269 
THR CG2 HG21 sing N N 270 
THR CG2 HG22 sing N N 271 
THR CG2 HG23 sing N N 272 
THR OXT HXT  sing N N 273 
TRP N   CA   sing N N 274 
TRP N   H    sing N N 275 
TRP N   H2   sing N N 276 
TRP CA  C    sing N N 277 
TRP CA  CB   sing N N 278 
TRP CA  HA   sing N N 279 
TRP C   O    doub N N 280 
TRP C   OXT  sing N N 281 
TRP CB  CG   sing N N 282 
TRP CB  HB2  sing N N 283 
TRP CB  HB3  sing N N 284 
TRP CG  CD1  doub Y N 285 
TRP CG  CD2  sing Y N 286 
TRP CD1 NE1  sing Y N 287 
TRP CD1 HD1  sing N N 288 
TRP CD2 CE2  doub Y N 289 
TRP CD2 CE3  sing Y N 290 
TRP NE1 CE2  sing Y N 291 
TRP NE1 HE1  sing N N 292 
TRP CE2 CZ2  sing Y N 293 
TRP CE3 CZ3  doub Y N 294 
TRP CE3 HE3  sing N N 295 
TRP CZ2 CH2  doub Y N 296 
TRP CZ2 HZ2  sing N N 297 
TRP CZ3 CH2  sing Y N 298 
TRP CZ3 HZ3  sing N N 299 
TRP CH2 HH2  sing N N 300 
TRP OXT HXT  sing N N 301 
TYR N   CA   sing N N 302 
TYR N   H    sing N N 303 
TYR N   H2   sing N N 304 
TYR CA  C    sing N N 305 
TYR CA  CB   sing N N 306 
TYR CA  HA   sing N N 307 
TYR C   O    doub N N 308 
TYR C   OXT  sing N N 309 
TYR CB  CG   sing N N 310 
TYR CB  HB2  sing N N 311 
TYR CB  HB3  sing N N 312 
TYR CG  CD1  doub Y N 313 
TYR CG  CD2  sing Y N 314 
TYR CD1 CE1  sing Y N 315 
TYR CD1 HD1  sing N N 316 
TYR CD2 CE2  doub Y N 317 
TYR CD2 HD2  sing N N 318 
TYR CE1 CZ   doub Y N 319 
TYR CE1 HE1  sing N N 320 
TYR CE2 CZ   sing Y N 321 
TYR CE2 HE2  sing N N 322 
TYR CZ  OH   sing N N 323 
TYR OH  HH   sing N N 324 
TYR OXT HXT  sing N N 325 
VAL N   CA   sing N N 326 
VAL N   H    sing N N 327 
VAL N   H2   sing N N 328 
VAL CA  C    sing N N 329 
VAL CA  CB   sing N N 330 
VAL CA  HA   sing N N 331 
VAL C   O    doub N N 332 
VAL C   OXT  sing N N 333 
VAL CB  CG1  sing N N 334 
VAL CB  CG2  sing N N 335 
VAL CB  HB   sing N N 336 
VAL CG1 HG11 sing N N 337 
VAL CG1 HG12 sing N N 338 
VAL CG1 HG13 sing N N 339 
VAL CG2 HG21 sing N N 340 
VAL CG2 HG22 sing N N 341 
VAL CG2 HG23 sing N N 342 
VAL OXT HXT  sing N N 343 
# 
_pdbx_entity_nonpoly.entity_id   3 
_pdbx_entity_nonpoly.name        water 
_pdbx_entity_nonpoly.comp_id     HOH 
# 
_pdbx_initial_refinement_model.id               1 
_pdbx_initial_refinement_model.entity_id_list   ? 
_pdbx_initial_refinement_model.type             'experimental model' 
_pdbx_initial_refinement_model.source_name      PDB 
_pdbx_initial_refinement_model.accession_code   2G6F 
_pdbx_initial_refinement_model.details          ? 
# 
